data_1X4H
#
_entry.id   1X4H
#
_entity_poly.entity_id   1
_entity_poly.type   'polypeptide(L)'
_entity_poly.pdbx_seq_one_letter_code
;GSSGSSGLPSDVTEGKTVFIRNLSFDSEEEALGEVLQQFGDLKYVRVVLHPDTEHSKGCAFAQFMTQEAAQKCLAAASLE
AEGGGLKLDGRQLKVDLAVTRDEAASGPSSG
;
_entity_poly.pdbx_strand_id   A
#
# COMPACT_ATOMS: atom_id res chain seq x y z
N GLY A 1 35.83 21.89 -29.56
CA GLY A 1 35.01 20.79 -30.04
C GLY A 1 34.50 19.91 -28.91
N SER A 2 33.30 19.37 -29.09
CA SER A 2 32.69 18.51 -28.07
C SER A 2 31.69 17.54 -28.70
N SER A 3 31.16 16.64 -27.89
CA SER A 3 30.20 15.65 -28.38
C SER A 3 29.46 15.01 -27.21
N GLY A 4 28.13 15.00 -27.30
CA GLY A 4 27.32 14.40 -26.25
C GLY A 4 25.84 14.60 -26.47
N SER A 5 25.21 15.44 -25.65
CA SER A 5 23.79 15.70 -25.76
C SER A 5 22.99 14.41 -25.76
N SER A 6 23.39 13.48 -24.90
CA SER A 6 22.72 12.19 -24.80
C SER A 6 21.60 12.24 -23.76
N GLY A 7 20.74 11.23 -23.77
CA GLY A 7 19.64 11.18 -22.82
C GLY A 7 18.83 9.91 -22.95
N LEU A 8 18.39 9.37 -21.82
CA LEU A 8 17.60 8.14 -21.80
C LEU A 8 16.12 8.45 -21.92
N PRO A 9 15.36 7.51 -22.50
CA PRO A 9 13.92 7.66 -22.69
C PRO A 9 13.16 7.59 -21.37
N SER A 10 12.35 8.61 -21.11
CA SER A 10 11.56 8.66 -19.87
C SER A 10 10.08 8.46 -20.17
N ASP A 11 9.54 7.31 -19.78
CA ASP A 11 8.14 7.00 -20.00
C ASP A 11 7.44 6.69 -18.69
N VAL A 12 6.12 6.57 -18.74
CA VAL A 12 5.33 6.28 -17.55
C VAL A 12 4.91 4.81 -17.51
N THR A 13 5.11 4.16 -16.38
CA THR A 13 4.75 2.76 -16.22
C THR A 13 4.07 2.51 -14.88
N GLU A 14 3.45 1.35 -14.75
CA GLU A 14 2.76 0.99 -13.51
C GLU A 14 3.75 0.51 -12.45
N GLY A 15 4.20 1.44 -11.61
CA GLY A 15 5.16 1.09 -10.56
C GLY A 15 4.78 1.71 -9.23
N LYS A 16 3.51 1.63 -8.87
CA LYS A 16 3.04 2.18 -7.60
C LYS A 16 2.39 1.09 -6.74
N THR A 17 2.96 0.87 -5.56
CA THR A 17 2.44 -0.14 -4.64
C THR A 17 2.48 0.36 -3.20
N VAL A 18 1.72 -0.30 -2.33
CA VAL A 18 1.66 0.08 -0.93
C VAL A 18 1.24 -1.10 -0.06
N PHE A 19 2.10 -1.51 0.85
CA PHE A 19 1.82 -2.63 1.75
C PHE A 19 1.64 -2.14 3.17
N ILE A 20 0.51 -2.51 3.78
CA ILE A 20 0.22 -2.11 5.16
C ILE A 20 0.54 -3.24 6.13
N ARG A 21 1.24 -2.90 7.21
CA ARG A 21 1.60 -3.89 8.22
C ARG A 21 1.00 -3.53 9.58
N ASN A 22 0.86 -4.52 10.44
CA ASN A 22 0.30 -4.32 11.77
C ASN A 22 -1.16 -3.88 11.68
N LEU A 23 -1.90 -4.50 10.75
CA LEU A 23 -3.30 -4.18 10.55
C LEU A 23 -4.15 -4.74 11.70
N SER A 24 -5.25 -4.06 11.99
CA SER A 24 -6.14 -4.49 13.07
C SER A 24 -7.32 -5.28 12.51
N PHE A 25 -7.76 -6.28 13.26
CA PHE A 25 -8.88 -7.12 12.84
C PHE A 25 -10.06 -6.26 12.39
N ASP A 26 -10.19 -5.08 12.97
CA ASP A 26 -11.27 -4.17 12.63
C ASP A 26 -11.10 -3.64 11.21
N SER A 27 -9.84 -3.50 10.78
CA SER A 27 -9.55 -2.99 9.44
C SER A 27 -10.22 -3.84 8.38
N GLU A 28 -10.70 -3.20 7.33
CA GLU A 28 -11.37 -3.90 6.23
C GLU A 28 -11.00 -3.30 4.89
N GLU A 29 -11.00 -4.14 3.85
CA GLU A 29 -10.66 -3.69 2.51
C GLU A 29 -11.33 -2.36 2.19
N GLU A 30 -12.57 -2.20 2.65
CA GLU A 30 -13.32 -0.98 2.41
C GLU A 30 -12.67 0.21 3.12
N ALA A 31 -12.55 0.11 4.44
CA ALA A 31 -11.95 1.17 5.24
C ALA A 31 -10.51 1.43 4.80
N LEU A 32 -9.69 0.38 4.85
CA LEU A 32 -8.29 0.50 4.47
C LEU A 32 -8.13 1.41 3.25
N GLY A 33 -8.79 1.04 2.16
CA GLY A 33 -8.70 1.83 0.94
C GLY A 33 -9.09 3.28 1.17
N GLU A 34 -10.24 3.49 1.82
CA GLU A 34 -10.73 4.84 2.09
C GLU A 34 -9.71 5.63 2.91
N VAL A 35 -8.78 4.91 3.53
CA VAL A 35 -7.74 5.54 4.35
C VAL A 35 -6.55 5.97 3.49
N LEU A 36 -6.30 5.21 2.43
CA LEU A 36 -5.19 5.52 1.53
C LEU A 36 -5.67 6.32 0.33
N GLN A 37 -6.98 6.45 0.20
CA GLN A 37 -7.56 7.19 -0.92
C GLN A 37 -7.37 8.70 -0.73
N GLN A 38 -7.40 9.14 0.52
CA GLN A 38 -7.23 10.55 0.83
C GLN A 38 -6.03 11.12 0.08
N PHE A 39 -4.91 10.40 0.10
CA PHE A 39 -3.70 10.83 -0.57
C PHE A 39 -3.91 10.90 -2.08
N GLY A 40 -4.56 9.88 -2.63
CA GLY A 40 -4.81 9.83 -4.06
C GLY A 40 -5.73 8.68 -4.45
N ASP A 41 -6.09 8.62 -5.73
CA ASP A 41 -6.96 7.57 -6.23
C ASP A 41 -6.28 6.20 -6.11
N LEU A 42 -7.01 5.24 -5.57
CA LEU A 42 -6.49 3.89 -5.39
C LEU A 42 -6.90 2.99 -6.55
N LYS A 43 -5.91 2.35 -7.18
CA LYS A 43 -6.18 1.45 -8.30
C LYS A 43 -6.90 0.18 -7.84
N TYR A 44 -6.36 -0.44 -6.79
CA TYR A 44 -6.95 -1.66 -6.25
C TYR A 44 -6.50 -1.89 -4.81
N VAL A 45 -7.43 -2.27 -3.94
CA VAL A 45 -7.14 -2.53 -2.55
C VAL A 45 -7.55 -3.93 -2.14
N ARG A 46 -6.57 -4.78 -1.85
CA ARG A 46 -6.84 -6.16 -1.44
C ARG A 46 -6.14 -6.48 -0.13
N VAL A 47 -6.86 -7.14 0.77
CA VAL A 47 -6.31 -7.51 2.07
C VAL A 47 -6.15 -9.03 2.18
N VAL A 48 -4.90 -9.48 2.28
CA VAL A 48 -4.61 -10.90 2.40
C VAL A 48 -5.30 -11.50 3.63
N LEU A 49 -5.75 -12.74 3.49
CA LEU A 49 -6.42 -13.43 4.59
C LEU A 49 -5.69 -14.72 4.95
N HIS A 50 -5.93 -15.21 6.17
CA HIS A 50 -5.30 -16.43 6.64
C HIS A 50 -5.58 -17.58 5.68
N PRO A 51 -4.56 -18.43 5.46
CA PRO A 51 -4.68 -19.59 4.57
C PRO A 51 -5.58 -20.67 5.14
N ASP A 52 -5.61 -20.76 6.47
CA ASP A 52 -6.44 -21.76 7.14
C ASP A 52 -7.89 -21.31 7.22
N THR A 53 -8.12 -20.19 7.90
CA THR A 53 -9.47 -19.64 8.04
C THR A 53 -9.58 -18.27 7.40
N GLU A 54 -10.76 -17.66 7.52
CA GLU A 54 -10.99 -16.34 6.94
C GLU A 54 -10.60 -15.24 7.92
N HIS A 55 -9.55 -15.49 8.70
CA HIS A 55 -9.07 -14.52 9.67
C HIS A 55 -8.33 -13.38 8.99
N SER A 56 -8.81 -12.16 9.19
CA SER A 56 -8.20 -10.97 8.59
C SER A 56 -6.76 -10.82 9.05
N LYS A 57 -5.82 -11.23 8.21
CA LYS A 57 -4.40 -11.13 8.52
C LYS A 57 -4.00 -9.69 8.77
N GLY A 58 -2.99 -9.49 9.61
CA GLY A 58 -2.51 -8.16 9.92
C GLY A 58 -1.65 -7.58 8.82
N CYS A 59 -2.10 -7.72 7.57
CA CYS A 59 -1.36 -7.21 6.43
C CYS A 59 -2.25 -7.09 5.20
N ALA A 60 -2.02 -6.06 4.40
CA ALA A 60 -2.81 -5.83 3.20
C ALA A 60 -1.99 -5.15 2.12
N PHE A 61 -2.41 -5.32 0.87
CA PHE A 61 -1.69 -4.72 -0.26
C PHE A 61 -2.63 -3.82 -1.08
N ALA A 62 -2.15 -2.64 -1.42
CA ALA A 62 -2.94 -1.69 -2.20
C ALA A 62 -2.11 -1.09 -3.33
N GLN A 63 -2.78 -0.35 -4.21
CA GLN A 63 -2.10 0.29 -5.33
C GLN A 63 -2.67 1.68 -5.60
N PHE A 64 -1.79 2.62 -5.94
CA PHE A 64 -2.21 3.99 -6.22
C PHE A 64 -2.26 4.24 -7.72
N MET A 65 -2.81 5.39 -8.10
CA MET A 65 -2.93 5.75 -9.51
C MET A 65 -1.72 6.58 -9.96
N THR A 66 -1.00 7.13 -8.99
CA THR A 66 0.18 7.94 -9.28
C THR A 66 1.30 7.65 -8.29
N GLN A 67 2.53 7.60 -8.81
CA GLN A 67 3.70 7.33 -7.97
C GLN A 67 3.73 8.26 -6.76
N GLU A 68 3.54 9.56 -7.02
CA GLU A 68 3.55 10.56 -5.96
C GLU A 68 2.58 10.18 -4.84
N ALA A 69 1.45 9.59 -5.23
CA ALA A 69 0.43 9.18 -4.26
C ALA A 69 1.02 8.22 -3.23
N ALA A 70 1.45 7.05 -3.70
CA ALA A 70 2.03 6.05 -2.81
C ALA A 70 3.07 6.67 -1.87
N GLN A 71 3.93 7.53 -2.43
CA GLN A 71 4.95 8.19 -1.64
C GLN A 71 4.34 9.08 -0.57
N LYS A 72 3.24 9.74 -0.91
CA LYS A 72 2.55 10.63 0.02
C LYS A 72 2.00 9.83 1.20
N CYS A 73 1.68 8.57 0.97
CA CYS A 73 1.14 7.71 2.02
C CYS A 73 2.24 7.31 3.01
N LEU A 74 3.43 7.04 2.49
CA LEU A 74 4.56 6.66 3.33
C LEU A 74 4.89 7.76 4.34
N ALA A 75 5.39 8.88 3.83
CA ALA A 75 5.74 10.01 4.68
C ALA A 75 4.68 10.24 5.75
N ALA A 76 3.46 9.80 5.48
CA ALA A 76 2.36 9.96 6.42
C ALA A 76 2.28 8.78 7.38
N ALA A 77 2.57 7.58 6.86
CA ALA A 77 2.52 6.38 7.67
C ALA A 77 3.73 6.28 8.58
N SER A 78 4.73 7.14 8.35
CA SER A 78 5.93 7.15 9.15
C SER A 78 5.79 8.10 10.33
N LEU A 79 5.44 7.55 11.49
CA LEU A 79 5.26 8.36 12.70
C LEU A 79 6.50 9.21 12.96
N GLU A 80 7.63 8.80 12.40
CA GLU A 80 8.87 9.52 12.58
C GLU A 80 8.85 10.85 11.82
N ALA A 81 8.38 10.79 10.58
CA ALA A 81 8.30 11.99 9.75
C ALA A 81 7.66 13.15 10.51
N GLU A 82 7.69 14.34 9.91
CA GLU A 82 7.11 15.52 10.53
C GLU A 82 5.62 15.35 10.76
N GLY A 83 5.25 15.04 11.99
CA GLY A 83 3.84 14.85 12.33
C GLY A 83 3.16 13.86 11.40
N GLY A 84 3.49 12.58 11.56
CA GLY A 84 2.89 11.55 10.73
C GLY A 84 2.36 10.38 11.53
N GLY A 85 2.62 9.17 11.05
CA GLY A 85 2.15 7.99 11.75
C GLY A 85 0.65 7.81 11.65
N LEU A 86 0.23 6.72 11.02
CA LEU A 86 -1.19 6.43 10.85
C LEU A 86 -1.66 5.38 11.85
N LYS A 87 -2.95 5.38 12.17
CA LYS A 87 -3.53 4.42 13.10
C LYS A 87 -4.95 4.05 12.69
N LEU A 88 -5.28 2.77 12.85
CA LEU A 88 -6.61 2.28 12.49
C LEU A 88 -7.13 1.32 13.55
N ASP A 89 -8.12 1.76 14.31
CA ASP A 89 -8.71 0.94 15.36
C ASP A 89 -7.72 0.73 16.51
N GLY A 90 -7.02 1.79 16.87
CA GLY A 90 -6.05 1.71 17.95
C GLY A 90 -4.85 0.87 17.59
N ARG A 91 -4.50 0.86 16.31
CA ARG A 91 -3.36 0.08 15.83
C ARG A 91 -2.61 0.82 14.75
N GLN A 92 -1.31 1.06 14.98
CA GLN A 92 -0.48 1.77 14.02
C GLN A 92 -0.43 1.03 12.68
N LEU A 93 -0.30 1.78 11.60
CA LEU A 93 -0.24 1.20 10.26
C LEU A 93 1.10 1.50 9.59
N LYS A 94 1.73 0.46 9.07
CA LYS A 94 3.02 0.60 8.40
C LYS A 94 2.87 0.44 6.89
N VAL A 95 2.93 1.57 6.17
CA VAL A 95 2.80 1.55 4.72
C VAL A 95 4.16 1.65 4.05
N ASP A 96 4.48 0.67 3.21
CA ASP A 96 5.75 0.64 2.50
C ASP A 96 5.56 0.23 1.05
N LEU A 97 6.35 0.82 0.16
CA LEU A 97 6.26 0.50 -1.26
C LEU A 97 6.58 -0.96 -1.52
N ALA A 98 5.55 -1.77 -1.70
CA ALA A 98 5.72 -3.19 -1.96
C ALA A 98 5.99 -3.46 -3.43
N VAL A 99 6.16 -4.73 -3.79
CA VAL A 99 6.42 -5.11 -5.17
C VAL A 99 6.13 -6.58 -5.39
N THR A 100 5.52 -6.90 -6.54
CA THR A 100 5.19 -8.28 -6.88
C THR A 100 6.32 -8.95 -7.65
N ARG A 101 7.24 -9.56 -6.92
CA ARG A 101 8.38 -10.24 -7.53
C ARG A 101 8.09 -11.72 -7.73
N ASP A 102 8.69 -12.30 -8.76
CA ASP A 102 8.49 -13.72 -9.05
C ASP A 102 9.83 -14.46 -9.07
N GLU A 103 10.11 -15.17 -7.98
CA GLU A 103 11.35 -15.93 -7.87
C GLU A 103 11.52 -16.88 -9.05
N ALA A 104 12.33 -16.46 -10.03
CA ALA A 104 12.57 -17.27 -11.21
C ALA A 104 13.64 -16.64 -12.09
N ALA A 105 14.68 -17.42 -12.40
CA ALA A 105 15.77 -16.95 -13.24
C ALA A 105 16.64 -18.10 -13.72
N SER A 106 17.36 -17.87 -14.81
CA SER A 106 18.23 -18.90 -15.38
C SER A 106 19.67 -18.72 -14.90
N GLY A 107 20.31 -19.82 -14.55
CA GLY A 107 21.69 -19.77 -14.08
C GLY A 107 22.69 -20.05 -15.18
N PRO A 108 23.84 -19.36 -15.13
CA PRO A 108 24.90 -19.51 -16.12
C PRO A 108 25.60 -20.86 -16.02
N SER A 109 25.80 -21.51 -17.16
CA SER A 109 26.45 -22.82 -17.20
C SER A 109 27.91 -22.71 -16.79
N SER A 110 28.57 -23.85 -16.67
CA SER A 110 29.97 -23.89 -16.27
C SER A 110 30.79 -24.74 -17.24
N GLY A 111 32.11 -24.69 -17.09
CA GLY A 111 32.98 -25.46 -17.96
C GLY A 111 32.55 -26.92 -18.06
N GLY A 1 -15.09 25.76 -21.10
CA GLY A 1 -13.78 25.43 -21.63
C GLY A 1 -12.83 24.92 -20.56
N SER A 2 -11.68 24.42 -20.99
CA SER A 2 -10.68 23.91 -20.06
C SER A 2 -9.61 24.96 -19.77
N SER A 3 -9.82 25.74 -18.71
CA SER A 3 -8.89 26.79 -18.33
C SER A 3 -7.55 26.18 -17.90
N GLY A 4 -7.59 25.32 -16.88
CA GLY A 4 -6.38 24.69 -16.39
C GLY A 4 -6.67 23.48 -15.54
N SER A 5 -6.08 23.44 -14.34
CA SER A 5 -6.27 22.32 -13.44
C SER A 5 -6.41 21.01 -14.21
N SER A 6 -5.56 20.84 -15.22
CA SER A 6 -5.60 19.62 -16.04
C SER A 6 -4.75 18.53 -15.42
N GLY A 7 -3.47 18.83 -15.20
CA GLY A 7 -2.56 17.85 -14.62
C GLY A 7 -1.93 16.95 -15.66
N LEU A 8 -1.13 17.52 -16.54
CA LEU A 8 -0.47 16.76 -17.59
C LEU A 8 0.17 15.49 -17.02
N PRO A 9 0.13 14.41 -17.82
CA PRO A 9 0.71 13.13 -17.42
C PRO A 9 2.23 13.15 -17.36
N SER A 10 2.78 12.96 -16.16
CA SER A 10 4.22 12.98 -15.97
C SER A 10 4.80 11.57 -16.12
N ASP A 11 4.23 10.62 -15.38
CA ASP A 11 4.68 9.24 -15.42
C ASP A 11 3.54 8.31 -15.80
N VAL A 12 3.85 7.29 -16.59
CA VAL A 12 2.85 6.32 -17.04
C VAL A 12 3.15 4.94 -16.49
N THR A 13 4.43 4.55 -16.53
CA THR A 13 4.85 3.25 -16.04
C THR A 13 4.08 2.87 -14.78
N GLU A 14 3.79 1.58 -14.63
CA GLU A 14 3.06 1.08 -13.47
C GLU A 14 4.03 0.62 -12.38
N GLY A 15 4.44 1.57 -11.54
CA GLY A 15 5.36 1.23 -10.46
C GLY A 15 4.94 1.84 -9.14
N LYS A 16 3.65 1.72 -8.82
CA LYS A 16 3.11 2.26 -7.58
C LYS A 16 2.51 1.15 -6.72
N THR A 17 3.07 0.95 -5.53
CA THR A 17 2.59 -0.08 -4.62
C THR A 17 2.59 0.42 -3.18
N VAL A 18 1.85 -0.26 -2.32
CA VAL A 18 1.77 0.10 -0.91
C VAL A 18 1.34 -1.07 -0.05
N PHE A 19 2.21 -1.48 0.87
CA PHE A 19 1.91 -2.61 1.76
C PHE A 19 1.74 -2.13 3.20
N ILE A 20 0.59 -2.44 3.78
CA ILE A 20 0.29 -2.05 5.15
C ILE A 20 0.55 -3.19 6.12
N ARG A 21 1.21 -2.89 7.23
CA ARG A 21 1.52 -3.89 8.24
C ARG A 21 0.92 -3.51 9.59
N ASN A 22 0.57 -4.52 10.38
CA ASN A 22 0.00 -4.29 11.69
C ASN A 22 -1.43 -3.76 11.58
N LEU A 23 -2.24 -4.44 10.78
CA LEU A 23 -3.63 -4.04 10.57
C LEU A 23 -4.49 -4.44 11.77
N SER A 24 -5.69 -3.87 11.84
CA SER A 24 -6.61 -4.17 12.93
C SER A 24 -7.66 -5.19 12.49
N PHE A 25 -8.04 -6.06 13.42
CA PHE A 25 -9.04 -7.09 13.14
C PHE A 25 -10.38 -6.47 12.75
N ASP A 26 -10.53 -5.19 13.05
CA ASP A 26 -11.76 -4.47 12.74
C ASP A 26 -11.69 -3.85 11.35
N SER A 27 -10.47 -3.57 10.90
CA SER A 27 -10.26 -2.95 9.59
C SER A 27 -10.77 -3.86 8.48
N GLU A 28 -11.18 -3.26 7.37
CA GLU A 28 -11.70 -4.02 6.24
C GLU A 28 -11.24 -3.41 4.92
N GLU A 29 -11.03 -4.25 3.92
CA GLU A 29 -10.59 -3.79 2.61
C GLU A 29 -11.18 -2.43 2.28
N GLU A 30 -12.45 -2.25 2.63
CA GLU A 30 -13.14 -0.99 2.38
C GLU A 30 -12.51 0.15 3.18
N ALA A 31 -12.60 0.04 4.51
CA ALA A 31 -12.06 1.06 5.40
C ALA A 31 -10.59 1.33 5.08
N LEU A 32 -9.81 0.26 4.93
CA LEU A 32 -8.39 0.38 4.63
C LEU A 32 -8.16 1.33 3.46
N GLY A 33 -8.83 1.05 2.33
CA GLY A 33 -8.69 1.89 1.16
C GLY A 33 -9.17 3.30 1.40
N GLU A 34 -10.42 3.43 1.84
CA GLU A 34 -11.00 4.74 2.10
C GLU A 34 -10.02 5.64 2.82
N VAL A 35 -9.07 5.03 3.52
CA VAL A 35 -8.05 5.79 4.26
C VAL A 35 -6.96 6.30 3.32
N LEU A 36 -6.31 5.38 2.61
CA LEU A 36 -5.26 5.73 1.68
C LEU A 36 -5.79 6.65 0.58
N GLN A 37 -7.05 6.45 0.21
CA GLN A 37 -7.67 7.26 -0.83
C GLN A 37 -7.57 8.74 -0.51
N GLN A 38 -7.22 9.06 0.73
CA GLN A 38 -7.08 10.44 1.16
C GLN A 38 -5.94 11.13 0.42
N PHE A 39 -4.82 10.44 0.30
CA PHE A 39 -3.65 10.99 -0.38
C PHE A 39 -3.85 10.97 -1.90
N GLY A 40 -4.49 9.90 -2.39
CA GLY A 40 -4.74 9.78 -3.81
C GLY A 40 -5.52 8.53 -4.17
N ASP A 41 -6.23 8.57 -5.28
CA ASP A 41 -7.04 7.44 -5.72
C ASP A 41 -6.28 6.13 -5.50
N LEU A 42 -7.03 5.03 -5.44
CA LEU A 42 -6.44 3.72 -5.24
C LEU A 42 -6.82 2.77 -6.37
N LYS A 43 -5.82 2.36 -7.16
CA LYS A 43 -6.06 1.44 -8.27
C LYS A 43 -6.79 0.19 -7.80
N TYR A 44 -6.28 -0.43 -6.75
CA TYR A 44 -6.88 -1.64 -6.21
C TYR A 44 -6.46 -1.85 -4.75
N VAL A 45 -7.40 -2.31 -3.94
CA VAL A 45 -7.13 -2.56 -2.52
C VAL A 45 -7.52 -3.98 -2.14
N ARG A 46 -6.51 -4.84 -1.95
CA ARG A 46 -6.74 -6.22 -1.57
C ARG A 46 -6.12 -6.53 -0.22
N VAL A 47 -6.85 -7.25 0.62
CA VAL A 47 -6.37 -7.62 1.94
C VAL A 47 -6.24 -9.13 2.09
N VAL A 48 -5.03 -9.60 2.36
CA VAL A 48 -4.79 -11.03 2.53
C VAL A 48 -5.57 -11.59 3.70
N LEU A 49 -6.47 -12.52 3.42
CA LEU A 49 -7.29 -13.14 4.45
C LEU A 49 -7.09 -14.66 4.47
N HIS A 50 -7.48 -15.28 5.58
CA HIS A 50 -7.35 -16.73 5.72
C HIS A 50 -8.09 -17.46 4.60
N PRO A 51 -7.47 -18.53 4.07
CA PRO A 51 -8.06 -19.33 3.00
C PRO A 51 -9.27 -20.13 3.47
N ASP A 52 -9.63 -19.95 4.73
CA ASP A 52 -10.78 -20.66 5.29
C ASP A 52 -11.71 -19.69 6.02
N THR A 53 -11.16 -18.92 6.95
CA THR A 53 -11.94 -17.96 7.72
C THR A 53 -11.86 -16.57 7.10
N GLU A 54 -12.58 -15.62 7.67
CA GLU A 54 -12.59 -14.25 7.18
C GLU A 54 -11.88 -13.31 8.17
N HIS A 55 -10.77 -13.78 8.72
CA HIS A 55 -10.01 -12.99 9.68
C HIS A 55 -8.88 -12.23 8.98
N SER A 56 -8.60 -11.02 9.46
CA SER A 56 -7.55 -10.19 8.88
C SER A 56 -6.18 -10.62 9.38
N LYS A 57 -5.38 -11.19 8.50
CA LYS A 57 -4.04 -11.65 8.85
C LYS A 57 -3.28 -10.55 9.58
N GLY A 58 -3.48 -9.31 9.15
CA GLY A 58 -2.79 -8.18 9.78
C GLY A 58 -2.01 -7.36 8.78
N CYS A 59 -2.29 -7.56 7.49
CA CYS A 59 -1.60 -6.82 6.44
C CYS A 59 -2.43 -6.81 5.16
N ALA A 60 -2.15 -5.85 4.28
CA ALA A 60 -2.86 -5.73 3.02
C ALA A 60 -2.01 -5.01 1.97
N PHE A 61 -2.30 -5.28 0.70
CA PHE A 61 -1.57 -4.66 -0.39
C PHE A 61 -2.47 -3.76 -1.22
N ALA A 62 -1.97 -2.56 -1.52
CA ALA A 62 -2.73 -1.60 -2.30
C ALA A 62 -1.90 -1.02 -3.44
N GLN A 63 -2.55 -0.35 -4.38
CA GLN A 63 -1.87 0.24 -5.51
C GLN A 63 -2.44 1.62 -5.84
N PHE A 64 -1.60 2.65 -5.79
CA PHE A 64 -2.02 4.00 -6.08
C PHE A 64 -2.10 4.24 -7.58
N MET A 65 -2.78 5.32 -7.97
CA MET A 65 -2.93 5.66 -9.38
C MET A 65 -1.72 6.43 -9.88
N THR A 66 -0.94 6.99 -8.96
CA THR A 66 0.24 7.76 -9.30
C THR A 66 1.37 7.50 -8.31
N GLN A 67 2.61 7.59 -8.79
CA GLN A 67 3.77 7.36 -7.96
C GLN A 67 3.80 8.33 -6.79
N GLU A 68 3.53 9.60 -7.07
CA GLU A 68 3.52 10.63 -6.03
C GLU A 68 2.56 10.26 -4.90
N ALA A 69 1.40 9.71 -5.28
CA ALA A 69 0.39 9.32 -4.30
C ALA A 69 0.97 8.33 -3.29
N ALA A 70 1.39 7.16 -3.77
CA ALA A 70 1.95 6.15 -2.90
C ALA A 70 2.94 6.75 -1.91
N GLN A 71 3.85 7.58 -2.42
CA GLN A 71 4.84 8.23 -1.57
C GLN A 71 4.17 9.03 -0.45
N LYS A 72 3.19 9.83 -0.83
CA LYS A 72 2.46 10.66 0.13
C LYS A 72 1.83 9.80 1.22
N CYS A 73 1.64 8.52 0.92
CA CYS A 73 1.04 7.59 1.87
C CYS A 73 2.11 6.99 2.78
N LEU A 74 3.34 6.95 2.28
CA LEU A 74 4.45 6.41 3.06
C LEU A 74 4.93 7.40 4.12
N ALA A 75 5.43 8.55 3.66
CA ALA A 75 5.92 9.57 4.56
C ALA A 75 4.90 9.87 5.66
N ALA A 76 3.62 9.65 5.35
CA ALA A 76 2.55 9.90 6.32
C ALA A 76 2.32 8.67 7.19
N ALA A 77 2.74 7.51 6.70
CA ALA A 77 2.58 6.27 7.45
C ALA A 77 3.72 6.07 8.44
N SER A 78 4.92 6.46 8.04
CA SER A 78 6.09 6.33 8.90
C SER A 78 6.15 7.45 9.94
N LEU A 79 5.88 7.10 11.19
CA LEU A 79 5.91 8.08 12.28
C LEU A 79 7.22 8.84 12.30
N GLU A 80 8.29 8.19 11.84
CA GLU A 80 9.61 8.81 11.80
C GLU A 80 9.68 9.87 10.71
N ALA A 81 9.21 9.53 9.52
CA ALA A 81 9.21 10.46 8.40
C ALA A 81 8.43 11.72 8.73
N GLU A 82 8.32 12.62 7.75
CA GLU A 82 7.60 13.87 7.93
C GLU A 82 6.10 13.62 8.07
N GLY A 83 5.37 14.66 8.47
CA GLY A 83 3.93 14.52 8.64
C GLY A 83 3.56 13.77 9.90
N GLY A 84 3.86 12.47 9.92
CA GLY A 84 3.55 11.66 11.08
C GLY A 84 3.27 10.21 10.70
N GLY A 85 2.35 9.58 11.43
CA GLY A 85 2.02 8.20 11.16
C GLY A 85 0.52 7.97 11.10
N LEU A 86 0.10 7.04 10.23
CA LEU A 86 -1.31 6.73 10.07
C LEU A 86 -1.75 5.66 11.08
N LYS A 87 -3.04 5.70 11.44
CA LYS A 87 -3.58 4.73 12.38
C LYS A 87 -5.04 4.41 12.06
N LEU A 88 -5.35 3.12 11.95
CA LEU A 88 -6.70 2.69 11.64
C LEU A 88 -7.37 2.07 12.87
N ASP A 89 -8.20 2.86 13.53
CA ASP A 89 -8.91 2.39 14.72
C ASP A 89 -7.97 2.33 15.91
N GLY A 90 -7.20 3.39 16.12
CA GLY A 90 -6.27 3.43 17.23
C GLY A 90 -5.14 2.43 17.08
N ARG A 91 -4.98 1.91 15.87
CA ARG A 91 -3.93 0.92 15.59
C ARG A 91 -2.92 1.48 14.60
N GLN A 92 -1.65 1.48 15.00
CA GLN A 92 -0.59 1.99 14.14
C GLN A 92 -0.43 1.13 12.88
N LEU A 93 -0.33 1.78 11.74
CA LEU A 93 -0.18 1.07 10.47
C LEU A 93 1.18 1.36 9.84
N LYS A 94 1.76 0.34 9.21
CA LYS A 94 3.07 0.48 8.56
C LYS A 94 2.94 0.34 7.05
N VAL A 95 2.98 1.46 6.35
CA VAL A 95 2.88 1.46 4.90
C VAL A 95 4.25 1.58 4.25
N ASP A 96 4.54 0.66 3.34
CA ASP A 96 5.82 0.65 2.64
C ASP A 96 5.65 0.25 1.17
N LEU A 97 6.44 0.85 0.30
CA LEU A 97 6.38 0.55 -1.13
C LEU A 97 6.71 -0.91 -1.39
N ALA A 98 5.68 -1.73 -1.58
CA ALA A 98 5.87 -3.14 -1.85
C ALA A 98 6.13 -3.39 -3.34
N VAL A 99 6.33 -4.66 -3.69
CA VAL A 99 6.60 -5.03 -5.08
C VAL A 99 6.36 -6.52 -5.30
N THR A 100 5.75 -6.85 -6.43
CA THR A 100 5.46 -8.24 -6.76
C THR A 100 6.75 -9.05 -6.89
N ARG A 101 7.04 -9.85 -5.86
CA ARG A 101 8.24 -10.66 -5.86
C ARG A 101 7.88 -12.14 -5.67
N ASP A 102 8.63 -13.01 -6.35
CA ASP A 102 8.39 -14.44 -6.26
C ASP A 102 9.48 -15.12 -5.42
N GLU A 103 9.07 -15.69 -4.29
CA GLU A 103 10.01 -16.36 -3.40
C GLU A 103 10.91 -17.31 -4.18
N ALA A 104 12.15 -16.87 -4.43
CA ALA A 104 13.11 -17.67 -5.17
C ALA A 104 14.53 -17.41 -4.67
N ALA A 105 15.35 -18.46 -4.65
CA ALA A 105 16.73 -18.35 -4.21
C ALA A 105 17.65 -19.22 -5.04
N SER A 106 18.95 -18.99 -4.92
CA SER A 106 19.94 -19.76 -5.66
C SER A 106 21.02 -20.30 -4.73
N GLY A 107 21.59 -21.46 -5.10
CA GLY A 107 22.63 -22.06 -4.28
C GLY A 107 23.10 -23.39 -4.85
N PRO A 108 23.79 -24.17 -4.01
CA PRO A 108 24.31 -25.49 -4.40
C PRO A 108 23.20 -26.51 -4.62
N SER A 109 23.00 -26.91 -5.87
CA SER A 109 21.98 -27.88 -6.21
C SER A 109 22.15 -28.40 -7.63
N SER A 110 21.82 -29.68 -7.84
CA SER A 110 21.95 -30.29 -9.16
C SER A 110 21.11 -31.55 -9.25
N GLY A 111 20.42 -31.72 -10.38
CA GLY A 111 19.59 -32.88 -10.58
C GLY A 111 20.39 -34.17 -10.67
N GLY A 1 3.09 31.34 -22.78
CA GLY A 1 3.16 30.06 -22.11
C GLY A 1 4.45 29.32 -22.42
N SER A 2 5.31 29.17 -21.41
CA SER A 2 6.58 28.48 -21.59
C SER A 2 6.69 27.30 -20.64
N SER A 3 6.57 26.09 -21.19
CA SER A 3 6.66 24.87 -20.40
C SER A 3 6.73 23.65 -21.30
N GLY A 4 7.19 22.52 -20.74
CA GLY A 4 7.30 21.30 -21.50
C GLY A 4 8.41 20.40 -21.00
N SER A 5 8.16 19.09 -21.03
CA SER A 5 9.14 18.12 -20.56
C SER A 5 10.25 17.91 -21.60
N SER A 6 11.34 17.29 -21.17
CA SER A 6 12.47 17.04 -22.07
C SER A 6 12.10 16.01 -23.14
N GLY A 7 11.87 14.76 -22.71
CA GLY A 7 11.51 13.71 -23.64
C GLY A 7 11.70 12.33 -23.04
N LEU A 8 10.69 11.86 -22.32
CA LEU A 8 10.74 10.54 -21.70
C LEU A 8 11.05 9.46 -22.73
N PRO A 9 11.70 8.38 -22.28
CA PRO A 9 12.06 7.25 -23.14
C PRO A 9 10.85 6.45 -23.60
N SER A 10 9.96 6.13 -22.65
CA SER A 10 8.77 5.37 -22.97
C SER A 10 7.74 5.49 -21.84
N ASP A 11 6.48 5.73 -22.22
CA ASP A 11 5.41 5.88 -21.25
C ASP A 11 5.15 4.56 -20.52
N VAL A 12 5.33 4.58 -19.20
CA VAL A 12 5.12 3.38 -18.39
C VAL A 12 3.92 3.55 -17.47
N THR A 13 3.83 4.72 -16.84
CA THR A 13 2.73 5.01 -15.93
C THR A 13 2.42 3.81 -15.04
N GLU A 14 3.45 3.27 -14.39
CA GLU A 14 3.29 2.12 -13.52
C GLU A 14 4.46 2.01 -12.54
N GLY A 15 4.30 1.18 -11.52
CA GLY A 15 5.35 0.99 -10.55
C GLY A 15 5.00 1.60 -9.20
N LYS A 16 3.71 1.64 -8.88
CA LYS A 16 3.24 2.20 -7.62
C LYS A 16 2.55 1.13 -6.78
N THR A 17 3.10 0.86 -5.60
CA THR A 17 2.52 -0.13 -4.70
C THR A 17 2.58 0.34 -3.25
N VAL A 18 1.77 -0.28 -2.40
CA VAL A 18 1.72 0.08 -0.99
C VAL A 18 1.29 -1.10 -0.14
N PHE A 19 2.13 -1.49 0.82
CA PHE A 19 1.83 -2.61 1.69
C PHE A 19 1.68 -2.14 3.14
N ILE A 20 0.49 -2.38 3.71
CA ILE A 20 0.22 -1.97 5.08
C ILE A 20 0.47 -3.11 6.05
N ARG A 21 1.11 -2.81 7.17
CA ARG A 21 1.41 -3.81 8.18
C ARG A 21 0.81 -3.43 9.53
N ASN A 22 0.65 -4.42 10.40
CA ASN A 22 0.08 -4.19 11.72
C ASN A 22 -1.37 -3.72 11.62
N LEU A 23 -2.18 -4.49 10.91
CA LEU A 23 -3.59 -4.16 10.72
C LEU A 23 -4.44 -4.76 11.84
N SER A 24 -5.63 -4.20 12.04
CA SER A 24 -6.54 -4.69 13.07
C SER A 24 -7.59 -5.62 12.47
N PHE A 25 -7.79 -6.77 13.11
CA PHE A 25 -8.76 -7.75 12.63
C PHE A 25 -10.03 -7.06 12.14
N ASP A 26 -10.53 -6.12 12.94
CA ASP A 26 -11.73 -5.38 12.59
C ASP A 26 -11.58 -4.72 11.22
N SER A 27 -10.39 -4.20 10.94
CA SER A 27 -10.12 -3.53 9.68
C SER A 27 -10.85 -4.21 8.54
N GLU A 28 -11.23 -3.45 7.52
CA GLU A 28 -11.93 -3.98 6.36
C GLU A 28 -11.39 -3.38 5.07
N GLU A 29 -11.32 -4.20 4.03
CA GLU A 29 -10.81 -3.75 2.72
C GLU A 29 -11.36 -2.37 2.39
N GLU A 30 -12.64 -2.16 2.67
CA GLU A 30 -13.27 -0.87 2.39
C GLU A 30 -12.59 0.25 3.15
N ALA A 31 -12.55 0.13 4.48
CA ALA A 31 -11.92 1.13 5.32
C ALA A 31 -10.46 1.33 4.94
N LEU A 32 -9.68 0.25 5.00
CA LEU A 32 -8.26 0.31 4.66
C LEU A 32 -8.03 1.24 3.47
N GLY A 33 -8.75 0.98 2.38
CA GLY A 33 -8.60 1.79 1.19
C GLY A 33 -9.05 3.23 1.40
N GLU A 34 -10.29 3.39 1.85
CA GLU A 34 -10.85 4.72 2.09
C GLU A 34 -9.86 5.58 2.87
N VAL A 35 -8.91 4.93 3.54
CA VAL A 35 -7.90 5.65 4.32
C VAL A 35 -6.78 6.15 3.42
N LEU A 36 -6.33 5.30 2.51
CA LEU A 36 -5.26 5.66 1.58
C LEU A 36 -5.77 6.59 0.49
N GLN A 37 -6.99 6.34 0.04
CA GLN A 37 -7.59 7.16 -1.02
C GLN A 37 -7.40 8.64 -0.74
N GLN A 38 -7.44 9.00 0.54
CA GLN A 38 -7.27 10.40 0.95
C GLN A 38 -6.03 11.01 0.27
N PHE A 39 -4.99 10.20 0.13
CA PHE A 39 -3.75 10.66 -0.50
C PHE A 39 -3.90 10.71 -2.02
N GLY A 40 -4.49 9.66 -2.59
CA GLY A 40 -4.68 9.61 -4.02
C GLY A 40 -5.57 8.47 -4.45
N ASP A 41 -6.17 8.59 -5.63
CA ASP A 41 -7.05 7.56 -6.15
C ASP A 41 -6.37 6.19 -6.12
N LEU A 42 -7.02 5.24 -5.46
CA LEU A 42 -6.48 3.88 -5.35
C LEU A 42 -6.92 3.02 -6.52
N LYS A 43 -5.95 2.34 -7.14
CA LYS A 43 -6.25 1.47 -8.28
C LYS A 43 -6.94 0.20 -7.83
N TYR A 44 -6.41 -0.42 -6.78
CA TYR A 44 -6.98 -1.66 -6.25
C TYR A 44 -6.58 -1.85 -4.79
N VAL A 45 -7.48 -2.44 -4.02
CA VAL A 45 -7.23 -2.68 -2.60
C VAL A 45 -7.57 -4.13 -2.23
N ARG A 46 -6.57 -4.88 -1.79
CA ARG A 46 -6.76 -6.27 -1.40
C ARG A 46 -6.08 -6.56 -0.06
N VAL A 47 -6.82 -7.21 0.83
CA VAL A 47 -6.28 -7.55 2.14
C VAL A 47 -6.25 -9.06 2.35
N VAL A 48 -5.04 -9.62 2.36
CA VAL A 48 -4.87 -11.05 2.54
C VAL A 48 -5.44 -11.51 3.88
N LEU A 49 -6.38 -12.45 3.82
CA LEU A 49 -7.02 -12.97 5.03
C LEU A 49 -6.41 -14.31 5.43
N HIS A 50 -6.66 -14.73 6.66
CA HIS A 50 -6.15 -16.00 7.17
C HIS A 50 -6.57 -17.16 6.26
N PRO A 51 -5.63 -18.07 5.99
CA PRO A 51 -5.88 -19.24 5.13
C PRO A 51 -6.81 -20.25 5.80
N ASP A 52 -7.31 -19.90 6.97
CA ASP A 52 -8.21 -20.78 7.72
C ASP A 52 -9.46 -20.04 8.15
N THR A 53 -9.28 -18.95 8.89
CA THR A 53 -10.40 -18.15 9.37
C THR A 53 -10.63 -16.94 8.47
N GLU A 54 -11.69 -16.19 8.76
CA GLU A 54 -12.02 -15.01 7.98
C GLU A 54 -11.29 -13.77 8.52
N HIS A 55 -10.86 -13.85 9.77
CA HIS A 55 -10.15 -12.76 10.40
C HIS A 55 -8.96 -12.32 9.56
N SER A 56 -8.63 -11.03 9.65
CA SER A 56 -7.50 -10.48 8.88
C SER A 56 -6.20 -11.16 9.27
N LYS A 57 -5.24 -11.16 8.35
CA LYS A 57 -3.94 -11.78 8.59
C LYS A 57 -3.03 -10.84 9.39
N GLY A 58 -3.10 -9.56 9.07
CA GLY A 58 -2.28 -8.58 9.76
C GLY A 58 -1.65 -7.57 8.82
N CYS A 59 -1.90 -7.73 7.54
CA CYS A 59 -1.36 -6.82 6.53
C CYS A 59 -2.24 -6.80 5.29
N ALA A 60 -1.98 -5.83 4.41
CA ALA A 60 -2.76 -5.69 3.17
C ALA A 60 -1.94 -5.01 2.08
N PHE A 61 -2.34 -5.22 0.84
CA PHE A 61 -1.64 -4.62 -0.29
C PHE A 61 -2.58 -3.73 -1.11
N ALA A 62 -2.08 -2.58 -1.52
CA ALA A 62 -2.86 -1.63 -2.30
C ALA A 62 -2.03 -1.00 -3.41
N GLN A 63 -2.70 -0.26 -4.30
CA GLN A 63 -2.02 0.39 -5.41
C GLN A 63 -2.57 1.79 -5.64
N PHE A 64 -1.71 2.70 -6.09
CA PHE A 64 -2.11 4.08 -6.35
C PHE A 64 -2.14 4.35 -7.85
N MET A 65 -2.65 5.53 -8.21
CA MET A 65 -2.74 5.92 -9.61
C MET A 65 -1.54 6.78 -10.01
N THR A 66 -0.90 7.39 -9.02
CA THR A 66 0.26 8.23 -9.28
C THR A 66 1.39 7.91 -8.30
N GLN A 67 2.59 7.68 -8.84
CA GLN A 67 3.75 7.37 -8.01
C GLN A 67 3.78 8.24 -6.76
N GLU A 68 3.68 9.55 -6.96
CA GLU A 68 3.71 10.49 -5.86
C GLU A 68 2.74 10.07 -4.76
N ALA A 69 1.59 9.54 -5.16
CA ALA A 69 0.58 9.09 -4.22
C ALA A 69 1.17 8.12 -3.19
N ALA A 70 1.61 6.96 -3.68
CA ALA A 70 2.19 5.95 -2.81
C ALA A 70 3.17 6.57 -1.83
N GLN A 71 4.00 7.49 -2.32
CA GLN A 71 4.99 8.15 -1.49
C GLN A 71 4.31 9.02 -0.43
N LYS A 72 3.29 9.75 -0.84
CA LYS A 72 2.55 10.61 0.08
C LYS A 72 1.90 9.80 1.19
N CYS A 73 1.69 8.51 0.94
CA CYS A 73 1.08 7.63 1.92
C CYS A 73 2.11 7.18 2.96
N LEU A 74 3.35 7.02 2.53
CA LEU A 74 4.42 6.59 3.41
C LEU A 74 4.75 7.68 4.44
N ALA A 75 5.26 8.80 3.94
CA ALA A 75 5.61 9.93 4.81
C ALA A 75 4.57 10.11 5.92
N ALA A 76 3.32 9.79 5.60
CA ALA A 76 2.24 9.92 6.57
C ALA A 76 2.14 8.68 7.46
N ALA A 77 2.41 7.52 6.87
CA ALA A 77 2.36 6.27 7.60
C ALA A 77 3.47 6.19 8.65
N SER A 78 4.50 7.01 8.47
CA SER A 78 5.63 7.02 9.38
C SER A 78 5.58 8.26 10.29
N LEU A 79 5.16 8.06 11.53
CA LEU A 79 5.07 9.15 12.49
C LEU A 79 6.41 9.89 12.60
N GLU A 80 7.46 9.26 12.11
CA GLU A 80 8.80 9.85 12.17
C GLU A 80 8.92 10.98 11.15
N ALA A 81 8.30 10.81 10.00
CA ALA A 81 8.34 11.81 8.94
C ALA A 81 7.54 13.05 9.33
N GLU A 82 7.49 14.02 8.43
CA GLU A 82 6.75 15.26 8.68
C GLU A 82 5.36 15.20 8.07
N GLY A 83 4.49 14.40 8.68
CA GLY A 83 3.13 14.26 8.19
C GLY A 83 2.15 13.92 9.29
N GLY A 84 2.19 12.67 9.77
CA GLY A 84 1.29 12.26 10.82
C GLY A 84 0.99 10.77 10.76
N GLY A 85 1.67 10.00 11.62
CA GLY A 85 1.46 8.56 11.64
C GLY A 85 0.00 8.19 11.51
N LEU A 86 -0.27 7.12 10.75
CA LEU A 86 -1.64 6.67 10.54
C LEU A 86 -1.99 5.55 11.52
N LYS A 87 -3.24 5.52 11.95
CA LYS A 87 -3.71 4.49 12.88
C LYS A 87 -5.14 4.06 12.54
N LEU A 88 -5.38 2.76 12.61
CA LEU A 88 -6.71 2.22 12.31
C LEU A 88 -7.26 1.46 13.51
N ASP A 89 -8.16 2.11 14.25
CA ASP A 89 -8.77 1.49 15.43
C ASP A 89 -7.75 1.34 16.56
N GLY A 90 -6.75 2.20 16.56
CA GLY A 90 -5.72 2.14 17.58
C GLY A 90 -4.58 1.23 17.20
N ARG A 91 -4.18 1.28 15.93
CA ARG A 91 -3.09 0.44 15.45
C ARG A 91 -2.31 1.14 14.33
N GLN A 92 -1.02 1.34 14.54
CA GLN A 92 -0.17 2.00 13.56
C GLN A 92 -0.17 1.23 12.25
N LEU A 93 -0.37 1.96 11.14
CA LEU A 93 -0.39 1.35 9.82
C LEU A 93 0.94 1.55 9.11
N LYS A 94 1.76 0.49 9.07
CA LYS A 94 3.05 0.56 8.42
C LYS A 94 2.92 0.36 6.92
N VAL A 95 3.01 1.46 6.16
CA VAL A 95 2.90 1.41 4.71
C VAL A 95 4.29 1.46 4.05
N ASP A 96 4.53 0.52 3.15
CA ASP A 96 5.80 0.45 2.45
C ASP A 96 5.60 0.06 0.98
N LEU A 97 6.40 0.65 0.11
CA LEU A 97 6.32 0.36 -1.32
C LEU A 97 6.60 -1.10 -1.61
N ALA A 98 5.55 -1.88 -1.78
CA ALA A 98 5.68 -3.31 -2.07
C ALA A 98 5.97 -3.54 -3.55
N VAL A 99 6.08 -4.82 -3.93
CA VAL A 99 6.34 -5.18 -5.30
C VAL A 99 5.47 -6.36 -5.74
N THR A 100 4.60 -6.11 -6.70
CA THR A 100 3.71 -7.16 -7.21
C THR A 100 4.47 -8.17 -8.06
N ARG A 101 5.07 -7.69 -9.15
CA ARG A 101 5.84 -8.56 -10.04
C ARG A 101 7.05 -9.14 -9.32
N ASP A 102 6.98 -10.43 -9.01
CA ASP A 102 8.07 -11.11 -8.33
C ASP A 102 8.28 -12.52 -8.91
N GLU A 103 9.53 -12.82 -9.24
CA GLU A 103 9.87 -14.13 -9.81
C GLU A 103 10.53 -15.02 -8.76
N ALA A 104 9.75 -15.42 -7.77
CA ALA A 104 10.25 -16.28 -6.69
C ALA A 104 9.72 -17.71 -6.84
N ALA A 105 10.60 -18.62 -7.25
CA ALA A 105 10.22 -20.01 -7.43
C ALA A 105 10.20 -20.75 -6.09
N SER A 106 9.00 -21.00 -5.58
CA SER A 106 8.85 -21.69 -4.30
C SER A 106 8.14 -23.04 -4.49
N GLY A 107 8.93 -24.10 -4.55
CA GLY A 107 8.38 -25.43 -4.73
C GLY A 107 8.48 -26.28 -3.47
N PRO A 108 9.58 -27.04 -3.37
CA PRO A 108 9.82 -27.92 -2.21
C PRO A 108 10.12 -27.13 -0.94
N SER A 109 9.13 -27.06 -0.05
CA SER A 109 9.29 -26.34 1.21
C SER A 109 9.06 -27.26 2.40
N SER A 110 9.23 -26.73 3.60
CA SER A 110 9.04 -27.50 4.82
C SER A 110 7.59 -27.46 5.29
N GLY A 111 7.06 -26.25 5.44
CA GLY A 111 5.69 -26.09 5.89
C GLY A 111 5.10 -24.75 5.48
N GLY A 1 12.38 -11.54 6.25
CA GLY A 1 12.86 -10.41 7.04
C GLY A 1 13.91 -9.60 6.29
N SER A 2 13.54 -9.12 5.12
CA SER A 2 14.45 -8.32 4.30
C SER A 2 14.18 -6.82 4.48
N SER A 3 15.26 -6.03 4.47
CA SER A 3 15.14 -4.59 4.64
C SER A 3 14.57 -3.94 3.37
N GLY A 4 15.13 -4.31 2.22
CA GLY A 4 14.67 -3.75 0.96
C GLY A 4 14.98 -2.28 0.83
N SER A 5 14.60 -1.68 -0.30
CA SER A 5 14.84 -0.27 -0.54
C SER A 5 13.97 0.24 -1.69
N SER A 6 13.83 1.56 -1.77
CA SER A 6 13.03 2.18 -2.81
C SER A 6 13.82 3.23 -3.58
N GLY A 7 13.59 3.32 -4.88
CA GLY A 7 14.29 4.28 -5.69
C GLY A 7 14.27 3.92 -7.16
N LEU A 8 13.17 3.34 -7.62
CA LEU A 8 13.03 2.94 -9.02
C LEU A 8 12.86 4.16 -9.92
N PRO A 9 13.33 4.05 -11.16
CA PRO A 9 13.24 5.13 -12.15
C PRO A 9 11.81 5.37 -12.61
N SER A 10 11.19 6.41 -12.08
CA SER A 10 9.81 6.74 -12.43
C SER A 10 9.63 6.74 -13.95
N ASP A 11 8.66 5.97 -14.42
CA ASP A 11 8.39 5.89 -15.85
C ASP A 11 6.93 5.50 -16.11
N VAL A 12 6.49 5.66 -17.35
CA VAL A 12 5.11 5.33 -17.71
C VAL A 12 4.69 4.00 -17.13
N THR A 13 5.67 3.13 -16.87
CA THR A 13 5.40 1.82 -16.31
C THR A 13 4.75 1.92 -14.93
N GLU A 14 3.85 0.99 -14.63
CA GLU A 14 3.16 0.98 -13.35
C GLU A 14 4.09 0.56 -12.23
N GLY A 15 4.76 1.54 -11.61
CA GLY A 15 5.68 1.24 -10.53
C GLY A 15 5.24 1.86 -9.21
N LYS A 16 3.96 1.73 -8.90
CA LYS A 16 3.41 2.28 -7.67
C LYS A 16 2.74 1.19 -6.83
N THR A 17 3.25 0.97 -5.63
CA THR A 17 2.70 -0.05 -4.74
C THR A 17 2.68 0.44 -3.30
N VAL A 18 1.89 -0.23 -2.46
CA VAL A 18 1.78 0.14 -1.05
C VAL A 18 1.33 -1.05 -0.22
N PHE A 19 2.18 -1.45 0.73
CA PHE A 19 1.87 -2.57 1.60
C PHE A 19 1.62 -2.11 3.03
N ILE A 20 0.51 -2.54 3.61
CA ILE A 20 0.15 -2.15 4.97
C ILE A 20 0.41 -3.29 5.94
N ARG A 21 1.12 -2.99 7.03
CA ARG A 21 1.44 -3.99 8.04
C ARG A 21 0.87 -3.59 9.40
N ASN A 22 0.63 -4.59 10.24
CA ASN A 22 0.08 -4.34 11.57
C ASN A 22 -1.38 -3.92 11.49
N LEU A 23 -2.14 -4.59 10.64
CA LEU A 23 -3.56 -4.28 10.46
C LEU A 23 -4.38 -4.86 11.59
N SER A 24 -5.50 -4.21 11.91
CA SER A 24 -6.38 -4.65 12.98
C SER A 24 -7.37 -5.69 12.46
N PHE A 25 -7.62 -6.72 13.27
CA PHE A 25 -8.53 -7.78 12.90
C PHE A 25 -9.91 -7.22 12.58
N ASP A 26 -10.13 -5.97 12.95
CA ASP A 26 -11.41 -5.31 12.70
C ASP A 26 -11.38 -4.56 11.37
N SER A 27 -10.19 -4.14 10.95
CA SER A 27 -10.03 -3.40 9.71
C SER A 27 -10.65 -4.17 8.54
N GLU A 28 -11.09 -3.44 7.52
CA GLU A 28 -11.69 -4.05 6.35
C GLU A 28 -11.17 -3.40 5.07
N GLU A 29 -10.98 -4.22 4.03
CA GLU A 29 -10.48 -3.73 2.76
C GLU A 29 -11.05 -2.35 2.45
N GLU A 30 -12.34 -2.16 2.74
CA GLU A 30 -13.00 -0.88 2.49
C GLU A 30 -12.39 0.22 3.36
N ALA A 31 -12.55 0.10 4.66
CA ALA A 31 -12.01 1.08 5.60
C ALA A 31 -10.54 1.35 5.32
N LEU A 32 -9.81 0.32 4.91
CA LEU A 32 -8.39 0.45 4.62
C LEU A 32 -8.18 1.35 3.41
N GLY A 33 -8.85 1.03 2.31
CA GLY A 33 -8.72 1.83 1.10
C GLY A 33 -9.18 3.26 1.29
N GLU A 34 -10.33 3.43 1.93
CA GLU A 34 -10.89 4.75 2.17
C GLU A 34 -9.89 5.63 2.91
N VAL A 35 -8.92 4.99 3.56
CA VAL A 35 -7.90 5.71 4.32
C VAL A 35 -6.78 6.20 3.40
N LEU A 36 -6.33 5.32 2.51
CA LEU A 36 -5.26 5.66 1.57
C LEU A 36 -5.80 6.54 0.44
N GLN A 37 -7.09 6.41 0.16
CA GLN A 37 -7.71 7.20 -0.90
C GLN A 37 -7.54 8.69 -0.65
N GLN A 38 -7.48 9.08 0.61
CA GLN A 38 -7.31 10.48 0.99
C GLN A 38 -6.12 11.10 0.25
N PHE A 39 -5.06 10.31 0.08
CA PHE A 39 -3.87 10.78 -0.61
C PHE A 39 -4.09 10.82 -2.12
N GLY A 40 -4.71 9.77 -2.65
CA GLY A 40 -4.97 9.70 -4.07
C GLY A 40 -5.87 8.54 -4.44
N ASP A 41 -6.34 8.53 -5.69
CA ASP A 41 -7.22 7.47 -6.16
C ASP A 41 -6.52 6.12 -6.13
N LEU A 42 -7.08 5.19 -5.37
CA LEU A 42 -6.50 3.86 -5.24
C LEU A 42 -6.89 2.98 -6.43
N LYS A 43 -5.91 2.42 -7.11
CA LYS A 43 -6.15 1.56 -8.26
C LYS A 43 -6.84 0.27 -7.83
N TYR A 44 -6.31 -0.34 -6.77
CA TYR A 44 -6.88 -1.59 -6.25
C TYR A 44 -6.39 -1.85 -4.83
N VAL A 45 -7.31 -2.29 -3.97
CA VAL A 45 -6.98 -2.58 -2.58
C VAL A 45 -7.39 -4.00 -2.21
N ARG A 46 -6.40 -4.85 -1.95
CA ARG A 46 -6.65 -6.24 -1.59
C ARG A 46 -6.01 -6.57 -0.24
N VAL A 47 -6.74 -7.31 0.59
CA VAL A 47 -6.24 -7.70 1.90
C VAL A 47 -6.13 -9.21 2.01
N VAL A 48 -4.93 -9.69 2.36
CA VAL A 48 -4.68 -11.12 2.51
C VAL A 48 -5.36 -11.66 3.76
N LEU A 49 -6.16 -12.71 3.60
CA LEU A 49 -6.86 -13.32 4.72
C LEU A 49 -6.41 -14.76 4.91
N HIS A 50 -6.72 -15.32 6.08
CA HIS A 50 -6.35 -16.69 6.39
C HIS A 50 -6.93 -17.66 5.36
N PRO A 51 -6.12 -18.64 4.93
CA PRO A 51 -6.54 -19.63 3.96
C PRO A 51 -7.57 -20.61 4.51
N ASP A 52 -8.00 -20.36 5.74
CA ASP A 52 -8.99 -21.22 6.40
C ASP A 52 -10.25 -20.43 6.72
N THR A 53 -10.09 -19.30 7.39
CA THR A 53 -11.23 -18.46 7.76
C THR A 53 -11.08 -17.05 7.19
N GLU A 54 -12.17 -16.30 7.19
CA GLU A 54 -12.16 -14.94 6.67
C GLU A 54 -11.63 -13.97 7.72
N HIS A 55 -10.55 -14.36 8.38
CA HIS A 55 -9.94 -13.51 9.40
C HIS A 55 -8.68 -12.83 8.87
N SER A 56 -8.64 -11.50 9.02
CA SER A 56 -7.49 -10.73 8.54
C SER A 56 -6.19 -11.31 9.07
N LYS A 57 -5.20 -11.45 8.19
CA LYS A 57 -3.90 -11.98 8.57
C LYS A 57 -3.07 -10.94 9.31
N GLY A 58 -3.46 -9.68 9.16
CA GLY A 58 -2.73 -8.60 9.82
C GLY A 58 -1.98 -7.73 8.85
N CYS A 59 -2.33 -7.82 7.57
CA CYS A 59 -1.68 -7.03 6.53
C CYS A 59 -2.54 -6.97 5.28
N ALA A 60 -2.16 -6.09 4.35
CA ALA A 60 -2.89 -5.93 3.09
C ALA A 60 -2.05 -5.19 2.06
N PHE A 61 -2.38 -5.40 0.78
CA PHE A 61 -1.66 -4.76 -0.30
C PHE A 61 -2.59 -3.89 -1.14
N ALA A 62 -2.11 -2.71 -1.52
CA ALA A 62 -2.90 -1.79 -2.32
C ALA A 62 -2.05 -1.13 -3.41
N GLN A 63 -2.69 -0.37 -4.28
CA GLN A 63 -1.99 0.31 -5.36
C GLN A 63 -2.58 1.70 -5.61
N PHE A 64 -1.71 2.65 -5.95
CA PHE A 64 -2.14 4.01 -6.21
C PHE A 64 -2.16 4.30 -7.71
N MET A 65 -2.87 5.36 -8.10
CA MET A 65 -2.96 5.74 -9.50
C MET A 65 -1.73 6.54 -9.93
N THR A 66 -1.07 7.18 -8.97
CA THR A 66 0.12 7.97 -9.25
C THR A 66 1.23 7.66 -8.26
N GLN A 67 2.44 7.44 -8.78
CA GLN A 67 3.59 7.13 -7.94
C GLN A 67 3.73 8.16 -6.81
N GLU A 68 3.43 9.42 -7.12
CA GLU A 68 3.52 10.49 -6.13
C GLU A 68 2.57 10.23 -4.96
N ALA A 69 1.52 9.47 -5.23
CA ALA A 69 0.53 9.16 -4.20
C ALA A 69 1.11 8.18 -3.18
N ALA A 70 1.66 7.07 -3.67
CA ALA A 70 2.24 6.05 -2.80
C ALA A 70 3.26 6.65 -1.85
N GLN A 71 4.06 7.59 -2.37
CA GLN A 71 5.09 8.25 -1.56
C GLN A 71 4.46 9.11 -0.48
N LYS A 72 3.40 9.84 -0.84
CA LYS A 72 2.71 10.69 0.11
C LYS A 72 2.13 9.88 1.26
N CYS A 73 1.78 8.63 0.98
CA CYS A 73 1.21 7.74 1.99
C CYS A 73 2.27 7.34 3.01
N LEU A 74 3.46 7.00 2.52
CA LEU A 74 4.56 6.59 3.39
C LEU A 74 4.87 7.68 4.41
N ALA A 75 5.36 8.81 3.92
CA ALA A 75 5.70 9.93 4.80
C ALA A 75 4.62 10.17 5.84
N ALA A 76 3.37 9.90 5.46
CA ALA A 76 2.25 10.08 6.37
C ALA A 76 2.04 8.86 7.25
N ALA A 77 2.47 7.70 6.75
CA ALA A 77 2.33 6.46 7.50
C ALA A 77 3.35 6.38 8.62
N SER A 78 4.50 7.02 8.42
CA SER A 78 5.56 7.02 9.42
C SER A 78 5.51 8.28 10.27
N LEU A 79 5.28 8.11 11.57
CA LEU A 79 5.20 9.24 12.49
C LEU A 79 6.56 9.92 12.62
N GLU A 80 7.60 9.26 12.13
CA GLU A 80 8.95 9.81 12.19
C GLU A 80 9.30 10.53 10.88
N ALA A 81 8.32 10.65 10.01
CA ALA A 81 8.52 11.32 8.72
C ALA A 81 7.70 12.60 8.62
N GLU A 82 7.89 13.33 7.53
CA GLU A 82 7.17 14.58 7.31
C GLU A 82 5.66 14.34 7.30
N GLY A 83 4.95 15.05 8.17
CA GLY A 83 3.51 14.89 8.24
C GLY A 83 3.05 14.24 9.53
N GLY A 84 3.29 12.93 9.64
CA GLY A 84 2.89 12.20 10.83
C GLY A 84 2.69 10.72 10.57
N GLY A 85 1.95 10.06 11.44
CA GLY A 85 1.69 8.65 11.28
C GLY A 85 0.21 8.32 11.23
N LEU A 86 -0.14 7.27 10.48
CA LEU A 86 -1.53 6.87 10.35
C LEU A 86 -1.88 5.79 11.38
N LYS A 87 -3.15 5.75 11.77
CA LYS A 87 -3.62 4.77 12.75
C LYS A 87 -5.05 4.34 12.45
N LEU A 88 -5.31 3.05 12.58
CA LEU A 88 -6.64 2.51 12.32
C LEU A 88 -7.15 1.72 13.53
N ASP A 89 -8.16 2.26 14.21
CA ASP A 89 -8.74 1.61 15.37
C ASP A 89 -7.70 1.47 16.49
N GLY A 90 -6.87 2.49 16.65
CA GLY A 90 -5.84 2.45 17.68
C GLY A 90 -4.67 1.57 17.30
N ARG A 91 -4.51 1.32 16.00
CA ARG A 91 -3.43 0.48 15.50
C ARG A 91 -2.54 1.25 14.53
N GLN A 92 -1.24 1.20 14.77
CA GLN A 92 -0.29 1.90 13.91
C GLN A 92 -0.12 1.18 12.58
N LEU A 93 -0.53 1.83 11.50
CA LEU A 93 -0.44 1.27 10.16
C LEU A 93 0.95 1.47 9.58
N LYS A 94 1.51 0.42 8.99
CA LYS A 94 2.84 0.48 8.39
C LYS A 94 2.75 0.39 6.87
N VAL A 95 2.89 1.53 6.20
CA VAL A 95 2.83 1.56 4.74
C VAL A 95 4.22 1.59 4.14
N ASP A 96 4.49 0.67 3.21
CA ASP A 96 5.78 0.60 2.56
C ASP A 96 5.64 0.21 1.09
N LEU A 97 6.46 0.79 0.23
CA LEU A 97 6.41 0.50 -1.20
C LEU A 97 6.72 -0.97 -1.46
N ALA A 98 5.67 -1.76 -1.68
CA ALA A 98 5.84 -3.18 -1.95
C ALA A 98 6.09 -3.43 -3.43
N VAL A 99 6.18 -4.70 -3.81
CA VAL A 99 6.43 -5.08 -5.19
C VAL A 99 5.26 -5.87 -5.76
N THR A 100 4.98 -5.67 -7.04
CA THR A 100 3.88 -6.36 -7.71
C THR A 100 4.40 -7.24 -8.85
N ARG A 101 4.01 -8.51 -8.84
CA ARG A 101 4.44 -9.45 -9.86
C ARG A 101 3.33 -9.67 -10.89
N ASP A 102 3.52 -9.12 -12.09
CA ASP A 102 2.54 -9.25 -13.16
C ASP A 102 3.21 -9.70 -14.45
N GLU A 103 2.79 -10.85 -14.97
CA GLU A 103 3.36 -11.38 -16.21
C GLU A 103 2.92 -10.54 -17.41
N ALA A 104 3.64 -9.47 -17.66
CA ALA A 104 3.34 -8.58 -18.78
C ALA A 104 4.56 -7.77 -19.19
N ALA A 105 4.96 -7.94 -20.46
CA ALA A 105 6.13 -7.24 -20.98
C ALA A 105 5.79 -6.55 -22.30
N SER A 106 5.82 -5.22 -22.29
CA SER A 106 5.51 -4.44 -23.50
C SER A 106 6.03 -5.15 -24.75
N GLY A 107 5.11 -5.73 -25.51
CA GLY A 107 5.48 -6.44 -26.72
C GLY A 107 4.60 -6.08 -27.90
N PRO A 108 4.74 -4.85 -28.40
CA PRO A 108 3.96 -4.36 -29.54
C PRO A 108 4.34 -5.04 -30.85
N SER A 109 5.44 -5.81 -30.81
CA SER A 109 5.91 -6.51 -31.99
C SER A 109 5.99 -5.57 -33.19
N SER A 110 6.58 -4.40 -32.98
CA SER A 110 6.73 -3.41 -34.03
C SER A 110 8.15 -3.41 -34.59
N GLY A 111 8.37 -4.21 -35.63
CA GLY A 111 9.69 -4.29 -36.23
C GLY A 111 10.15 -2.96 -36.79
N GLY A 1 -17.86 18.68 -22.12
CA GLY A 1 -16.50 18.45 -21.68
C GLY A 1 -16.12 19.32 -20.50
N SER A 2 -16.48 18.87 -19.30
CA SER A 2 -16.18 19.63 -18.09
C SER A 2 -14.69 19.95 -18.00
N SER A 3 -13.87 18.91 -18.05
CA SER A 3 -12.42 19.08 -17.97
C SER A 3 -11.70 18.00 -18.79
N GLY A 4 -10.97 18.43 -19.81
CA GLY A 4 -10.24 17.50 -20.64
C GLY A 4 -8.76 17.43 -20.30
N SER A 5 -8.19 16.25 -20.42
CA SER A 5 -6.77 16.06 -20.11
C SER A 5 -6.04 15.42 -21.30
N SER A 6 -5.34 16.25 -22.07
CA SER A 6 -4.61 15.77 -23.23
C SER A 6 -3.51 14.79 -22.82
N GLY A 7 -2.76 15.16 -21.79
CA GLY A 7 -1.68 14.31 -21.31
C GLY A 7 -0.32 14.76 -21.78
N LEU A 8 0.36 15.54 -20.96
CA LEU A 8 1.69 16.06 -21.29
C LEU A 8 2.54 14.96 -21.94
N PRO A 9 3.47 15.38 -22.81
CA PRO A 9 4.36 14.45 -23.51
C PRO A 9 5.40 13.83 -22.57
N SER A 10 5.09 12.63 -22.09
CA SER A 10 5.98 11.93 -21.18
C SER A 10 5.68 10.43 -21.17
N ASP A 11 6.57 9.66 -20.57
CA ASP A 11 6.39 8.21 -20.48
C ASP A 11 5.80 7.82 -19.14
N VAL A 12 4.64 7.17 -19.17
CA VAL A 12 3.97 6.74 -17.95
C VAL A 12 4.05 5.23 -17.78
N THR A 13 4.29 4.78 -16.56
CA THR A 13 4.39 3.36 -16.26
C THR A 13 3.61 2.99 -15.01
N GLU A 14 3.49 1.70 -14.74
CA GLU A 14 2.77 1.22 -13.57
C GLU A 14 3.73 0.72 -12.50
N GLY A 15 4.21 1.64 -11.67
CA GLY A 15 5.13 1.28 -10.61
C GLY A 15 4.74 1.87 -9.27
N LYS A 16 3.47 1.73 -8.92
CA LYS A 16 2.96 2.26 -7.66
C LYS A 16 2.37 1.13 -6.80
N THR A 17 2.97 0.92 -5.63
CA THR A 17 2.50 -0.11 -4.72
C THR A 17 2.54 0.36 -3.27
N VAL A 18 1.81 -0.33 -2.40
CA VAL A 18 1.77 0.03 -0.98
C VAL A 18 1.33 -1.16 -0.13
N PHE A 19 2.17 -1.53 0.83
CA PHE A 19 1.87 -2.66 1.71
C PHE A 19 1.70 -2.18 3.15
N ILE A 20 0.53 -2.44 3.72
CA ILE A 20 0.24 -2.04 5.09
C ILE A 20 0.52 -3.18 6.06
N ARG A 21 1.20 -2.86 7.16
CA ARG A 21 1.54 -3.86 8.17
C ARG A 21 0.94 -3.47 9.52
N ASN A 22 0.66 -4.48 10.35
CA ASN A 22 0.08 -4.26 11.66
C ASN A 22 -1.37 -3.82 11.56
N LEU A 23 -2.11 -4.47 10.67
CA LEU A 23 -3.52 -4.14 10.47
C LEU A 23 -4.39 -4.75 11.57
N SER A 24 -5.58 -4.19 11.76
CA SER A 24 -6.49 -4.66 12.78
C SER A 24 -7.54 -5.61 12.19
N PHE A 25 -7.89 -6.64 12.95
CA PHE A 25 -8.88 -7.62 12.49
C PHE A 25 -10.18 -6.93 12.09
N ASP A 26 -10.55 -5.89 12.85
CA ASP A 26 -11.78 -5.15 12.58
C ASP A 26 -11.68 -4.43 11.24
N SER A 27 -10.49 -3.94 10.91
CA SER A 27 -10.28 -3.23 9.65
C SER A 27 -10.85 -4.02 8.47
N GLU A 28 -11.32 -3.29 7.47
CA GLU A 28 -11.90 -3.92 6.28
C GLU A 28 -11.32 -3.31 5.00
N GLU A 29 -11.34 -4.08 3.93
CA GLU A 29 -10.82 -3.62 2.64
C GLU A 29 -11.41 -2.27 2.27
N GLU A 30 -12.69 -2.08 2.57
CA GLU A 30 -13.37 -0.83 2.27
C GLU A 30 -12.76 0.33 3.06
N ALA A 31 -12.65 0.15 4.37
CA ALA A 31 -12.09 1.17 5.24
C ALA A 31 -10.62 1.43 4.91
N LEU A 32 -9.82 0.37 4.93
CA LEU A 32 -8.40 0.48 4.64
C LEU A 32 -8.17 1.36 3.41
N GLY A 33 -8.87 1.06 2.33
CA GLY A 33 -8.73 1.82 1.11
C GLY A 33 -9.16 3.27 1.27
N GLU A 34 -10.37 3.46 1.79
CA GLU A 34 -10.90 4.81 2.00
C GLU A 34 -9.92 5.65 2.81
N VAL A 35 -8.98 4.99 3.46
CA VAL A 35 -7.97 5.68 4.27
C VAL A 35 -6.81 6.17 3.41
N LEU A 36 -6.33 5.28 2.55
CA LEU A 36 -5.21 5.62 1.66
C LEU A 36 -5.66 6.53 0.53
N GLN A 37 -6.93 6.38 0.13
CA GLN A 37 -7.48 7.20 -0.95
C GLN A 37 -7.31 8.69 -0.65
N GLN A 38 -7.31 9.04 0.62
CA GLN A 38 -7.15 10.43 1.03
C GLN A 38 -5.99 11.08 0.30
N PHE A 39 -4.97 10.28 -0.01
CA PHE A 39 -3.79 10.78 -0.71
C PHE A 39 -4.01 10.79 -2.22
N GLY A 40 -4.56 9.70 -2.73
CA GLY A 40 -4.82 9.59 -4.16
C GLY A 40 -5.69 8.41 -4.50
N ASP A 41 -6.25 8.42 -5.72
CA ASP A 41 -7.11 7.34 -6.17
C ASP A 41 -6.41 5.98 -6.02
N LEU A 42 -7.11 5.02 -5.44
CA LEU A 42 -6.56 3.69 -5.24
C LEU A 42 -6.95 2.76 -6.38
N LYS A 43 -5.97 2.35 -7.17
CA LYS A 43 -6.21 1.46 -8.30
C LYS A 43 -6.90 0.18 -7.84
N TYR A 44 -6.40 -0.40 -6.76
CA TYR A 44 -6.96 -1.63 -6.22
C TYR A 44 -6.48 -1.88 -4.79
N VAL A 45 -7.35 -2.45 -3.96
CA VAL A 45 -7.01 -2.73 -2.58
C VAL A 45 -7.41 -4.16 -2.20
N ARG A 46 -6.41 -4.99 -1.90
CA ARG A 46 -6.65 -6.38 -1.52
C ARG A 46 -6.02 -6.69 -0.17
N VAL A 47 -6.80 -7.31 0.72
CA VAL A 47 -6.31 -7.66 2.04
C VAL A 47 -6.31 -9.17 2.24
N VAL A 48 -5.12 -9.75 2.34
CA VAL A 48 -4.99 -11.20 2.53
C VAL A 48 -5.70 -11.65 3.81
N LEU A 49 -6.30 -12.83 3.76
CA LEU A 49 -7.01 -13.38 4.91
C LEU A 49 -6.37 -14.68 5.38
N HIS A 50 -6.62 -15.03 6.63
CA HIS A 50 -6.06 -16.26 7.21
C HIS A 50 -6.59 -17.48 6.49
N PRO A 51 -5.71 -18.48 6.28
CA PRO A 51 -6.07 -19.73 5.60
C PRO A 51 -7.00 -20.59 6.44
N ASP A 52 -6.83 -20.54 7.75
CA ASP A 52 -7.66 -21.32 8.67
C ASP A 52 -9.06 -20.71 8.79
N THR A 53 -9.10 -19.42 9.12
CA THR A 53 -10.37 -18.72 9.26
C THR A 53 -10.39 -17.43 8.45
N GLU A 54 -11.52 -16.74 8.48
CA GLU A 54 -11.67 -15.48 7.74
C GLU A 54 -11.14 -14.30 8.56
N HIS A 55 -10.17 -14.58 9.42
CA HIS A 55 -9.58 -13.53 10.26
C HIS A 55 -8.72 -12.60 9.42
N SER A 56 -9.17 -11.36 9.28
CA SER A 56 -8.43 -10.36 8.50
C SER A 56 -6.98 -10.27 8.97
N LYS A 57 -6.07 -10.79 8.17
CA LYS A 57 -4.65 -10.76 8.51
C LYS A 57 -4.22 -9.35 8.92
N GLY A 58 -3.10 -9.27 9.63
CA GLY A 58 -2.60 -7.98 10.08
C GLY A 58 -1.78 -7.28 9.01
N CYS A 59 -2.14 -7.51 7.76
CA CYS A 59 -1.43 -6.89 6.63
C CYS A 59 -2.29 -6.92 5.37
N ALA A 60 -2.01 -6.01 4.45
CA ALA A 60 -2.74 -5.93 3.20
C ALA A 60 -1.93 -5.21 2.12
N PHE A 61 -2.32 -5.39 0.87
CA PHE A 61 -1.63 -4.77 -0.26
C PHE A 61 -2.57 -3.84 -1.03
N ALA A 62 -2.04 -2.69 -1.44
CA ALA A 62 -2.83 -1.72 -2.19
C ALA A 62 -2.03 -1.15 -3.34
N GLN A 63 -2.71 -0.43 -4.23
CA GLN A 63 -2.06 0.19 -5.38
C GLN A 63 -2.65 1.57 -5.68
N PHE A 64 -1.80 2.58 -5.70
CA PHE A 64 -2.23 3.94 -5.97
C PHE A 64 -2.35 4.19 -7.47
N MET A 65 -2.91 5.34 -7.83
CA MET A 65 -3.08 5.70 -9.24
C MET A 65 -1.96 6.62 -9.71
N THR A 66 -1.09 7.00 -8.78
CA THR A 66 0.03 7.88 -9.10
C THR A 66 1.22 7.62 -8.18
N GLN A 67 2.41 7.57 -8.75
CA GLN A 67 3.62 7.32 -7.97
C GLN A 67 3.69 8.26 -6.78
N GLU A 68 3.44 9.54 -7.01
CA GLU A 68 3.47 10.55 -5.95
C GLU A 68 2.60 10.11 -4.76
N ALA A 69 1.38 9.68 -5.06
CA ALA A 69 0.46 9.23 -4.03
C ALA A 69 1.14 8.27 -3.06
N ALA A 70 1.52 7.10 -3.56
CA ALA A 70 2.18 6.09 -2.74
C ALA A 70 3.19 6.74 -1.80
N GLN A 71 4.07 7.56 -2.35
CA GLN A 71 5.08 8.23 -1.55
C GLN A 71 4.44 9.12 -0.50
N LYS A 72 3.38 9.83 -0.88
CA LYS A 72 2.68 10.72 0.04
C LYS A 72 2.06 9.94 1.20
N CYS A 73 1.80 8.66 0.96
CA CYS A 73 1.21 7.80 1.97
C CYS A 73 2.27 7.35 2.99
N LEU A 74 3.48 7.10 2.49
CA LEU A 74 4.57 6.65 3.34
C LEU A 74 4.91 7.71 4.39
N ALA A 75 5.39 8.87 3.93
CA ALA A 75 5.74 9.96 4.82
C ALA A 75 4.65 10.20 5.86
N ALA A 76 3.43 9.83 5.52
CA ALA A 76 2.30 10.00 6.42
C ALA A 76 2.12 8.77 7.32
N ALA A 77 2.43 7.60 6.78
CA ALA A 77 2.31 6.35 7.52
C ALA A 77 3.49 6.16 8.46
N SER A 78 4.59 6.86 8.18
CA SER A 78 5.79 6.75 9.00
C SER A 78 5.79 7.81 10.10
N LEU A 79 5.37 7.39 11.29
CA LEU A 79 5.32 8.30 12.43
C LEU A 79 6.64 9.05 12.60
N GLU A 80 7.75 8.34 12.40
CA GLU A 80 9.07 8.93 12.53
C GLU A 80 9.17 10.21 11.68
N ALA A 81 8.62 10.16 10.48
CA ALA A 81 8.65 11.30 9.57
C ALA A 81 8.08 12.55 10.25
N GLU A 82 8.64 13.70 9.91
CA GLU A 82 8.19 14.97 10.48
C GLU A 82 6.72 15.20 10.18
N GLY A 83 5.89 15.19 11.22
CA GLY A 83 4.47 15.40 11.04
C GLY A 83 3.63 14.49 11.93
N GLY A 84 3.26 13.33 11.40
CA GLY A 84 2.45 12.40 12.16
C GLY A 84 2.36 11.04 11.49
N GLY A 85 1.74 10.09 12.18
CA GLY A 85 1.60 8.75 11.63
C GLY A 85 0.15 8.32 11.55
N LEU A 86 -0.12 7.36 10.66
CA LEU A 86 -1.48 6.86 10.47
C LEU A 86 -1.79 5.75 11.47
N LYS A 87 -3.05 5.70 11.91
CA LYS A 87 -3.47 4.68 12.87
C LYS A 87 -4.93 4.29 12.62
N LEU A 88 -5.18 2.98 12.63
CA LEU A 88 -6.54 2.47 12.41
C LEU A 88 -7.01 1.65 13.61
N ASP A 89 -7.96 2.20 14.35
CA ASP A 89 -8.50 1.51 15.52
C ASP A 89 -7.42 1.29 16.57
N GLY A 90 -6.54 2.27 16.74
CA GLY A 90 -5.47 2.16 17.71
C GLY A 90 -4.36 1.24 17.24
N ARG A 91 -4.18 1.15 15.92
CA ARG A 91 -3.15 0.29 15.35
C ARG A 91 -2.26 1.08 14.39
N GLN A 92 -0.96 1.04 14.65
CA GLN A 92 0.01 1.76 13.81
C GLN A 92 0.14 1.08 12.45
N LEU A 93 -0.42 1.72 11.43
CA LEU A 93 -0.35 1.18 10.07
C LEU A 93 1.00 1.47 9.43
N LYS A 94 1.68 0.42 8.98
CA LYS A 94 2.98 0.57 8.34
C LYS A 94 2.87 0.37 6.84
N VAL A 95 2.89 1.47 6.10
CA VAL A 95 2.80 1.43 4.64
C VAL A 95 4.18 1.50 4.00
N ASP A 96 4.48 0.54 3.15
CA ASP A 96 5.77 0.49 2.46
C ASP A 96 5.60 0.11 1.00
N LEU A 97 6.39 0.72 0.13
CA LEU A 97 6.34 0.44 -1.30
C LEU A 97 6.66 -1.02 -1.60
N ALA A 98 5.62 -1.82 -1.79
CA ALA A 98 5.80 -3.24 -2.09
C ALA A 98 5.98 -3.47 -3.58
N VAL A 99 6.07 -4.74 -3.96
CA VAL A 99 6.24 -5.10 -5.37
C VAL A 99 5.51 -6.39 -5.71
N THR A 100 4.91 -6.44 -6.89
CA THR A 100 4.18 -7.62 -7.32
C THR A 100 5.12 -8.66 -7.91
N ARG A 101 5.17 -9.83 -7.28
CA ARG A 101 6.03 -10.91 -7.75
C ARG A 101 5.55 -12.25 -7.21
N ASP A 102 5.67 -13.29 -8.02
CA ASP A 102 5.25 -14.63 -7.63
C ASP A 102 5.66 -14.93 -6.19
N GLU A 103 4.68 -15.32 -5.38
CA GLU A 103 4.94 -15.64 -3.98
C GLU A 103 4.46 -17.04 -3.63
N ALA A 104 4.71 -17.99 -4.54
CA ALA A 104 4.30 -19.37 -4.32
C ALA A 104 5.15 -20.04 -3.26
N ALA A 105 4.67 -20.03 -2.02
CA ALA A 105 5.39 -20.64 -0.92
C ALA A 105 4.46 -21.47 -0.04
N SER A 106 4.94 -22.62 0.42
CA SER A 106 4.15 -23.50 1.27
C SER A 106 4.74 -23.59 2.66
N GLY A 107 3.95 -24.09 3.61
CA GLY A 107 4.42 -24.21 4.98
C GLY A 107 3.33 -24.70 5.92
N PRO A 108 3.12 -26.03 5.96
CA PRO A 108 2.12 -26.65 6.82
C PRO A 108 2.47 -26.56 8.30
N SER A 109 1.50 -26.13 9.11
CA SER A 109 1.72 -25.99 10.54
C SER A 109 0.45 -26.32 11.31
N SER A 110 0.60 -27.01 12.44
CA SER A 110 -0.54 -27.40 13.27
C SER A 110 -0.18 -27.27 14.75
N GLY A 111 -1.22 -27.12 15.58
CA GLY A 111 -1.00 -26.99 17.01
C GLY A 111 0.26 -26.23 17.34
N GLY A 1 28.27 18.64 -6.17
CA GLY A 1 26.83 18.57 -6.38
C GLY A 1 26.29 17.18 -6.13
N SER A 2 25.76 16.55 -7.18
CA SER A 2 25.20 15.21 -7.06
C SER A 2 25.34 14.44 -8.38
N SER A 3 25.23 13.12 -8.30
CA SER A 3 25.36 12.28 -9.48
C SER A 3 24.18 12.50 -10.43
N GLY A 4 24.44 12.32 -11.72
CA GLY A 4 23.39 12.52 -12.72
C GLY A 4 22.66 13.83 -12.54
N SER A 5 23.30 14.92 -12.92
CA SER A 5 22.69 16.24 -12.79
C SER A 5 21.31 16.28 -13.44
N SER A 6 21.23 15.80 -14.67
CA SER A 6 19.97 15.77 -15.41
C SER A 6 18.92 14.99 -14.64
N GLY A 7 19.25 13.76 -14.28
CA GLY A 7 18.32 12.92 -13.55
C GLY A 7 17.45 12.07 -14.46
N LEU A 8 17.07 10.89 -13.98
CA LEU A 8 16.24 9.98 -14.75
C LEU A 8 15.03 10.71 -15.34
N PRO A 9 14.64 10.31 -16.56
CA PRO A 9 13.49 10.92 -17.25
C PRO A 9 12.17 10.55 -16.60
N SER A 10 11.32 11.55 -16.37
CA SER A 10 10.02 11.34 -15.75
C SER A 10 9.00 10.87 -16.79
N ASP A 11 8.27 9.82 -16.45
CA ASP A 11 7.26 9.27 -17.35
C ASP A 11 6.25 8.41 -16.58
N VAL A 12 5.10 8.16 -17.20
CA VAL A 12 4.06 7.35 -16.57
C VAL A 12 4.43 5.87 -16.57
N THR A 13 4.54 5.30 -15.38
CA THR A 13 4.88 3.89 -15.24
C THR A 13 4.07 3.24 -14.13
N GLU A 14 3.63 2.00 -14.37
CA GLU A 14 2.85 1.27 -13.39
C GLU A 14 3.74 0.72 -12.28
N GLY A 15 4.55 1.59 -11.69
CA GLY A 15 5.45 1.18 -10.63
C GLY A 15 5.07 1.78 -9.29
N LYS A 16 3.79 1.70 -8.94
CA LYS A 16 3.30 2.25 -7.67
C LYS A 16 2.64 1.17 -6.83
N THR A 17 3.19 0.92 -5.65
CA THR A 17 2.65 -0.09 -4.74
C THR A 17 2.68 0.39 -3.30
N VAL A 18 1.89 -0.26 -2.45
CA VAL A 18 1.84 0.10 -1.04
C VAL A 18 1.37 -1.09 -0.19
N PHE A 19 2.23 -1.51 0.73
CA PHE A 19 1.91 -2.64 1.61
C PHE A 19 1.76 -2.18 3.05
N ILE A 20 0.60 -2.45 3.64
CA ILE A 20 0.33 -2.06 5.02
C ILE A 20 0.64 -3.21 5.98
N ARG A 21 1.19 -2.87 7.14
CA ARG A 21 1.53 -3.87 8.15
C ARG A 21 0.95 -3.49 9.51
N ASN A 22 0.75 -4.49 10.36
CA ASN A 22 0.19 -4.27 11.68
C ASN A 22 -1.25 -3.78 11.60
N LEU A 23 -2.04 -4.43 10.76
CA LEU A 23 -3.44 -4.07 10.58
C LEU A 23 -4.29 -4.59 11.73
N SER A 24 -5.44 -3.96 11.94
CA SER A 24 -6.35 -4.36 13.01
C SER A 24 -7.51 -5.18 12.47
N PHE A 25 -7.92 -6.19 13.23
CA PHE A 25 -9.02 -7.06 12.82
C PHE A 25 -10.22 -6.24 12.38
N ASP A 26 -10.46 -5.13 13.07
CA ASP A 26 -11.58 -4.26 12.75
C ASP A 26 -11.46 -3.70 11.35
N SER A 27 -10.21 -3.52 10.89
CA SER A 27 -9.95 -2.99 9.57
C SER A 27 -10.67 -3.81 8.50
N GLU A 28 -10.94 -3.19 7.36
CA GLU A 28 -11.63 -3.86 6.26
C GLU A 28 -11.28 -3.21 4.92
N GLU A 29 -11.09 -4.03 3.90
CA GLU A 29 -10.76 -3.54 2.57
C GLU A 29 -11.45 -2.21 2.30
N GLU A 30 -12.72 -2.11 2.70
CA GLU A 30 -13.50 -0.90 2.49
C GLU A 30 -12.88 0.27 3.26
N ALA A 31 -12.72 0.09 4.56
CA ALA A 31 -12.15 1.13 5.41
C ALA A 31 -10.69 1.38 5.07
N LEU A 32 -9.88 0.32 5.13
CA LEU A 32 -8.46 0.42 4.82
C LEU A 32 -8.23 1.27 3.58
N GLY A 33 -8.93 0.95 2.50
CA GLY A 33 -8.78 1.69 1.27
C GLY A 33 -9.22 3.14 1.42
N GLU A 34 -10.47 3.35 1.83
CA GLU A 34 -11.00 4.69 2.01
C GLU A 34 -10.00 5.59 2.73
N VAL A 35 -9.09 4.96 3.47
CA VAL A 35 -8.07 5.70 4.22
C VAL A 35 -6.97 6.18 3.30
N LEU A 36 -6.42 5.27 2.50
CA LEU A 36 -5.35 5.61 1.56
C LEU A 36 -5.87 6.50 0.45
N GLN A 37 -7.12 6.28 0.05
CA GLN A 37 -7.74 7.06 -1.02
C GLN A 37 -7.55 8.56 -0.77
N GLN A 38 -7.46 8.93 0.50
CA GLN A 38 -7.29 10.34 0.87
C GLN A 38 -6.13 10.96 0.11
N PHE A 39 -5.00 10.26 0.08
CA PHE A 39 -3.81 10.73 -0.61
C PHE A 39 -4.05 10.79 -2.12
N GLY A 40 -4.52 9.68 -2.67
CA GLY A 40 -4.79 9.62 -4.11
C GLY A 40 -5.69 8.46 -4.47
N ASP A 41 -6.09 8.42 -5.74
CA ASP A 41 -6.96 7.35 -6.22
C ASP A 41 -6.28 5.99 -6.10
N LEU A 42 -7.01 5.02 -5.57
CA LEU A 42 -6.47 3.66 -5.39
C LEU A 42 -6.89 2.76 -6.55
N LYS A 43 -5.90 2.20 -7.23
CA LYS A 43 -6.17 1.30 -8.35
C LYS A 43 -6.86 0.03 -7.89
N TYR A 44 -6.35 -0.57 -6.81
CA TYR A 44 -6.92 -1.79 -6.27
C TYR A 44 -6.46 -2.01 -4.83
N VAL A 45 -7.41 -2.32 -3.96
CA VAL A 45 -7.11 -2.55 -2.54
C VAL A 45 -7.54 -3.94 -2.12
N ARG A 46 -6.56 -4.81 -1.87
CA ARG A 46 -6.83 -6.19 -1.46
C ARG A 46 -6.18 -6.48 -0.11
N VAL A 47 -6.93 -7.13 0.77
CA VAL A 47 -6.43 -7.48 2.09
C VAL A 47 -6.38 -8.99 2.29
N VAL A 48 -5.18 -9.54 2.43
CA VAL A 48 -5.01 -10.97 2.63
C VAL A 48 -5.71 -11.44 3.89
N LEU A 49 -6.49 -12.52 3.76
CA LEU A 49 -7.22 -13.07 4.90
C LEU A 49 -6.93 -14.57 5.04
N HIS A 50 -7.27 -15.10 6.21
CA HIS A 50 -7.06 -16.52 6.49
C HIS A 50 -7.79 -17.39 5.47
N PRO A 51 -7.09 -18.41 4.95
CA PRO A 51 -7.67 -19.34 3.96
C PRO A 51 -8.73 -20.25 4.56
N ASP A 52 -9.02 -20.03 5.84
CA ASP A 52 -10.04 -20.83 6.54
C ASP A 52 -11.17 -19.95 7.04
N THR A 53 -10.82 -18.82 7.64
CA THR A 53 -11.81 -17.89 8.17
C THR A 53 -11.59 -16.48 7.62
N GLU A 54 -12.51 -15.58 7.95
CA GLU A 54 -12.42 -14.19 7.48
C GLU A 54 -11.66 -13.33 8.48
N HIS A 55 -10.55 -13.86 8.99
CA HIS A 55 -9.74 -13.14 9.96
C HIS A 55 -8.60 -12.39 9.26
N SER A 56 -8.47 -11.10 9.56
CA SER A 56 -7.43 -10.28 8.96
C SER A 56 -6.05 -10.73 9.40
N LYS A 57 -5.31 -11.34 8.47
CA LYS A 57 -3.96 -11.82 8.76
C LYS A 57 -3.15 -10.77 9.53
N GLY A 58 -3.31 -9.50 9.13
CA GLY A 58 -2.60 -8.43 9.78
C GLY A 58 -1.86 -7.55 8.80
N CYS A 59 -2.19 -7.68 7.52
CA CYS A 59 -1.55 -6.89 6.48
C CYS A 59 -2.42 -6.84 5.22
N ALA A 60 -2.07 -5.94 4.31
CA ALA A 60 -2.82 -5.79 3.06
C ALA A 60 -1.97 -5.10 2.00
N PHE A 61 -2.32 -5.31 0.74
CA PHE A 61 -1.60 -4.71 -0.38
C PHE A 61 -2.53 -3.83 -1.21
N ALA A 62 -2.05 -2.64 -1.55
CA ALA A 62 -2.82 -1.71 -2.36
C ALA A 62 -1.97 -1.08 -3.46
N GLN A 63 -2.62 -0.41 -4.39
CA GLN A 63 -1.92 0.24 -5.50
C GLN A 63 -2.51 1.61 -5.80
N PHE A 64 -1.64 2.59 -6.01
CA PHE A 64 -2.07 3.95 -6.30
C PHE A 64 -2.09 4.21 -7.80
N MET A 65 -2.67 5.34 -8.20
CA MET A 65 -2.76 5.70 -9.60
C MET A 65 -1.58 6.58 -10.01
N THR A 66 -0.87 7.12 -9.02
CA THR A 66 0.28 7.98 -9.28
C THR A 66 1.40 7.70 -8.29
N GLN A 67 2.63 7.69 -8.79
CA GLN A 67 3.80 7.44 -7.96
C GLN A 67 3.82 8.38 -6.76
N GLU A 68 3.58 9.66 -7.02
CA GLU A 68 3.57 10.66 -5.95
C GLU A 68 2.66 10.23 -4.81
N ALA A 69 1.55 9.59 -5.16
CA ALA A 69 0.59 9.13 -4.16
C ALA A 69 1.24 8.16 -3.17
N ALA A 70 1.66 7.00 -3.68
CA ALA A 70 2.30 5.99 -2.85
C ALA A 70 3.30 6.63 -1.89
N GLN A 71 4.10 7.56 -2.40
CA GLN A 71 5.10 8.24 -1.57
C GLN A 71 4.43 9.11 -0.52
N LYS A 72 3.35 9.80 -0.90
CA LYS A 72 2.63 10.66 0.02
C LYS A 72 1.98 9.84 1.14
N CYS A 73 1.73 8.57 0.86
CA CYS A 73 1.12 7.68 1.84
C CYS A 73 2.14 7.22 2.88
N LEU A 74 3.38 7.03 2.42
CA LEU A 74 4.46 6.59 3.32
C LEU A 74 4.79 7.68 4.33
N ALA A 75 5.27 8.81 3.85
CA ALA A 75 5.63 9.92 4.72
C ALA A 75 4.56 10.15 5.78
N ALA A 76 3.33 9.78 5.47
CA ALA A 76 2.22 9.94 6.40
C ALA A 76 2.09 8.73 7.31
N ALA A 77 2.47 7.56 6.80
CA ALA A 77 2.39 6.33 7.58
C ALA A 77 3.51 6.26 8.61
N SER A 78 4.70 6.73 8.22
CA SER A 78 5.86 6.71 9.11
C SER A 78 5.64 7.64 10.30
N LEU A 79 5.63 7.08 11.49
CA LEU A 79 5.43 7.86 12.71
C LEU A 79 6.62 8.78 12.97
N GLU A 80 7.74 8.49 12.30
CA GLU A 80 8.94 9.29 12.46
C GLU A 80 8.99 10.41 11.42
N ALA A 81 8.46 10.13 10.23
CA ALA A 81 8.45 11.11 9.16
C ALA A 81 7.49 12.26 9.48
N GLU A 82 7.87 13.47 9.09
CA GLU A 82 7.04 14.64 9.33
C GLU A 82 5.59 14.37 9.00
N GLY A 83 4.68 14.90 9.81
CA GLY A 83 3.27 14.69 9.58
C GLY A 83 2.60 13.93 10.71
N GLY A 84 2.99 12.68 10.89
CA GLY A 84 2.41 11.86 11.94
C GLY A 84 1.94 10.52 11.44
N GLY A 85 2.39 9.45 12.08
CA GLY A 85 1.99 8.11 11.68
C GLY A 85 0.48 7.93 11.67
N LEU A 86 0.01 7.00 10.85
CA LEU A 86 -1.43 6.73 10.75
C LEU A 86 -1.83 5.59 11.69
N LYS A 87 -3.08 5.63 12.14
CA LYS A 87 -3.59 4.59 13.04
C LYS A 87 -5.02 4.21 12.66
N LEU A 88 -5.30 2.91 12.68
CA LEU A 88 -6.62 2.41 12.34
C LEU A 88 -7.20 1.57 13.47
N ASP A 89 -8.29 2.05 14.05
CA ASP A 89 -8.94 1.34 15.15
C ASP A 89 -8.01 1.23 16.36
N GLY A 90 -7.16 2.23 16.53
CA GLY A 90 -6.22 2.22 17.64
C GLY A 90 -5.05 1.29 17.41
N ARG A 91 -4.55 1.28 16.18
CA ARG A 91 -3.41 0.43 15.82
C ARG A 91 -2.55 1.09 14.75
N GLN A 92 -1.28 1.27 15.07
CA GLN A 92 -0.34 1.89 14.13
C GLN A 92 -0.30 1.13 12.82
N LEU A 93 -0.13 1.86 11.72
CA LEU A 93 -0.07 1.25 10.39
C LEU A 93 1.29 1.49 9.74
N LYS A 94 1.83 0.45 9.12
CA LYS A 94 3.13 0.55 8.45
C LYS A 94 2.98 0.35 6.95
N VAL A 95 3.12 1.44 6.20
CA VAL A 95 3.00 1.38 4.75
C VAL A 95 4.37 1.46 4.08
N ASP A 96 4.65 0.53 3.18
CA ASP A 96 5.92 0.51 2.47
C ASP A 96 5.72 0.10 1.01
N LEU A 97 6.53 0.69 0.14
CA LEU A 97 6.45 0.40 -1.29
C LEU A 97 6.73 -1.07 -1.57
N ALA A 98 5.67 -1.85 -1.76
CA ALA A 98 5.82 -3.27 -2.04
C ALA A 98 6.02 -3.52 -3.53
N VAL A 99 6.06 -4.80 -3.91
CA VAL A 99 6.25 -5.17 -5.30
C VAL A 99 5.62 -6.53 -5.61
N THR A 100 4.77 -6.56 -6.63
CA THR A 100 4.10 -7.79 -7.02
C THR A 100 4.77 -8.42 -8.24
N ARG A 101 5.74 -9.29 -7.99
CA ARG A 101 6.46 -9.96 -9.06
C ARG A 101 6.82 -11.39 -8.67
N ASP A 102 6.43 -12.35 -9.50
CA ASP A 102 6.72 -13.76 -9.24
C ASP A 102 8.21 -14.04 -9.37
N GLU A 103 8.76 -14.78 -8.42
CA GLU A 103 10.17 -15.11 -8.42
C GLU A 103 10.38 -16.60 -8.70
N ALA A 104 9.68 -17.11 -9.71
CA ALA A 104 9.78 -18.51 -10.08
C ALA A 104 10.30 -18.67 -11.50
N ALA A 105 11.27 -17.83 -11.87
CA ALA A 105 11.85 -17.88 -13.20
C ALA A 105 12.29 -19.30 -13.56
N SER A 106 13.14 -19.88 -12.71
CA SER A 106 13.63 -21.24 -12.94
C SER A 106 12.50 -22.25 -12.85
N GLY A 107 11.78 -22.43 -13.96
CA GLY A 107 10.68 -23.37 -13.99
C GLY A 107 11.09 -24.75 -13.51
N PRO A 108 11.66 -25.55 -14.43
CA PRO A 108 12.10 -26.91 -14.13
C PRO A 108 13.32 -26.93 -13.21
N SER A 109 13.14 -27.46 -12.00
CA SER A 109 14.23 -27.53 -11.03
C SER A 109 14.82 -28.94 -10.99
N SER A 110 16.13 -29.02 -11.25
CA SER A 110 16.81 -30.31 -11.25
C SER A 110 16.88 -30.88 -9.84
N GLY A 111 17.31 -32.14 -9.73
CA GLY A 111 17.42 -32.79 -8.45
C GLY A 111 16.66 -34.10 -8.40
N GLY A 1 12.02 12.29 8.37
CA GLY A 1 11.11 12.94 7.46
C GLY A 1 11.79 13.41 6.19
N SER A 2 12.06 12.48 5.28
CA SER A 2 12.71 12.81 4.02
C SER A 2 12.59 11.66 3.02
N SER A 3 13.04 11.89 1.79
CA SER A 3 12.98 10.87 0.76
C SER A 3 14.32 10.77 0.03
N GLY A 4 14.87 11.91 -0.36
CA GLY A 4 16.13 11.94 -1.07
C GLY A 4 15.99 11.62 -2.55
N SER A 5 15.72 12.65 -3.34
CA SER A 5 15.54 12.48 -4.78
C SER A 5 15.62 13.81 -5.50
N SER A 6 15.93 13.76 -6.80
CA SER A 6 16.05 14.98 -7.60
C SER A 6 14.94 15.03 -8.65
N GLY A 7 13.82 15.65 -8.28
CA GLY A 7 12.71 15.77 -9.21
C GLY A 7 12.08 14.43 -9.53
N LEU A 8 10.93 14.45 -10.19
CA LEU A 8 10.22 13.23 -10.56
C LEU A 8 10.41 12.92 -12.04
N PRO A 9 10.49 11.62 -12.37
CA PRO A 9 10.67 11.17 -13.75
C PRO A 9 9.42 11.39 -14.60
N SER A 10 9.57 11.26 -15.91
CA SER A 10 8.45 11.44 -16.83
C SER A 10 7.87 10.11 -17.27
N ASP A 11 8.72 9.26 -17.86
CA ASP A 11 8.29 7.96 -18.33
C ASP A 11 7.25 7.36 -17.38
N VAL A 12 6.01 7.29 -17.85
CA VAL A 12 4.92 6.74 -17.05
C VAL A 12 5.00 5.22 -16.97
N THR A 13 4.67 4.68 -15.81
CA THR A 13 4.72 3.24 -15.59
C THR A 13 3.93 2.84 -14.35
N GLU A 14 3.39 1.62 -14.37
CA GLU A 14 2.60 1.13 -13.24
C GLU A 14 3.51 0.62 -12.13
N GLY A 15 4.44 1.46 -11.69
CA GLY A 15 5.35 1.09 -10.64
C GLY A 15 4.98 1.70 -9.30
N LYS A 16 3.71 1.64 -8.95
CA LYS A 16 3.23 2.20 -7.69
C LYS A 16 2.57 1.11 -6.83
N THR A 17 3.13 0.88 -5.65
CA THR A 17 2.61 -0.13 -4.74
C THR A 17 2.65 0.36 -3.29
N VAL A 18 1.87 -0.27 -2.44
CA VAL A 18 1.82 0.11 -1.03
C VAL A 18 1.33 -1.06 -0.17
N PHE A 19 2.19 -1.50 0.74
CA PHE A 19 1.85 -2.62 1.63
C PHE A 19 1.69 -2.13 3.07
N ILE A 20 0.54 -2.43 3.67
CA ILE A 20 0.26 -2.02 5.04
C ILE A 20 0.57 -3.16 6.02
N ARG A 21 1.18 -2.80 7.15
CA ARG A 21 1.52 -3.79 8.16
C ARG A 21 0.91 -3.43 9.50
N ASN A 22 0.74 -4.42 10.37
CA ASN A 22 0.17 -4.20 11.69
C ASN A 22 -1.30 -3.81 11.59
N LEU A 23 -2.02 -4.48 10.69
CA LEU A 23 -3.44 -4.20 10.49
C LEU A 23 -4.27 -4.79 11.63
N SER A 24 -5.36 -4.11 11.97
CA SER A 24 -6.24 -4.57 13.04
C SER A 24 -7.27 -5.57 12.50
N PHE A 25 -7.58 -6.57 13.31
CA PHE A 25 -8.54 -7.60 12.93
C PHE A 25 -9.83 -6.96 12.42
N ASP A 26 -10.21 -5.84 13.02
CA ASP A 26 -11.42 -5.12 12.63
C ASP A 26 -11.27 -4.52 11.24
N SER A 27 -10.07 -4.05 10.93
CA SER A 27 -9.80 -3.44 9.63
C SER A 27 -10.60 -4.14 8.53
N GLU A 28 -10.98 -3.38 7.51
CA GLU A 28 -11.76 -3.92 6.40
C GLU A 28 -11.31 -3.30 5.07
N GLU A 29 -11.14 -4.14 4.06
CA GLU A 29 -10.72 -3.68 2.75
C GLU A 29 -11.35 -2.32 2.42
N GLU A 30 -12.64 -2.19 2.70
CA GLU A 30 -13.35 -0.95 2.43
C GLU A 30 -12.72 0.21 3.20
N ALA A 31 -12.72 0.11 4.51
CA ALA A 31 -12.14 1.14 5.36
C ALA A 31 -10.67 1.40 5.01
N LEU A 32 -9.87 0.34 5.08
CA LEU A 32 -8.45 0.44 4.78
C LEU A 32 -8.21 1.32 3.55
N GLY A 33 -8.93 1.03 2.48
CA GLY A 33 -8.79 1.81 1.26
C GLY A 33 -9.18 3.27 1.45
N GLU A 34 -10.40 3.49 1.92
CA GLU A 34 -10.90 4.84 2.14
C GLU A 34 -9.87 5.67 2.91
N VAL A 35 -8.97 5.00 3.61
CA VAL A 35 -7.94 5.67 4.38
C VAL A 35 -6.79 6.12 3.48
N LEU A 36 -6.46 5.30 2.50
CA LEU A 36 -5.38 5.61 1.57
C LEU A 36 -5.90 6.47 0.41
N GLN A 37 -7.19 6.37 0.14
CA GLN A 37 -7.80 7.14 -0.94
C GLN A 37 -7.61 8.64 -0.73
N GLN A 38 -7.55 9.05 0.53
CA GLN A 38 -7.36 10.45 0.88
C GLN A 38 -6.21 11.06 0.08
N PHE A 39 -5.08 10.35 0.06
CA PHE A 39 -3.91 10.82 -0.67
C PHE A 39 -4.14 10.78 -2.17
N GLY A 40 -4.53 9.60 -2.67
CA GLY A 40 -4.77 9.45 -4.10
C GLY A 40 -5.72 8.32 -4.40
N ASP A 41 -6.17 8.23 -5.65
CA ASP A 41 -7.08 7.18 -6.07
C ASP A 41 -6.39 5.82 -6.05
N LEU A 42 -6.93 4.89 -5.28
CA LEU A 42 -6.36 3.55 -5.18
C LEU A 42 -6.76 2.70 -6.39
N LYS A 43 -5.76 2.28 -7.14
CA LYS A 43 -6.00 1.45 -8.33
C LYS A 43 -6.68 0.14 -7.94
N TYR A 44 -6.28 -0.43 -6.82
CA TYR A 44 -6.85 -1.69 -6.35
C TYR A 44 -6.46 -1.95 -4.89
N VAL A 45 -7.45 -2.31 -4.08
CA VAL A 45 -7.21 -2.60 -2.67
C VAL A 45 -7.59 -4.03 -2.33
N ARG A 46 -6.59 -4.83 -1.95
CA ARG A 46 -6.83 -6.23 -1.59
C ARG A 46 -6.10 -6.59 -0.30
N VAL A 47 -6.83 -7.19 0.63
CA VAL A 47 -6.27 -7.59 1.91
C VAL A 47 -6.26 -9.10 2.07
N VAL A 48 -5.08 -9.66 2.32
CA VAL A 48 -4.94 -11.10 2.48
C VAL A 48 -5.77 -11.60 3.66
N LEU A 49 -6.76 -12.44 3.37
CA LEU A 49 -7.63 -12.99 4.41
C LEU A 49 -7.30 -14.45 4.67
N HIS A 50 -7.78 -14.97 5.80
CA HIS A 50 -7.53 -16.36 6.17
C HIS A 50 -8.05 -17.31 5.10
N PRO A 51 -7.22 -18.28 4.71
CA PRO A 51 -7.58 -19.27 3.69
C PRO A 51 -8.66 -20.24 4.17
N ASP A 52 -9.19 -19.99 5.36
CA ASP A 52 -10.23 -20.83 5.93
C ASP A 52 -11.47 -20.00 6.28
N THR A 53 -11.25 -18.88 6.95
CA THR A 53 -12.34 -18.01 7.35
C THR A 53 -12.17 -16.61 6.76
N GLU A 54 -13.29 -15.90 6.59
CA GLU A 54 -13.26 -14.56 6.04
C GLU A 54 -12.86 -13.53 7.10
N HIS A 55 -11.64 -13.67 7.61
CA HIS A 55 -11.14 -12.77 8.64
C HIS A 55 -9.75 -12.27 8.28
N SER A 56 -9.49 -10.98 8.54
CA SER A 56 -8.20 -10.39 8.24
C SER A 56 -7.06 -11.23 8.80
N LYS A 57 -5.87 -11.08 8.21
CA LYS A 57 -4.70 -11.83 8.64
C LYS A 57 -3.78 -10.97 9.49
N GLY A 58 -3.50 -9.76 9.00
CA GLY A 58 -2.64 -8.85 9.73
C GLY A 58 -2.04 -7.78 8.83
N CYS A 59 -2.08 -8.02 7.53
CA CYS A 59 -1.53 -7.07 6.56
C CYS A 59 -2.36 -7.06 5.28
N ALA A 60 -2.11 -6.07 4.43
CA ALA A 60 -2.83 -5.95 3.18
C ALA A 60 -1.98 -5.23 2.12
N PHE A 61 -2.37 -5.38 0.85
CA PHE A 61 -1.65 -4.76 -0.24
C PHE A 61 -2.57 -3.89 -1.08
N ALA A 62 -2.09 -2.71 -1.47
CA ALA A 62 -2.88 -1.79 -2.27
C ALA A 62 -2.03 -1.15 -3.37
N GLN A 63 -2.68 -0.45 -4.28
CA GLN A 63 -1.98 0.22 -5.38
C GLN A 63 -2.55 1.61 -5.63
N PHE A 64 -1.70 2.52 -6.07
CA PHE A 64 -2.12 3.89 -6.35
C PHE A 64 -2.14 4.16 -7.85
N MET A 65 -2.66 5.32 -8.23
CA MET A 65 -2.74 5.70 -9.64
C MET A 65 -1.56 6.59 -10.03
N THR A 66 -0.85 7.10 -9.02
CA THR A 66 0.29 7.97 -9.25
C THR A 66 1.44 7.64 -8.29
N GLN A 67 2.67 7.67 -8.81
CA GLN A 67 3.84 7.37 -7.99
C GLN A 67 3.88 8.27 -6.75
N GLU A 68 3.67 9.57 -6.96
CA GLU A 68 3.69 10.53 -5.87
C GLU A 68 2.74 10.09 -4.75
N ALA A 69 1.59 9.53 -5.14
CA ALA A 69 0.61 9.08 -4.17
C ALA A 69 1.24 8.14 -3.14
N ALA A 70 1.66 6.97 -3.59
CA ALA A 70 2.28 6.00 -2.71
C ALA A 70 3.23 6.67 -1.72
N GLN A 71 4.12 7.50 -2.25
CA GLN A 71 5.10 8.20 -1.42
C GLN A 71 4.40 9.05 -0.37
N LYS A 72 3.41 9.83 -0.80
CA LYS A 72 2.66 10.69 0.10
C LYS A 72 2.04 9.88 1.24
N CYS A 73 1.77 8.60 0.97
CA CYS A 73 1.19 7.72 1.96
C CYS A 73 2.23 7.24 2.97
N LEU A 74 3.45 7.04 2.49
CA LEU A 74 4.55 6.58 3.33
C LEU A 74 4.88 7.64 4.40
N ALA A 75 5.32 8.80 3.94
CA ALA A 75 5.67 9.89 4.85
C ALA A 75 4.55 10.15 5.85
N ALA A 76 3.31 9.87 5.45
CA ALA A 76 2.16 10.07 6.32
C ALA A 76 1.96 8.88 7.25
N ALA A 77 2.19 7.68 6.73
CA ALA A 77 2.04 6.46 7.51
C ALA A 77 3.12 6.36 8.58
N SER A 78 4.32 6.85 8.25
CA SER A 78 5.44 6.81 9.19
C SER A 78 5.33 7.93 10.22
N LEU A 79 4.87 7.57 11.42
CA LEU A 79 4.72 8.54 12.49
C LEU A 79 5.96 9.41 12.62
N GLU A 80 7.13 8.79 12.45
CA GLU A 80 8.39 9.51 12.55
C GLU A 80 8.43 10.70 11.59
N ALA A 81 8.19 10.43 10.32
CA ALA A 81 8.19 11.47 9.30
C ALA A 81 7.31 12.64 9.73
N GLU A 82 7.86 13.85 9.63
CA GLU A 82 7.13 15.06 10.00
C GLU A 82 6.18 14.77 11.17
N GLY A 83 6.67 14.03 12.15
CA GLY A 83 5.84 13.70 13.30
C GLY A 83 4.39 13.50 12.94
N GLY A 84 4.13 12.56 12.04
CA GLY A 84 2.77 12.29 11.61
C GLY A 84 2.58 10.87 11.13
N GLY A 85 1.85 10.07 11.89
CA GLY A 85 1.61 8.69 11.52
C GLY A 85 0.14 8.31 11.55
N LEU A 86 -0.27 7.42 10.66
CA LEU A 86 -1.66 6.98 10.59
C LEU A 86 -1.92 5.84 11.59
N LYS A 87 -3.12 5.83 12.15
CA LYS A 87 -3.50 4.79 13.11
C LYS A 87 -4.95 4.37 12.92
N LEU A 88 -5.18 3.06 12.82
CA LEU A 88 -6.51 2.53 12.62
C LEU A 88 -6.95 1.70 13.82
N ASP A 89 -7.75 2.32 14.70
CA ASP A 89 -8.23 1.63 15.89
C ASP A 89 -7.11 1.44 16.91
N GLY A 90 -6.19 2.40 16.95
CA GLY A 90 -5.09 2.31 17.88
C GLY A 90 -3.96 1.44 17.37
N ARG A 91 -3.94 1.23 16.05
CA ARG A 91 -2.90 0.41 15.42
C ARG A 91 -2.10 1.21 14.41
N GLN A 92 -0.78 1.22 14.56
CA GLN A 92 0.09 1.95 13.66
C GLN A 92 0.18 1.26 12.31
N LEU A 93 -0.38 1.89 11.28
CA LEU A 93 -0.36 1.32 9.93
C LEU A 93 0.98 1.58 9.25
N LYS A 94 1.74 0.51 9.02
CA LYS A 94 3.04 0.62 8.37
C LYS A 94 2.91 0.43 6.87
N VAL A 95 3.01 1.53 6.12
CA VAL A 95 2.91 1.47 4.67
C VAL A 95 4.29 1.55 4.02
N ASP A 96 4.57 0.60 3.14
CA ASP A 96 5.85 0.55 2.45
C ASP A 96 5.68 0.14 1.00
N LEU A 97 6.49 0.71 0.12
CA LEU A 97 6.42 0.40 -1.31
C LEU A 97 6.72 -1.07 -1.56
N ALA A 98 5.66 -1.86 -1.75
CA ALA A 98 5.81 -3.29 -2.00
C ALA A 98 6.03 -3.57 -3.48
N VAL A 99 6.17 -4.84 -3.83
CA VAL A 99 6.40 -5.23 -5.22
C VAL A 99 5.67 -6.53 -5.55
N THR A 100 4.86 -6.50 -6.60
CA THR A 100 4.11 -7.67 -7.01
C THR A 100 4.77 -8.36 -8.20
N ARG A 101 5.63 -9.33 -7.91
CA ARG A 101 6.34 -10.07 -8.95
C ARG A 101 6.57 -11.51 -8.52
N ASP A 102 6.50 -12.43 -9.50
CA ASP A 102 6.70 -13.85 -9.22
C ASP A 102 7.94 -14.37 -9.96
N GLU A 103 8.85 -14.99 -9.21
CA GLU A 103 10.06 -15.54 -9.79
C GLU A 103 9.85 -16.97 -10.29
N ALA A 104 8.80 -17.15 -11.09
CA ALA A 104 8.48 -18.47 -11.63
C ALA A 104 9.44 -18.84 -12.77
N ALA A 105 9.43 -20.12 -13.13
CA ALA A 105 10.28 -20.60 -14.21
C ALA A 105 9.54 -20.64 -15.54
N SER A 106 8.37 -21.26 -15.54
CA SER A 106 7.56 -21.37 -16.75
C SER A 106 6.07 -21.26 -16.41
N GLY A 107 5.34 -20.55 -17.27
CA GLY A 107 3.91 -20.38 -17.06
C GLY A 107 3.16 -20.10 -18.34
N PRO A 108 3.36 -18.89 -18.90
CA PRO A 108 2.70 -18.47 -20.13
C PRO A 108 3.22 -19.23 -21.35
N SER A 109 4.18 -20.12 -21.12
CA SER A 109 4.77 -20.91 -22.20
C SER A 109 4.59 -22.40 -21.95
N SER A 110 4.17 -23.12 -22.99
CA SER A 110 3.96 -24.56 -22.87
C SER A 110 5.09 -25.23 -22.10
N GLY A 111 6.31 -25.07 -22.60
CA GLY A 111 7.46 -25.65 -21.94
C GLY A 111 7.27 -27.13 -21.65
N GLY A 1 16.04 22.62 6.12
CA GLY A 1 16.10 21.55 5.15
C GLY A 1 15.01 21.63 4.11
N SER A 2 14.03 20.73 4.19
CA SER A 2 12.93 20.72 3.24
C SER A 2 13.44 20.88 1.81
N SER A 3 14.55 20.23 1.51
CA SER A 3 15.15 20.29 0.18
C SER A 3 15.23 18.90 -0.45
N GLY A 4 14.50 18.72 -1.54
CA GLY A 4 14.50 17.44 -2.23
C GLY A 4 14.00 17.54 -3.65
N SER A 5 14.42 18.59 -4.36
CA SER A 5 14.02 18.80 -5.74
C SER A 5 14.21 17.53 -6.57
N SER A 6 13.12 16.81 -6.79
CA SER A 6 13.17 15.57 -7.56
C SER A 6 13.07 15.86 -9.05
N GLY A 7 13.47 14.88 -9.87
CA GLY A 7 13.42 15.05 -11.31
C GLY A 7 12.21 14.36 -11.93
N LEU A 8 12.01 14.59 -13.22
CA LEU A 8 10.89 13.99 -13.94
C LEU A 8 10.99 12.47 -13.93
N PRO A 9 9.85 11.81 -13.71
CA PRO A 9 9.78 10.34 -13.69
C PRO A 9 9.99 9.72 -15.06
N SER A 10 10.45 8.48 -15.08
CA SER A 10 10.70 7.77 -16.34
C SER A 10 9.85 6.51 -16.42
N ASP A 11 10.00 5.63 -15.44
CA ASP A 11 9.25 4.38 -15.40
C ASP A 11 7.77 4.63 -15.71
N VAL A 12 7.35 4.24 -16.90
CA VAL A 12 5.96 4.42 -17.31
C VAL A 12 5.08 3.30 -16.77
N THR A 13 5.52 2.06 -16.97
CA THR A 13 4.76 0.90 -16.50
C THR A 13 4.28 1.10 -15.07
N GLU A 14 3.27 0.33 -14.68
CA GLU A 14 2.72 0.41 -13.33
C GLU A 14 3.78 0.10 -12.28
N GLY A 15 4.35 1.16 -11.69
CA GLY A 15 5.38 0.96 -10.68
C GLY A 15 5.00 1.59 -9.36
N LYS A 16 3.71 1.60 -9.05
CA LYS A 16 3.22 2.17 -7.80
C LYS A 16 2.54 1.11 -6.95
N THR A 17 3.09 0.87 -5.76
CA THR A 17 2.54 -0.12 -4.84
C THR A 17 2.58 0.37 -3.40
N VAL A 18 1.78 -0.24 -2.55
CA VAL A 18 1.73 0.14 -1.13
C VAL A 18 1.31 -1.04 -0.27
N PHE A 19 2.18 -1.43 0.66
CA PHE A 19 1.90 -2.54 1.56
C PHE A 19 1.75 -2.06 2.99
N ILE A 20 0.62 -2.40 3.60
CA ILE A 20 0.35 -2.00 4.98
C ILE A 20 0.66 -3.12 5.95
N ARG A 21 1.35 -2.79 7.04
CA ARG A 21 1.70 -3.79 8.05
C ARG A 21 1.08 -3.44 9.40
N ASN A 22 0.78 -4.47 10.19
CA ASN A 22 0.17 -4.27 11.50
C ASN A 22 -1.28 -3.84 11.36
N LEU A 23 -2.05 -4.55 10.56
CA LEU A 23 -3.46 -4.24 10.34
C LEU A 23 -4.32 -4.83 11.46
N SER A 24 -5.44 -4.16 11.74
CA SER A 24 -6.35 -4.62 12.78
C SER A 24 -7.40 -5.57 12.21
N PHE A 25 -7.72 -6.62 12.97
CA PHE A 25 -8.70 -7.60 12.53
C PHE A 25 -10.00 -6.91 12.11
N ASP A 26 -10.40 -5.91 12.87
CA ASP A 26 -11.63 -5.17 12.58
C ASP A 26 -11.52 -4.46 11.23
N SER A 27 -10.31 -4.09 10.85
CA SER A 27 -10.08 -3.40 9.59
C SER A 27 -10.84 -4.09 8.45
N GLU A 28 -11.18 -3.31 7.43
CA GLU A 28 -11.91 -3.85 6.29
C GLU A 28 -11.38 -3.26 4.98
N GLU A 29 -11.21 -4.11 3.97
CA GLU A 29 -10.71 -3.66 2.67
C GLU A 29 -11.27 -2.29 2.32
N GLU A 30 -12.57 -2.10 2.54
CA GLU A 30 -13.22 -0.83 2.23
C GLU A 30 -12.60 0.30 3.05
N ALA A 31 -12.63 0.15 4.38
CA ALA A 31 -12.08 1.16 5.26
C ALA A 31 -10.61 1.43 4.95
N LEU A 32 -9.82 0.36 4.89
CA LEU A 32 -8.39 0.48 4.58
C LEU A 32 -8.16 1.44 3.42
N GLY A 33 -8.81 1.16 2.30
CA GLY A 33 -8.66 2.00 1.12
C GLY A 33 -9.10 3.42 1.38
N GLU A 34 -10.27 3.58 1.98
CA GLU A 34 -10.81 4.91 2.27
C GLU A 34 -9.79 5.76 3.01
N VAL A 35 -8.83 5.09 3.65
CA VAL A 35 -7.78 5.79 4.39
C VAL A 35 -6.68 6.29 3.45
N LEU A 36 -6.18 5.39 2.63
CA LEU A 36 -5.11 5.74 1.68
C LEU A 36 -5.65 6.62 0.56
N GLN A 37 -6.96 6.55 0.34
CA GLN A 37 -7.60 7.34 -0.71
C GLN A 37 -7.33 8.83 -0.51
N GLN A 38 -7.04 9.20 0.73
CA GLN A 38 -6.77 10.59 1.06
C GLN A 38 -5.49 11.08 0.39
N PHE A 39 -4.54 10.16 0.22
CA PHE A 39 -3.27 10.49 -0.41
C PHE A 39 -3.31 10.18 -1.90
N GLY A 40 -4.52 10.14 -2.46
CA GLY A 40 -4.66 9.85 -3.87
C GLY A 40 -5.59 8.68 -4.14
N ASP A 41 -6.18 8.65 -5.32
CA ASP A 41 -7.09 7.57 -5.69
C ASP A 41 -6.38 6.22 -5.68
N LEU A 42 -7.07 5.19 -5.21
CA LEU A 42 -6.51 3.86 -5.14
C LEU A 42 -6.98 3.00 -6.31
N LYS A 43 -6.04 2.35 -6.99
CA LYS A 43 -6.35 1.50 -8.12
C LYS A 43 -7.01 0.20 -7.66
N TYR A 44 -6.39 -0.46 -6.69
CA TYR A 44 -6.91 -1.71 -6.15
C TYR A 44 -6.49 -1.91 -4.70
N VAL A 45 -7.44 -2.32 -3.87
CA VAL A 45 -7.16 -2.56 -2.45
C VAL A 45 -7.54 -3.98 -2.04
N ARG A 46 -6.53 -4.80 -1.77
CA ARG A 46 -6.76 -6.17 -1.37
C ARG A 46 -6.08 -6.47 -0.03
N VAL A 47 -6.81 -7.14 0.86
CA VAL A 47 -6.29 -7.50 2.17
C VAL A 47 -6.16 -9.01 2.34
N VAL A 48 -4.92 -9.50 2.38
CA VAL A 48 -4.68 -10.92 2.54
C VAL A 48 -5.27 -11.45 3.85
N LEU A 49 -5.92 -12.60 3.78
CA LEU A 49 -6.52 -13.20 4.96
C LEU A 49 -5.62 -14.30 5.53
N HIS A 50 -5.91 -14.70 6.77
CA HIS A 50 -5.13 -15.73 7.43
C HIS A 50 -5.10 -17.02 6.60
N PRO A 51 -3.93 -17.66 6.54
CA PRO A 51 -3.75 -18.91 5.77
C PRO A 51 -4.47 -20.08 6.41
N ASP A 52 -5.20 -19.81 7.50
CA ASP A 52 -5.93 -20.86 8.21
C ASP A 52 -7.36 -20.40 8.50
N THR A 53 -7.49 -19.30 9.25
CA THR A 53 -8.79 -18.77 9.61
C THR A 53 -9.31 -17.82 8.53
N GLU A 54 -10.58 -17.43 8.65
CA GLU A 54 -11.20 -16.53 7.68
C GLU A 54 -11.28 -15.12 8.23
N HIS A 55 -10.25 -14.71 8.97
CA HIS A 55 -10.21 -13.38 9.56
C HIS A 55 -9.36 -12.44 8.71
N SER A 56 -9.17 -11.21 9.19
CA SER A 56 -8.39 -10.22 8.48
C SER A 56 -6.94 -10.19 8.98
N LYS A 57 -6.02 -10.66 8.15
CA LYS A 57 -4.61 -10.70 8.51
C LYS A 57 -4.10 -9.30 8.84
N GLY A 58 -2.99 -9.24 9.58
CA GLY A 58 -2.42 -7.95 9.95
C GLY A 58 -1.57 -7.36 8.85
N CYS A 59 -2.00 -7.55 7.60
CA CYS A 59 -1.27 -7.03 6.44
C CYS A 59 -2.17 -6.99 5.21
N ALA A 60 -1.92 -6.01 4.34
CA ALA A 60 -2.71 -5.86 3.13
C ALA A 60 -1.90 -5.17 2.03
N PHE A 61 -2.32 -5.34 0.79
CA PHE A 61 -1.64 -4.72 -0.34
C PHE A 61 -2.58 -3.82 -1.13
N ALA A 62 -2.09 -2.63 -1.48
CA ALA A 62 -2.89 -1.68 -2.24
C ALA A 62 -2.08 -1.08 -3.39
N GLN A 63 -2.73 -0.23 -4.18
CA GLN A 63 -2.07 0.41 -5.31
C GLN A 63 -2.64 1.81 -5.55
N PHE A 64 -1.77 2.75 -5.88
CA PHE A 64 -2.19 4.12 -6.15
C PHE A 64 -2.25 4.39 -7.64
N MET A 65 -2.78 5.56 -8.01
CA MET A 65 -2.89 5.95 -9.41
C MET A 65 -1.58 6.53 -9.92
N THR A 66 -0.86 7.22 -9.05
CA THR A 66 0.41 7.82 -9.42
C THR A 66 1.49 7.52 -8.37
N GLN A 67 2.71 7.31 -8.84
CA GLN A 67 3.83 7.01 -7.95
C GLN A 67 3.86 7.98 -6.77
N GLU A 68 3.84 9.27 -7.09
CA GLU A 68 3.87 10.31 -6.05
C GLU A 68 2.89 9.97 -4.93
N ALA A 69 1.70 9.51 -5.30
CA ALA A 69 0.68 9.16 -4.32
C ALA A 69 1.22 8.17 -3.29
N ALA A 70 1.64 7.01 -3.76
CA ALA A 70 2.19 5.98 -2.87
C ALA A 70 3.18 6.58 -1.87
N GLN A 71 3.93 7.59 -2.32
CA GLN A 71 4.92 8.24 -1.47
C GLN A 71 4.23 9.05 -0.38
N LYS A 72 3.14 9.72 -0.73
CA LYS A 72 2.39 10.53 0.22
C LYS A 72 1.79 9.65 1.32
N CYS A 73 1.44 8.43 0.96
CA CYS A 73 0.86 7.49 1.91
C CYS A 73 1.89 7.02 2.93
N LEU A 74 3.14 6.92 2.48
CA LEU A 74 4.23 6.47 3.35
C LEU A 74 4.53 7.53 4.41
N ALA A 75 5.07 8.65 3.99
CA ALA A 75 5.39 9.75 4.90
C ALA A 75 4.31 9.93 5.94
N ALA A 76 3.05 9.79 5.52
CA ALA A 76 1.91 9.95 6.41
C ALA A 76 1.78 8.75 7.35
N ALA A 77 2.18 7.57 6.86
CA ALA A 77 2.10 6.35 7.65
C ALA A 77 3.19 6.33 8.71
N SER A 78 4.35 6.90 8.39
CA SER A 78 5.47 6.94 9.32
C SER A 78 5.39 8.15 10.23
N LEU A 79 4.99 7.93 11.48
CA LEU A 79 4.87 9.01 12.45
C LEU A 79 6.20 9.75 12.61
N GLU A 80 7.30 9.04 12.36
CA GLU A 80 8.63 9.63 12.49
C GLU A 80 8.84 10.71 11.43
N ALA A 81 8.56 10.37 10.17
CA ALA A 81 8.72 11.31 9.07
C ALA A 81 8.16 12.69 9.44
N GLU A 82 8.51 13.70 8.64
CA GLU A 82 8.03 15.05 8.88
C GLU A 82 6.62 15.25 8.34
N GLY A 83 5.76 14.27 8.61
CA GLY A 83 4.39 14.34 8.14
C GLY A 83 3.38 13.89 9.18
N GLY A 84 3.54 12.66 9.66
CA GLY A 84 2.64 12.14 10.66
C GLY A 84 2.50 10.63 10.58
N GLY A 85 1.58 10.08 11.37
CA GLY A 85 1.38 8.64 11.38
C GLY A 85 -0.09 8.26 11.34
N LEU A 86 -0.40 7.20 10.60
CA LEU A 86 -1.78 6.74 10.48
C LEU A 86 -2.07 5.63 11.49
N LYS A 87 -3.31 5.61 11.99
CA LYS A 87 -3.73 4.60 12.96
C LYS A 87 -5.14 4.14 12.69
N LEU A 88 -5.33 2.81 12.61
CA LEU A 88 -6.64 2.24 12.36
C LEU A 88 -7.12 1.41 13.55
N ASP A 89 -8.35 1.65 13.97
CA ASP A 89 -8.93 0.92 15.09
C ASP A 89 -7.97 0.91 16.29
N GLY A 90 -7.15 1.96 16.38
CA GLY A 90 -6.21 2.06 17.47
C GLY A 90 -4.97 1.20 17.25
N ARG A 91 -4.55 1.09 15.99
CA ARG A 91 -3.38 0.29 15.64
C ARG A 91 -2.54 1.01 14.60
N GLN A 92 -1.24 1.13 14.86
CA GLN A 92 -0.32 1.79 13.95
C GLN A 92 -0.23 1.03 12.63
N LEU A 93 -0.17 1.77 11.53
CA LEU A 93 -0.08 1.17 10.20
C LEU A 93 1.26 1.48 9.55
N LYS A 94 1.89 0.46 9.00
CA LYS A 94 3.18 0.63 8.34
C LYS A 94 3.05 0.45 6.83
N VAL A 95 3.10 1.57 6.11
CA VAL A 95 2.99 1.54 4.65
C VAL A 95 4.37 1.58 3.99
N ASP A 96 4.58 0.67 3.05
CA ASP A 96 5.86 0.60 2.33
C ASP A 96 5.65 0.19 0.88
N LEU A 97 6.43 0.78 -0.02
CA LEU A 97 6.33 0.47 -1.43
C LEU A 97 6.64 -1.00 -1.70
N ALA A 98 5.59 -1.80 -1.87
CA ALA A 98 5.74 -3.23 -2.13
C ALA A 98 6.05 -3.48 -3.60
N VAL A 99 6.27 -4.75 -3.94
CA VAL A 99 6.57 -5.12 -5.32
C VAL A 99 6.30 -6.60 -5.55
N THR A 100 5.47 -6.89 -6.55
CA THR A 100 5.12 -8.27 -6.88
C THR A 100 6.37 -9.11 -7.15
N ARG A 101 6.57 -10.15 -6.36
CA ARG A 101 7.71 -11.02 -6.52
C ARG A 101 7.47 -12.06 -7.62
N ASP A 102 8.26 -11.98 -8.68
CA ASP A 102 8.13 -12.90 -9.80
C ASP A 102 8.82 -14.23 -9.50
N GLU A 103 8.05 -15.21 -9.07
CA GLU A 103 8.59 -16.52 -8.74
C GLU A 103 9.12 -17.23 -9.99
N ALA A 104 10.34 -16.91 -10.36
CA ALA A 104 10.97 -17.50 -11.55
C ALA A 104 12.48 -17.31 -11.53
N ALA A 105 13.17 -18.03 -12.39
CA ALA A 105 14.63 -17.93 -12.47
C ALA A 105 15.09 -17.78 -13.93
N SER A 106 16.07 -16.92 -14.14
CA SER A 106 16.59 -16.68 -15.49
C SER A 106 18.02 -17.20 -15.61
N GLY A 107 18.15 -18.45 -16.07
CA GLY A 107 19.46 -19.04 -16.22
C GLY A 107 19.61 -19.76 -17.55
N PRO A 108 19.94 -19.01 -18.60
CA PRO A 108 20.13 -19.57 -19.95
C PRO A 108 21.38 -20.43 -20.06
N SER A 109 21.21 -21.65 -20.55
CA SER A 109 22.32 -22.58 -20.70
C SER A 109 23.07 -22.31 -21.99
N SER A 110 22.37 -22.43 -23.12
CA SER A 110 22.98 -22.21 -24.42
C SER A 110 22.76 -20.77 -24.89
N GLY A 111 23.82 -20.16 -25.40
CA GLY A 111 23.73 -18.78 -25.86
C GLY A 111 24.82 -18.43 -26.84
N GLY A 1 36.22 6.40 -4.84
CA GLY A 1 35.84 7.62 -4.16
C GLY A 1 34.53 8.18 -4.66
N SER A 2 33.46 7.40 -4.51
CA SER A 2 32.14 7.81 -4.95
C SER A 2 31.07 7.36 -3.96
N SER A 3 30.08 8.22 -3.73
CA SER A 3 28.99 7.91 -2.80
C SER A 3 27.64 8.17 -3.44
N GLY A 4 26.93 7.10 -3.79
CA GLY A 4 25.64 7.23 -4.42
C GLY A 4 25.71 7.28 -5.93
N SER A 5 25.92 6.13 -6.55
CA SER A 5 26.02 6.05 -8.00
C SER A 5 24.96 5.11 -8.57
N SER A 6 23.91 5.69 -9.14
CA SER A 6 22.82 4.91 -9.72
C SER A 6 21.91 5.79 -10.56
N GLY A 7 21.93 5.56 -11.87
CA GLY A 7 21.10 6.34 -12.77
C GLY A 7 20.20 5.48 -13.63
N LEU A 8 19.04 5.11 -13.09
CA LEU A 8 18.09 4.27 -13.83
C LEU A 8 17.48 5.04 -14.99
N PRO A 9 17.17 4.31 -16.08
CA PRO A 9 16.57 4.91 -17.28
C PRO A 9 15.13 5.35 -17.05
N SER A 10 14.72 6.40 -17.75
CA SER A 10 13.37 6.93 -17.62
C SER A 10 12.41 6.19 -18.56
N ASP A 11 11.24 5.83 -18.02
CA ASP A 11 10.23 5.12 -18.80
C ASP A 11 8.93 5.00 -18.03
N VAL A 12 7.81 5.09 -18.74
CA VAL A 12 6.50 4.99 -18.12
C VAL A 12 6.12 3.54 -17.87
N THR A 13 5.77 3.23 -16.61
CA THR A 13 5.38 1.88 -16.24
C THR A 13 4.76 1.85 -14.84
N GLU A 14 3.76 0.99 -14.67
CA GLU A 14 3.07 0.87 -13.39
C GLU A 14 4.04 0.45 -12.30
N GLY A 15 4.62 1.43 -11.60
CA GLY A 15 5.55 1.14 -10.54
C GLY A 15 5.13 1.75 -9.22
N LYS A 16 3.85 1.65 -8.89
CA LYS A 16 3.32 2.20 -7.65
C LYS A 16 2.68 1.11 -6.80
N THR A 17 3.23 0.89 -5.60
CA THR A 17 2.71 -0.13 -4.70
C THR A 17 2.72 0.37 -3.25
N VAL A 18 1.96 -0.31 -2.40
CA VAL A 18 1.88 0.07 -1.00
C VAL A 18 1.41 -1.11 -0.14
N PHE A 19 2.27 -1.53 0.79
CA PHE A 19 1.94 -2.65 1.67
C PHE A 19 1.75 -2.17 3.10
N ILE A 20 0.60 -2.48 3.68
CA ILE A 20 0.31 -2.09 5.06
C ILE A 20 0.55 -3.24 6.03
N ARG A 21 1.21 -2.94 7.13
CA ARG A 21 1.52 -3.94 8.14
C ARG A 21 0.90 -3.57 9.49
N ASN A 22 0.56 -4.59 10.28
CA ASN A 22 -0.04 -4.37 11.59
C ASN A 22 -1.49 -3.91 11.45
N LEU A 23 -2.28 -4.68 10.71
CA LEU A 23 -3.68 -4.35 10.49
C LEU A 23 -4.57 -5.08 11.50
N SER A 24 -5.72 -4.47 11.81
CA SER A 24 -6.66 -5.06 12.76
C SER A 24 -7.68 -5.93 12.04
N PHE A 25 -8.09 -7.01 12.69
CA PHE A 25 -9.07 -7.93 12.12
C PHE A 25 -10.34 -7.19 11.73
N ASP A 26 -10.76 -6.25 12.58
CA ASP A 26 -11.96 -5.47 12.32
C ASP A 26 -11.84 -4.69 11.02
N SER A 27 -10.64 -4.19 10.74
CA SER A 27 -10.39 -3.43 9.53
C SER A 27 -10.96 -4.14 8.31
N GLU A 28 -11.57 -3.37 7.41
CA GLU A 28 -12.16 -3.93 6.20
C GLU A 28 -11.51 -3.32 4.95
N GLU A 29 -11.32 -4.15 3.93
CA GLU A 29 -10.71 -3.69 2.68
C GLU A 29 -11.18 -2.29 2.33
N GLU A 30 -12.42 -1.97 2.70
CA GLU A 30 -12.98 -0.65 2.43
C GLU A 30 -12.37 0.41 3.34
N ALA A 31 -12.59 0.25 4.64
CA ALA A 31 -12.05 1.19 5.62
C ALA A 31 -10.56 1.43 5.40
N LEU A 32 -9.87 0.40 4.92
CA LEU A 32 -8.44 0.51 4.66
C LEU A 32 -8.16 1.40 3.46
N GLY A 33 -8.83 1.11 2.35
CA GLY A 33 -8.65 1.90 1.14
C GLY A 33 -9.07 3.35 1.32
N GLU A 34 -10.23 3.55 1.93
CA GLU A 34 -10.75 4.89 2.17
C GLU A 34 -9.73 5.75 2.90
N VAL A 35 -8.82 5.09 3.62
CA VAL A 35 -7.78 5.79 4.37
C VAL A 35 -6.65 6.24 3.45
N LEU A 36 -6.28 5.37 2.52
CA LEU A 36 -5.20 5.67 1.58
C LEU A 36 -5.70 6.59 0.46
N GLN A 37 -6.98 6.50 0.16
CA GLN A 37 -7.59 7.32 -0.89
C GLN A 37 -7.39 8.81 -0.59
N GLN A 38 -7.47 9.17 0.69
CA GLN A 38 -7.30 10.55 1.10
C GLN A 38 -6.12 11.19 0.39
N PHE A 39 -5.09 10.39 0.14
CA PHE A 39 -3.88 10.87 -0.52
C PHE A 39 -4.10 10.95 -2.04
N GLY A 40 -4.52 9.83 -2.62
CA GLY A 40 -4.74 9.78 -4.05
C GLY A 40 -5.61 8.60 -4.46
N ASP A 41 -6.16 8.67 -5.67
CA ASP A 41 -7.01 7.60 -6.18
C ASP A 41 -6.30 6.25 -6.08
N LEU A 42 -7.00 5.26 -5.53
CA LEU A 42 -6.44 3.93 -5.37
C LEU A 42 -6.85 3.03 -6.53
N LYS A 43 -5.86 2.35 -7.12
CA LYS A 43 -6.11 1.46 -8.24
C LYS A 43 -6.80 0.19 -7.78
N TYR A 44 -6.32 -0.37 -6.68
CA TYR A 44 -6.90 -1.59 -6.12
C TYR A 44 -6.45 -1.80 -4.68
N VAL A 45 -7.34 -2.38 -3.87
CA VAL A 45 -7.05 -2.64 -2.47
C VAL A 45 -7.44 -4.05 -2.08
N ARG A 46 -6.44 -4.91 -1.87
CA ARG A 46 -6.68 -6.29 -1.50
C ARG A 46 -6.04 -6.61 -0.14
N VAL A 47 -6.79 -7.28 0.72
CA VAL A 47 -6.29 -7.64 2.04
C VAL A 47 -6.23 -9.15 2.21
N VAL A 48 -5.03 -9.67 2.45
CA VAL A 48 -4.83 -11.10 2.63
C VAL A 48 -5.45 -11.58 3.94
N LEU A 49 -6.26 -12.63 3.85
CA LEU A 49 -6.91 -13.19 5.04
C LEU A 49 -6.34 -14.57 5.37
N HIS A 50 -6.57 -15.00 6.60
CA HIS A 50 -6.08 -16.31 7.05
C HIS A 50 -6.63 -17.42 6.18
N PRO A 51 -5.79 -18.43 5.89
CA PRO A 51 -6.18 -19.57 5.07
C PRO A 51 -7.18 -20.48 5.77
N ASP A 52 -7.00 -20.69 7.07
CA ASP A 52 -7.88 -21.53 7.85
C ASP A 52 -9.22 -20.84 8.09
N THR A 53 -9.16 -19.63 8.63
CA THR A 53 -10.37 -18.85 8.91
C THR A 53 -10.33 -17.50 8.22
N GLU A 54 -11.40 -16.72 8.40
CA GLU A 54 -11.48 -15.41 7.78
C GLU A 54 -10.94 -14.33 8.72
N HIS A 55 -9.77 -14.59 9.29
CA HIS A 55 -9.14 -13.64 10.21
C HIS A 55 -8.00 -12.90 9.53
N SER A 56 -8.25 -11.66 9.12
CA SER A 56 -7.25 -10.85 8.46
C SER A 56 -5.85 -11.13 9.04
N LYS A 57 -5.02 -11.79 8.25
CA LYS A 57 -3.66 -12.12 8.68
C LYS A 57 -3.04 -10.95 9.45
N GLY A 58 -3.38 -9.73 9.05
CA GLY A 58 -2.85 -8.56 9.71
C GLY A 58 -2.10 -7.65 8.76
N CYS A 59 -2.34 -7.81 7.47
CA CYS A 59 -1.68 -7.01 6.45
C CYS A 59 -2.49 -6.98 5.17
N ALA A 60 -2.20 -6.01 4.30
CA ALA A 60 -2.90 -5.87 3.04
C ALA A 60 -2.04 -5.12 2.01
N PHE A 61 -2.29 -5.39 0.73
CA PHE A 61 -1.54 -4.74 -0.34
C PHE A 61 -2.46 -3.86 -1.18
N ALA A 62 -1.98 -2.66 -1.50
CA ALA A 62 -2.76 -1.72 -2.31
C ALA A 62 -1.91 -1.14 -3.44
N GLN A 63 -2.55 -0.35 -4.29
CA GLN A 63 -1.85 0.26 -5.42
C GLN A 63 -2.43 1.64 -5.72
N PHE A 64 -1.55 2.60 -5.99
CA PHE A 64 -1.97 3.96 -6.29
C PHE A 64 -1.98 4.20 -7.79
N MET A 65 -2.64 5.29 -8.21
CA MET A 65 -2.73 5.63 -9.62
C MET A 65 -1.51 6.44 -10.06
N THR A 66 -0.82 7.04 -9.09
CA THR A 66 0.36 7.84 -9.37
C THR A 66 1.44 7.62 -8.33
N GLN A 67 2.66 7.39 -8.79
CA GLN A 67 3.79 7.16 -7.87
C GLN A 67 3.76 8.16 -6.72
N GLU A 68 3.66 9.45 -7.05
CA GLU A 68 3.62 10.49 -6.04
C GLU A 68 2.66 10.12 -4.91
N ALA A 69 1.52 9.55 -5.27
CA ALA A 69 0.52 9.15 -4.29
C ALA A 69 1.11 8.19 -3.27
N ALA A 70 1.60 7.05 -3.75
CA ALA A 70 2.20 6.05 -2.88
C ALA A 70 3.13 6.69 -1.85
N GLN A 71 3.97 7.60 -2.31
CA GLN A 71 4.91 8.28 -1.43
C GLN A 71 4.18 9.09 -0.37
N LYS A 72 3.16 9.83 -0.80
CA LYS A 72 2.37 10.65 0.12
C LYS A 72 1.73 9.79 1.20
N CYS A 73 1.54 8.51 0.90
CA CYS A 73 0.93 7.58 1.85
C CYS A 73 1.96 7.12 2.88
N LEU A 74 3.22 7.03 2.46
CA LEU A 74 4.29 6.60 3.34
C LEU A 74 4.66 7.71 4.33
N ALA A 75 5.15 8.83 3.80
CA ALA A 75 5.54 9.96 4.64
C ALA A 75 4.49 10.24 5.72
N ALA A 76 3.24 9.89 5.42
CA ALA A 76 2.14 10.11 6.35
C ALA A 76 2.00 8.92 7.30
N ALA A 77 2.24 7.72 6.79
CA ALA A 77 2.14 6.51 7.59
C ALA A 77 3.25 6.46 8.65
N SER A 78 4.43 6.92 8.27
CA SER A 78 5.58 6.92 9.18
C SER A 78 5.30 7.78 10.41
N LEU A 79 5.21 7.14 11.57
CA LEU A 79 4.94 7.85 12.81
C LEU A 79 6.15 8.66 13.26
N GLU A 80 7.29 8.43 12.60
CA GLU A 80 8.52 9.13 12.91
C GLU A 80 8.60 10.45 12.15
N ALA A 81 8.49 10.38 10.83
CA ALA A 81 8.54 11.57 9.99
C ALA A 81 7.95 12.78 10.70
N GLU A 82 8.53 13.95 10.46
CA GLU A 82 8.06 15.18 11.09
C GLU A 82 6.55 15.33 10.92
N GLY A 83 5.82 15.03 11.99
CA GLY A 83 4.37 15.14 11.94
C GLY A 83 3.68 14.07 12.76
N GLY A 84 3.32 12.97 12.11
CA GLY A 84 2.66 11.88 12.81
C GLY A 84 2.49 10.66 11.93
N GLY A 85 1.68 9.70 12.39
CA GLY A 85 1.45 8.49 11.64
C GLY A 85 -0.01 8.11 11.58
N LEU A 86 -0.36 7.24 10.63
CA LEU A 86 -1.75 6.80 10.47
C LEU A 86 -2.04 5.61 11.38
N LYS A 87 -3.28 5.54 11.86
CA LYS A 87 -3.70 4.44 12.74
C LYS A 87 -5.16 4.08 12.50
N LEU A 88 -5.46 2.79 12.54
CA LEU A 88 -6.83 2.32 12.34
C LEU A 88 -7.32 1.53 13.55
N ASP A 89 -8.08 2.20 14.41
CA ASP A 89 -8.62 1.57 15.61
C ASP A 89 -7.51 1.28 16.62
N GLY A 90 -6.69 2.28 16.89
CA GLY A 90 -5.59 2.12 17.84
C GLY A 90 -4.53 1.16 17.33
N ARG A 91 -4.32 1.15 16.01
CA ARG A 91 -3.34 0.27 15.40
C ARG A 91 -2.47 1.04 14.41
N GLN A 92 -1.16 1.06 14.66
CA GLN A 92 -0.24 1.75 13.78
C GLN A 92 -0.07 1.01 12.46
N LEU A 93 -0.45 1.67 11.37
CA LEU A 93 -0.34 1.07 10.04
C LEU A 93 1.02 1.36 9.42
N LYS A 94 1.72 0.30 9.02
CA LYS A 94 3.03 0.43 8.42
C LYS A 94 2.94 0.29 6.90
N VAL A 95 2.99 1.43 6.20
CA VAL A 95 2.92 1.42 4.74
C VAL A 95 4.32 1.49 4.12
N ASP A 96 4.59 0.58 3.20
CA ASP A 96 5.89 0.52 2.53
C ASP A 96 5.72 0.12 1.06
N LEU A 97 6.54 0.72 0.20
CA LEU A 97 6.50 0.43 -1.22
C LEU A 97 6.80 -1.04 -1.50
N ALA A 98 5.76 -1.83 -1.71
CA ALA A 98 5.92 -3.25 -1.97
C ALA A 98 6.15 -3.50 -3.46
N VAL A 99 6.25 -4.77 -3.84
CA VAL A 99 6.47 -5.15 -5.23
C VAL A 99 6.15 -6.62 -5.46
N THR A 100 5.54 -6.90 -6.61
CA THR A 100 5.17 -8.27 -6.96
C THR A 100 6.36 -9.04 -7.51
N ARG A 101 6.88 -8.57 -8.64
CA ARG A 101 8.03 -9.22 -9.27
C ARG A 101 9.27 -9.11 -8.40
N ASP A 102 10.12 -10.13 -8.45
CA ASP A 102 11.35 -10.13 -7.67
C ASP A 102 12.53 -9.64 -8.50
N GLU A 103 12.32 -8.58 -9.26
CA GLU A 103 13.36 -8.01 -10.10
C GLU A 103 13.89 -9.05 -11.08
N ALA A 104 12.98 -9.83 -11.66
CA ALA A 104 13.36 -10.86 -12.62
C ALA A 104 12.64 -10.66 -13.95
N ALA A 105 13.34 -10.03 -14.90
CA ALA A 105 12.77 -9.78 -16.21
C ALA A 105 13.80 -10.04 -17.31
N SER A 106 13.56 -11.08 -18.11
CA SER A 106 14.46 -11.44 -19.19
C SER A 106 13.73 -11.45 -20.53
N GLY A 107 14.24 -10.67 -21.49
CA GLY A 107 13.63 -10.61 -22.80
C GLY A 107 14.31 -9.61 -23.70
N PRO A 108 13.79 -8.37 -23.71
CA PRO A 108 14.34 -7.29 -24.54
C PRO A 108 15.71 -6.83 -24.06
N SER A 109 16.61 -6.57 -25.01
CA SER A 109 17.96 -6.12 -24.68
C SER A 109 18.68 -5.63 -25.92
N SER A 110 19.02 -4.34 -25.93
CA SER A 110 19.73 -3.75 -27.07
C SER A 110 20.81 -4.69 -27.59
N GLY A 111 21.00 -4.68 -28.90
CA GLY A 111 22.00 -5.54 -29.51
C GLY A 111 23.39 -4.94 -29.45
N GLY A 1 -17.27 29.32 -22.24
CA GLY A 1 -16.31 28.36 -21.71
C GLY A 1 -15.04 28.30 -22.54
N SER A 2 -14.91 27.22 -23.32
CA SER A 2 -13.73 27.03 -24.16
C SER A 2 -12.45 27.30 -23.37
N SER A 3 -12.41 26.79 -22.15
CA SER A 3 -11.24 26.97 -21.28
C SER A 3 -11.31 26.02 -20.09
N GLY A 4 -10.18 25.37 -19.79
CA GLY A 4 -10.13 24.44 -18.68
C GLY A 4 -9.19 23.29 -18.93
N SER A 5 -8.01 23.35 -18.32
CA SER A 5 -7.01 22.29 -18.48
C SER A 5 -7.26 21.15 -17.51
N SER A 6 -6.94 19.93 -17.93
CA SER A 6 -7.15 18.75 -17.10
C SER A 6 -5.88 17.89 -17.07
N GLY A 7 -5.35 17.59 -18.25
CA GLY A 7 -4.16 16.79 -18.35
C GLY A 7 -4.36 15.37 -17.83
N LEU A 8 -5.14 14.59 -18.56
CA LEU A 8 -5.43 13.21 -18.18
C LEU A 8 -4.17 12.53 -17.64
N PRO A 9 -4.37 11.53 -16.76
CA PRO A 9 -3.27 10.78 -16.16
C PRO A 9 -2.56 9.88 -17.17
N SER A 10 -2.98 9.96 -18.42
CA SER A 10 -2.38 9.16 -19.48
C SER A 10 -0.90 8.92 -19.22
N ASP A 11 -0.56 7.68 -18.85
CA ASP A 11 0.83 7.33 -18.57
C ASP A 11 1.12 5.90 -19.02
N VAL A 12 2.40 5.56 -19.09
CA VAL A 12 2.82 4.22 -19.51
C VAL A 12 3.73 3.57 -18.46
N THR A 13 3.36 3.74 -17.19
CA THR A 13 4.15 3.17 -16.09
C THR A 13 3.25 2.80 -14.91
N GLU A 14 3.50 1.64 -14.33
CA GLU A 14 2.71 1.18 -13.19
C GLU A 14 3.63 0.76 -12.03
N GLY A 15 4.59 1.62 -11.70
CA GLY A 15 5.50 1.32 -10.62
C GLY A 15 5.07 1.94 -9.30
N LYS A 16 3.81 1.74 -8.94
CA LYS A 16 3.28 2.28 -7.70
C LYS A 16 2.63 1.18 -6.86
N THR A 17 3.18 0.97 -5.67
CA THR A 17 2.67 -0.06 -4.77
C THR A 17 2.67 0.42 -3.32
N VAL A 18 1.92 -0.26 -2.46
CA VAL A 18 1.83 0.09 -1.06
C VAL A 18 1.39 -1.10 -0.21
N PHE A 19 2.26 -1.52 0.71
CA PHE A 19 1.95 -2.64 1.58
C PHE A 19 1.75 -2.17 3.02
N ILE A 20 0.58 -2.46 3.57
CA ILE A 20 0.26 -2.07 4.95
C ILE A 20 0.54 -3.21 5.92
N ARG A 21 1.12 -2.88 7.06
CA ARG A 21 1.44 -3.87 8.08
C ARG A 21 0.83 -3.49 9.43
N ASN A 22 0.64 -4.48 10.29
CA ASN A 22 0.07 -4.25 11.61
C ASN A 22 -1.37 -3.77 11.50
N LEU A 23 -2.17 -4.48 10.70
CA LEU A 23 -3.57 -4.13 10.50
C LEU A 23 -4.45 -4.79 11.57
N SER A 24 -5.55 -4.13 11.91
CA SER A 24 -6.46 -4.64 12.92
C SER A 24 -7.54 -5.53 12.27
N PHE A 25 -7.70 -6.73 12.80
CA PHE A 25 -8.69 -7.67 12.28
C PHE A 25 -9.97 -6.95 11.89
N ASP A 26 -10.41 -6.03 12.75
CA ASP A 26 -11.62 -5.27 12.51
C ASP A 26 -11.57 -4.57 11.15
N SER A 27 -10.40 -4.01 10.83
CA SER A 27 -10.21 -3.31 9.57
C SER A 27 -10.93 -4.03 8.43
N GLU A 28 -11.24 -3.29 7.37
CA GLU A 28 -11.92 -3.87 6.21
C GLU A 28 -11.43 -3.21 4.92
N GLU A 29 -11.20 -4.03 3.90
CA GLU A 29 -10.74 -3.53 2.61
C GLU A 29 -11.36 -2.18 2.29
N GLU A 30 -12.66 -2.05 2.57
CA GLU A 30 -13.37 -0.80 2.31
C GLU A 30 -12.77 0.34 3.13
N ALA A 31 -12.80 0.20 4.44
CA ALA A 31 -12.25 1.22 5.34
C ALA A 31 -10.78 1.46 5.05
N LEU A 32 -9.99 0.39 5.04
CA LEU A 32 -8.56 0.50 4.79
C LEU A 32 -8.29 1.33 3.54
N GLY A 33 -8.97 0.98 2.45
CA GLY A 33 -8.78 1.71 1.20
C GLY A 33 -9.14 3.17 1.33
N GLU A 34 -10.37 3.45 1.76
CA GLU A 34 -10.84 4.82 1.91
C GLU A 34 -9.86 5.64 2.76
N VAL A 35 -8.98 4.93 3.48
CA VAL A 35 -8.00 5.58 4.33
C VAL A 35 -6.76 5.98 3.53
N LEU A 36 -6.48 5.22 2.48
CA LEU A 36 -5.32 5.49 1.63
C LEU A 36 -5.70 6.35 0.43
N GLN A 37 -6.88 6.09 -0.12
CA GLN A 37 -7.36 6.86 -1.27
C GLN A 37 -7.26 8.36 -1.01
N GLN A 38 -7.14 8.72 0.27
CA GLN A 38 -7.04 10.13 0.65
C GLN A 38 -5.85 10.79 -0.04
N PHE A 39 -4.71 10.11 -0.05
CA PHE A 39 -3.51 10.64 -0.67
C PHE A 39 -3.60 10.54 -2.20
N GLY A 40 -4.41 9.60 -2.68
CA GLY A 40 -4.57 9.42 -4.11
C GLY A 40 -5.50 8.27 -4.45
N ASP A 41 -6.32 8.47 -5.47
CA ASP A 41 -7.27 7.44 -5.90
C ASP A 41 -6.59 6.08 -5.99
N LEU A 42 -7.07 5.13 -5.19
CA LEU A 42 -6.51 3.78 -5.18
C LEU A 42 -6.94 3.00 -6.41
N LYS A 43 -6.03 2.21 -6.97
CA LYS A 43 -6.31 1.41 -8.15
C LYS A 43 -6.93 0.08 -7.75
N TYR A 44 -6.35 -0.57 -6.75
CA TYR A 44 -6.84 -1.86 -6.28
C TYR A 44 -6.38 -2.12 -4.85
N VAL A 45 -7.34 -2.38 -3.96
CA VAL A 45 -7.04 -2.66 -2.57
C VAL A 45 -7.46 -4.07 -2.17
N ARG A 46 -6.48 -4.89 -1.78
CA ARG A 46 -6.74 -6.26 -1.38
C ARG A 46 -6.10 -6.57 -0.04
N VAL A 47 -6.86 -7.26 0.82
CA VAL A 47 -6.36 -7.62 2.14
C VAL A 47 -6.32 -9.14 2.32
N VAL A 48 -5.12 -9.68 2.52
CA VAL A 48 -4.94 -11.11 2.70
C VAL A 48 -5.67 -11.60 3.95
N LEU A 49 -6.41 -12.70 3.81
CA LEU A 49 -7.16 -13.27 4.92
C LEU A 49 -6.81 -14.74 5.12
N HIS A 50 -7.14 -15.27 6.29
CA HIS A 50 -6.87 -16.67 6.60
C HIS A 50 -7.52 -17.59 5.56
N PRO A 51 -6.79 -18.66 5.19
CA PRO A 51 -7.27 -19.64 4.21
C PRO A 51 -8.44 -20.48 4.74
N ASP A 52 -8.46 -20.67 6.06
CA ASP A 52 -9.52 -21.44 6.70
C ASP A 52 -10.54 -20.53 7.38
N THR A 53 -10.07 -19.36 7.81
CA THR A 53 -10.94 -18.40 8.48
C THR A 53 -11.06 -17.11 7.68
N GLU A 54 -11.90 -16.20 8.15
CA GLU A 54 -12.10 -14.92 7.47
C GLU A 54 -11.30 -13.82 8.15
N HIS A 55 -10.28 -14.21 8.92
CA HIS A 55 -9.43 -13.26 9.61
C HIS A 55 -8.39 -12.66 8.67
N SER A 56 -7.66 -11.67 9.16
CA SER A 56 -6.63 -11.02 8.36
C SER A 56 -5.25 -11.15 9.01
N LYS A 57 -4.22 -11.19 8.19
CA LYS A 57 -2.85 -11.32 8.67
C LYS A 57 -2.26 -9.96 9.00
N GLY A 58 -3.06 -9.10 9.63
CA GLY A 58 -2.59 -7.78 9.98
C GLY A 58 -1.77 -7.13 8.88
N CYS A 59 -2.10 -7.46 7.64
CA CYS A 59 -1.38 -6.91 6.49
C CYS A 59 -2.28 -6.87 5.26
N ALA A 60 -1.99 -5.94 4.35
CA ALA A 60 -2.77 -5.81 3.12
C ALA A 60 -1.96 -5.11 2.04
N PHE A 61 -2.29 -5.40 0.78
CA PHE A 61 -1.59 -4.80 -0.35
C PHE A 61 -2.54 -3.95 -1.19
N ALA A 62 -2.11 -2.74 -1.53
CA ALA A 62 -2.92 -1.83 -2.33
C ALA A 62 -2.08 -1.16 -3.41
N GLN A 63 -2.74 -0.41 -4.28
CA GLN A 63 -2.06 0.29 -5.36
C GLN A 63 -2.64 1.69 -5.56
N PHE A 64 -1.79 2.63 -5.95
CA PHE A 64 -2.21 4.01 -6.18
C PHE A 64 -2.27 4.31 -7.67
N MET A 65 -2.82 5.48 -7.99
CA MET A 65 -2.95 5.90 -9.39
C MET A 65 -1.68 6.60 -9.86
N THR A 66 -1.00 7.28 -8.94
CA THR A 66 0.22 7.99 -9.27
C THR A 66 1.33 7.66 -8.28
N GLN A 67 2.57 7.61 -8.77
CA GLN A 67 3.71 7.30 -7.92
C GLN A 67 3.74 8.20 -6.69
N GLU A 68 3.61 9.50 -6.92
CA GLU A 68 3.62 10.48 -5.82
C GLU A 68 2.62 10.08 -4.75
N ALA A 69 1.47 9.57 -5.17
CA ALA A 69 0.43 9.15 -4.23
C ALA A 69 0.99 8.21 -3.17
N ALA A 70 1.56 7.10 -3.62
CA ALA A 70 2.13 6.11 -2.70
C ALA A 70 3.11 6.76 -1.74
N GLN A 71 4.07 7.50 -2.29
CA GLN A 71 5.08 8.16 -1.48
C GLN A 71 4.42 9.07 -0.45
N LYS A 72 3.37 9.76 -0.86
CA LYS A 72 2.65 10.67 0.03
C LYS A 72 2.05 9.90 1.22
N CYS A 73 1.71 8.65 0.99
CA CYS A 73 1.14 7.81 2.04
C CYS A 73 2.20 7.38 3.04
N LEU A 74 3.39 7.07 2.53
CA LEU A 74 4.50 6.64 3.38
C LEU A 74 4.85 7.72 4.40
N ALA A 75 5.30 8.86 3.91
CA ALA A 75 5.67 9.97 4.79
C ALA A 75 4.64 10.16 5.89
N ALA A 76 3.40 9.79 5.61
CA ALA A 76 2.32 9.92 6.57
C ALA A 76 2.16 8.65 7.41
N ALA A 77 2.54 7.52 6.82
CA ALA A 77 2.45 6.24 7.51
C ALA A 77 3.57 6.08 8.54
N SER A 78 4.73 6.64 8.22
CA SER A 78 5.90 6.56 9.11
C SER A 78 5.83 7.64 10.19
N LEU A 79 5.67 7.22 11.43
CA LEU A 79 5.58 8.14 12.55
C LEU A 79 6.81 9.06 12.60
N GLU A 80 7.96 8.50 12.25
CA GLU A 80 9.21 9.27 12.25
C GLU A 80 9.12 10.44 11.27
N ALA A 81 8.63 10.16 10.06
CA ALA A 81 8.50 11.19 9.03
C ALA A 81 7.72 12.38 9.55
N GLU A 82 8.11 13.58 9.12
CA GLU A 82 7.44 14.80 9.54
C GLU A 82 5.93 14.69 9.35
N GLY A 83 5.18 15.19 10.34
CA GLY A 83 3.74 15.13 10.26
C GLY A 83 3.13 14.22 11.31
N GLY A 84 3.41 12.92 11.20
CA GLY A 84 2.88 11.96 12.15
C GLY A 84 2.69 10.59 11.54
N GLY A 85 1.98 9.72 12.26
CA GLY A 85 1.74 8.38 11.76
C GLY A 85 0.26 8.05 11.71
N LEU A 86 -0.11 7.11 10.83
CA LEU A 86 -1.50 6.71 10.69
C LEU A 86 -1.85 5.61 11.69
N LYS A 87 -3.11 5.58 12.12
CA LYS A 87 -3.58 4.59 13.06
C LYS A 87 -5.01 4.17 12.76
N LEU A 88 -5.24 2.86 12.64
CA LEU A 88 -6.57 2.34 12.35
C LEU A 88 -7.05 1.42 13.47
N ASP A 89 -7.91 1.94 14.33
CA ASP A 89 -8.45 1.17 15.44
C ASP A 89 -7.39 0.97 16.53
N GLY A 90 -6.63 2.02 16.80
CA GLY A 90 -5.59 1.94 17.81
C GLY A 90 -4.44 1.05 17.39
N ARG A 91 -4.09 1.10 16.11
CA ARG A 91 -3.00 0.28 15.57
C ARG A 91 -2.21 1.06 14.53
N GLN A 92 -0.91 1.23 14.78
CA GLN A 92 -0.05 1.95 13.85
C GLN A 92 0.02 1.25 12.50
N LEU A 93 -0.32 1.96 11.45
CA LEU A 93 -0.29 1.41 10.10
C LEU A 93 1.07 1.61 9.45
N LYS A 94 1.68 0.50 9.02
CA LYS A 94 2.99 0.56 8.37
C LYS A 94 2.87 0.37 6.87
N VAL A 95 2.98 1.47 6.13
CA VAL A 95 2.88 1.42 4.67
C VAL A 95 4.25 1.54 4.02
N ASP A 96 4.58 0.60 3.15
CA ASP A 96 5.86 0.60 2.45
C ASP A 96 5.69 0.22 0.99
N LEU A 97 6.50 0.83 0.13
CA LEU A 97 6.44 0.55 -1.30
C LEU A 97 6.77 -0.91 -1.59
N ALA A 98 5.73 -1.71 -1.81
CA ALA A 98 5.90 -3.12 -2.11
C ALA A 98 6.17 -3.36 -3.59
N VAL A 99 6.24 -4.62 -3.99
CA VAL A 99 6.49 -4.97 -5.38
C VAL A 99 5.71 -6.22 -5.78
N THR A 100 4.95 -6.12 -6.86
CA THR A 100 4.16 -7.24 -7.36
C THR A 100 4.97 -8.12 -8.28
N ARG A 101 5.20 -9.36 -7.87
CA ARG A 101 5.97 -10.31 -8.67
C ARG A 101 5.58 -11.75 -8.34
N ASP A 102 6.10 -12.69 -9.11
CA ASP A 102 5.81 -14.10 -8.89
C ASP A 102 6.13 -14.51 -7.45
N GLU A 103 5.09 -14.75 -6.67
CA GLU A 103 5.25 -15.14 -5.27
C GLU A 103 5.41 -16.65 -5.14
N ALA A 104 6.32 -17.21 -5.94
CA ALA A 104 6.57 -18.65 -5.92
C ALA A 104 7.67 -19.00 -4.92
N ALA A 105 7.28 -19.26 -3.68
CA ALA A 105 8.24 -19.61 -2.63
C ALA A 105 7.88 -20.96 -2.00
N SER A 106 8.41 -22.03 -2.59
CA SER A 106 8.15 -23.37 -2.07
C SER A 106 9.27 -23.83 -1.16
N GLY A 107 8.91 -24.46 -0.05
CA GLY A 107 9.91 -24.94 0.89
C GLY A 107 11.03 -23.95 1.11
N PRO A 108 10.80 -22.94 1.96
CA PRO A 108 11.78 -21.91 2.27
C PRO A 108 12.96 -22.45 3.08
N SER A 109 14.16 -21.98 2.76
CA SER A 109 15.36 -22.43 3.45
C SER A 109 16.24 -21.23 3.82
N SER A 110 16.47 -20.36 2.85
CA SER A 110 17.30 -19.17 3.06
C SER A 110 16.55 -18.11 3.87
N GLY A 111 16.59 -18.25 5.19
CA GLY A 111 15.91 -17.30 6.05
C GLY A 111 16.50 -15.91 5.96
N GLY A 1 -16.58 22.92 -30.76
CA GLY A 1 -15.49 23.68 -30.19
C GLY A 1 -14.91 23.01 -28.96
N SER A 2 -13.59 23.05 -28.84
CA SER A 2 -12.90 22.44 -27.71
C SER A 2 -11.41 22.72 -27.74
N SER A 3 -10.75 22.58 -26.60
CA SER A 3 -9.32 22.83 -26.50
C SER A 3 -8.77 22.35 -25.16
N GLY A 4 -7.45 22.26 -25.06
CA GLY A 4 -6.82 21.81 -23.84
C GLY A 4 -5.54 21.04 -24.10
N SER A 5 -4.42 21.74 -24.12
CA SER A 5 -3.12 21.12 -24.36
C SER A 5 -2.32 21.03 -23.07
N SER A 6 -2.30 19.85 -22.47
CA SER A 6 -1.57 19.63 -21.22
C SER A 6 -0.90 18.26 -21.21
N GLY A 7 0.34 18.21 -20.74
CA GLY A 7 1.06 16.95 -20.69
C GLY A 7 2.53 17.15 -20.36
N LEU A 8 3.01 16.43 -19.36
CA LEU A 8 4.42 16.52 -18.96
C LEU A 8 5.28 15.52 -19.71
N PRO A 9 6.57 15.85 -19.88
CA PRO A 9 7.52 14.99 -20.59
C PRO A 9 7.84 13.71 -19.80
N SER A 10 7.50 13.72 -18.51
CA SER A 10 7.76 12.57 -17.65
C SER A 10 7.33 11.27 -18.34
N ASP A 11 7.72 10.15 -17.75
CA ASP A 11 7.38 8.84 -18.31
C ASP A 11 6.37 8.12 -17.40
N VAL A 12 5.22 7.78 -17.97
CA VAL A 12 4.19 7.09 -17.22
C VAL A 12 4.45 5.59 -17.17
N THR A 13 4.91 5.11 -16.01
CA THR A 13 5.20 3.69 -15.84
C THR A 13 4.47 3.12 -14.63
N GLU A 14 4.00 1.88 -14.75
CA GLU A 14 3.27 1.22 -13.68
C GLU A 14 4.24 0.72 -12.60
N GLY A 15 4.53 1.59 -11.64
CA GLY A 15 5.43 1.22 -10.56
C GLY A 15 5.01 1.80 -9.22
N LYS A 16 3.73 1.69 -8.91
CA LYS A 16 3.20 2.20 -7.65
C LYS A 16 2.60 1.09 -6.81
N THR A 17 3.17 0.86 -5.63
CA THR A 17 2.68 -0.17 -4.73
C THR A 17 2.72 0.30 -3.28
N VAL A 18 1.83 -0.27 -2.46
CA VAL A 18 1.76 0.09 -1.05
C VAL A 18 1.31 -1.09 -0.20
N PHE A 19 2.18 -1.51 0.72
CA PHE A 19 1.88 -2.64 1.59
C PHE A 19 1.67 -2.17 3.03
N ILE A 20 0.52 -2.53 3.60
CA ILE A 20 0.19 -2.15 4.96
C ILE A 20 0.46 -3.30 5.93
N ARG A 21 1.05 -2.96 7.08
CA ARG A 21 1.37 -3.96 8.10
C ARG A 21 0.73 -3.59 9.44
N ASN A 22 0.77 -4.53 10.38
CA ASN A 22 0.19 -4.31 11.70
C ASN A 22 -1.27 -3.89 11.59
N LEU A 23 -2.01 -4.55 10.72
CA LEU A 23 -3.42 -4.25 10.53
C LEU A 23 -4.27 -4.83 11.66
N SER A 24 -5.44 -4.24 11.88
CA SER A 24 -6.34 -4.69 12.93
C SER A 24 -7.43 -5.59 12.35
N PHE A 25 -7.66 -6.73 13.00
CA PHE A 25 -8.68 -7.68 12.55
C PHE A 25 -9.97 -6.95 12.20
N ASP A 26 -10.23 -5.85 12.90
CA ASP A 26 -11.44 -5.07 12.66
C ASP A 26 -11.39 -4.40 11.29
N SER A 27 -10.20 -3.93 10.91
CA SER A 27 -10.02 -3.26 9.63
C SER A 27 -10.70 -4.03 8.51
N GLU A 28 -10.91 -3.37 7.37
CA GLU A 28 -11.55 -3.99 6.23
C GLU A 28 -11.00 -3.44 4.92
N GLU A 29 -11.28 -4.13 3.82
CA GLU A 29 -10.81 -3.71 2.51
C GLU A 29 -11.38 -2.34 2.14
N GLU A 30 -12.64 -2.10 2.54
CA GLU A 30 -13.29 -0.84 2.25
C GLU A 30 -12.68 0.30 3.07
N ALA A 31 -12.67 0.15 4.38
CA ALA A 31 -12.10 1.16 5.27
C ALA A 31 -10.63 1.38 4.98
N LEU A 32 -9.86 0.30 5.00
CA LEU A 32 -8.43 0.36 4.74
C LEU A 32 -8.13 1.30 3.56
N GLY A 33 -8.78 1.04 2.43
CA GLY A 33 -8.57 1.86 1.25
C GLY A 33 -8.97 3.30 1.48
N GLU A 34 -10.22 3.51 1.92
CA GLU A 34 -10.73 4.85 2.17
C GLU A 34 -9.71 5.68 2.96
N VAL A 35 -8.81 4.99 3.65
CA VAL A 35 -7.79 5.66 4.44
C VAL A 35 -6.65 6.16 3.56
N LEU A 36 -6.21 5.32 2.64
CA LEU A 36 -5.13 5.68 1.73
C LEU A 36 -5.62 6.63 0.64
N GLN A 37 -6.84 6.40 0.17
CA GLN A 37 -7.43 7.24 -0.87
C GLN A 37 -7.21 8.72 -0.56
N GLN A 38 -7.39 9.09 0.71
CA GLN A 38 -7.21 10.48 1.13
C GLN A 38 -6.04 11.12 0.41
N PHE A 39 -4.97 10.36 0.23
CA PHE A 39 -3.78 10.85 -0.45
C PHE A 39 -3.97 10.82 -1.97
N GLY A 40 -4.43 9.69 -2.48
CA GLY A 40 -4.64 9.54 -3.91
C GLY A 40 -5.51 8.36 -4.25
N ASP A 41 -6.22 8.44 -5.37
CA ASP A 41 -7.10 7.36 -5.80
C ASP A 41 -6.37 6.02 -5.77
N LEU A 42 -6.99 5.04 -5.13
CA LEU A 42 -6.40 3.71 -5.01
C LEU A 42 -6.82 2.82 -6.18
N LYS A 43 -5.85 2.45 -7.01
CA LYS A 43 -6.11 1.60 -8.17
C LYS A 43 -6.81 0.31 -7.75
N TYR A 44 -6.37 -0.27 -6.64
CA TYR A 44 -6.95 -1.50 -6.13
C TYR A 44 -6.54 -1.74 -4.69
N VAL A 45 -7.43 -2.36 -3.91
CA VAL A 45 -7.16 -2.65 -2.51
C VAL A 45 -7.53 -4.09 -2.17
N ARG A 46 -6.52 -4.90 -1.88
CA ARG A 46 -6.74 -6.30 -1.54
C ARG A 46 -6.08 -6.64 -0.21
N VAL A 47 -6.83 -7.31 0.67
CA VAL A 47 -6.33 -7.70 1.98
C VAL A 47 -6.31 -9.21 2.13
N VAL A 48 -5.11 -9.79 2.15
CA VAL A 48 -4.95 -11.23 2.30
C VAL A 48 -5.57 -11.72 3.60
N LEU A 49 -6.42 -12.74 3.50
CA LEU A 49 -7.08 -13.30 4.68
C LEU A 49 -6.66 -14.75 4.89
N HIS A 50 -6.92 -15.27 6.08
CA HIS A 50 -6.58 -16.65 6.41
C HIS A 50 -7.45 -17.63 5.64
N PRO A 51 -6.85 -18.74 5.18
CA PRO A 51 -7.57 -19.77 4.43
C PRO A 51 -8.56 -20.55 5.29
N ASP A 52 -8.12 -20.90 6.50
CA ASP A 52 -8.96 -21.64 7.42
C ASP A 52 -10.18 -20.81 7.84
N THR A 53 -9.92 -19.61 8.32
CA THR A 53 -10.99 -18.71 8.76
C THR A 53 -10.84 -17.33 8.14
N GLU A 54 -11.86 -16.49 8.32
CA GLU A 54 -11.84 -15.13 7.78
C GLU A 54 -11.09 -14.19 8.71
N HIS A 55 -9.83 -14.52 9.00
CA HIS A 55 -9.01 -13.70 9.88
C HIS A 55 -7.92 -12.98 9.08
N SER A 56 -7.91 -11.65 9.20
CA SER A 56 -6.94 -10.84 8.48
C SER A 56 -5.52 -11.11 8.99
N LYS A 57 -4.59 -11.31 8.06
CA LYS A 57 -3.19 -11.57 8.42
C LYS A 57 -2.47 -10.29 8.77
N GLY A 58 -3.14 -9.42 9.53
CA GLY A 58 -2.53 -8.16 9.92
C GLY A 58 -1.67 -7.56 8.83
N CYS A 59 -2.10 -7.73 7.59
CA CYS A 59 -1.37 -7.19 6.44
C CYS A 59 -2.26 -7.11 5.21
N ALA A 60 -1.94 -6.17 4.33
CA ALA A 60 -2.73 -5.99 3.11
C ALA A 60 -1.90 -5.28 2.03
N PHE A 61 -2.27 -5.49 0.78
CA PHE A 61 -1.57 -4.87 -0.34
C PHE A 61 -2.50 -3.97 -1.15
N ALA A 62 -2.01 -2.77 -1.48
CA ALA A 62 -2.80 -1.81 -2.25
C ALA A 62 -1.98 -1.20 -3.36
N GLN A 63 -2.63 -0.42 -4.22
CA GLN A 63 -1.96 0.22 -5.34
C GLN A 63 -2.55 1.61 -5.61
N PHE A 64 -1.69 2.60 -5.76
CA PHE A 64 -2.13 3.97 -6.02
C PHE A 64 -2.23 4.21 -7.52
N MET A 65 -2.82 5.35 -7.88
CA MET A 65 -2.99 5.73 -9.28
C MET A 65 -1.74 6.42 -9.81
N THR A 66 -0.98 7.03 -8.91
CA THR A 66 0.24 7.74 -9.29
C THR A 66 1.34 7.51 -8.26
N GLN A 67 2.58 7.46 -8.73
CA GLN A 67 3.73 7.24 -7.85
C GLN A 67 3.71 8.24 -6.70
N GLU A 68 3.54 9.51 -7.02
CA GLU A 68 3.50 10.55 -6.00
C GLU A 68 2.61 10.16 -4.83
N ALA A 69 1.46 9.58 -5.16
CA ALA A 69 0.50 9.15 -4.14
C ALA A 69 1.17 8.20 -3.14
N ALA A 70 1.56 7.02 -3.62
CA ALA A 70 2.21 6.04 -2.77
C ALA A 70 3.22 6.69 -1.83
N GLN A 71 4.03 7.58 -2.38
CA GLN A 71 5.04 8.28 -1.59
C GLN A 71 4.40 9.17 -0.53
N LYS A 72 3.31 9.84 -0.90
CA LYS A 72 2.60 10.71 0.01
C LYS A 72 1.99 9.93 1.17
N CYS A 73 1.73 8.65 0.92
CA CYS A 73 1.14 7.77 1.93
C CYS A 73 2.21 7.30 2.91
N LEU A 74 3.40 7.04 2.40
CA LEU A 74 4.51 6.58 3.24
C LEU A 74 4.87 7.62 4.29
N ALA A 75 5.26 8.80 3.82
CA ALA A 75 5.64 9.89 4.72
C ALA A 75 4.56 10.13 5.77
N ALA A 76 3.30 9.95 5.37
CA ALA A 76 2.18 10.14 6.28
C ALA A 76 2.03 8.96 7.24
N ALA A 77 2.40 7.78 6.76
CA ALA A 77 2.32 6.57 7.57
C ALA A 77 3.44 6.51 8.60
N SER A 78 4.63 6.96 8.19
CA SER A 78 5.79 6.95 9.08
C SER A 78 5.71 8.09 10.10
N LEU A 79 5.31 7.73 11.32
CA LEU A 79 5.19 8.71 12.39
C LEU A 79 6.43 9.61 12.45
N GLU A 80 7.53 9.13 11.90
CA GLU A 80 8.77 9.89 11.89
C GLU A 80 8.65 11.13 11.00
N ALA A 81 8.25 10.91 9.76
CA ALA A 81 8.08 12.00 8.81
C ALA A 81 7.09 13.04 9.33
N GLU A 82 7.47 14.32 9.22
CA GLU A 82 6.61 15.40 9.68
C GLU A 82 5.80 14.98 10.90
N GLY A 83 6.45 14.26 11.82
CA GLY A 83 5.78 13.80 13.02
C GLY A 83 4.34 13.43 12.77
N GLY A 84 4.09 12.66 11.72
CA GLY A 84 2.73 12.26 11.39
C GLY A 84 2.65 10.79 11.01
N GLY A 85 1.73 10.07 11.65
CA GLY A 85 1.57 8.65 11.36
C GLY A 85 0.11 8.24 11.30
N LEU A 86 -0.18 7.21 10.52
CA LEU A 86 -1.54 6.71 10.37
C LEU A 86 -1.85 5.67 11.43
N LYS A 87 -3.13 5.60 11.83
CA LYS A 87 -3.57 4.65 12.83
C LYS A 87 -4.99 4.19 12.57
N LEU A 88 -5.27 2.93 12.86
CA LEU A 88 -6.60 2.36 12.65
C LEU A 88 -7.04 1.52 13.85
N ASP A 89 -8.03 2.02 14.59
CA ASP A 89 -8.54 1.31 15.75
C ASP A 89 -7.46 1.19 16.83
N GLY A 90 -6.54 2.16 16.86
CA GLY A 90 -5.48 2.14 17.84
C GLY A 90 -4.30 1.29 17.40
N ARG A 91 -4.14 1.15 16.09
CA ARG A 91 -3.06 0.35 15.54
C ARG A 91 -2.25 1.16 14.52
N GLN A 92 -0.96 1.31 14.78
CA GLN A 92 -0.08 2.06 13.89
C GLN A 92 0.10 1.33 12.55
N LEU A 93 -0.52 1.85 11.51
CA LEU A 93 -0.43 1.24 10.19
C LEU A 93 0.95 1.46 9.59
N LYS A 94 1.53 0.39 9.06
CA LYS A 94 2.85 0.46 8.45
C LYS A 94 2.76 0.32 6.93
N VAL A 95 2.88 1.45 6.23
CA VAL A 95 2.81 1.45 4.77
C VAL A 95 4.20 1.53 4.15
N ASP A 96 4.48 0.63 3.21
CA ASP A 96 5.78 0.60 2.55
C ASP A 96 5.62 0.20 1.09
N LEU A 97 6.43 0.80 0.22
CA LEU A 97 6.39 0.50 -1.21
C LEU A 97 6.72 -0.97 -1.46
N ALA A 98 5.68 -1.77 -1.67
CA ALA A 98 5.87 -3.19 -1.93
C ALA A 98 6.15 -3.45 -3.41
N VAL A 99 6.28 -4.73 -3.77
CA VAL A 99 6.55 -5.10 -5.15
C VAL A 99 5.76 -6.34 -5.55
N THR A 100 5.07 -6.26 -6.68
CA THR A 100 4.28 -7.38 -7.17
C THR A 100 5.09 -8.67 -7.18
N ARG A 101 4.48 -9.75 -6.71
CA ARG A 101 5.16 -11.05 -6.67
C ARG A 101 4.18 -12.16 -6.28
N ASP A 102 4.11 -13.19 -7.10
CA ASP A 102 3.21 -14.32 -6.84
C ASP A 102 3.81 -15.27 -5.81
N GLU A 103 3.18 -15.36 -4.65
CA GLU A 103 3.65 -16.23 -3.59
C GLU A 103 2.74 -17.44 -3.42
N ALA A 104 3.07 -18.52 -4.13
CA ALA A 104 2.28 -19.75 -4.06
C ALA A 104 3.17 -20.95 -3.80
N ALA A 105 3.32 -21.30 -2.52
CA ALA A 105 4.14 -22.43 -2.13
C ALA A 105 3.30 -23.53 -1.49
N SER A 106 3.83 -24.75 -1.48
CA SER A 106 3.13 -25.88 -0.90
C SER A 106 4.08 -27.04 -0.63
N GLY A 107 3.96 -27.64 0.55
CA GLY A 107 4.82 -28.75 0.91
C GLY A 107 4.50 -29.32 2.28
N PRO A 108 3.46 -30.16 2.34
CA PRO A 108 3.03 -30.79 3.59
C PRO A 108 4.03 -31.83 4.10
N SER A 109 3.72 -32.43 5.24
CA SER A 109 4.59 -33.43 5.84
C SER A 109 3.88 -34.77 5.95
N SER A 110 4.67 -35.85 5.98
CA SER A 110 4.11 -37.19 6.08
C SER A 110 4.59 -37.89 7.35
N GLY A 111 4.12 -39.11 7.56
CA GLY A 111 4.52 -39.87 8.74
C GLY A 111 3.37 -40.68 9.32
N GLY A 1 25.92 24.46 -1.35
CA GLY A 1 24.57 24.71 -1.82
C GLY A 1 23.60 23.62 -1.39
N SER A 2 22.97 22.98 -2.36
CA SER A 2 22.01 21.92 -2.09
C SER A 2 21.78 21.05 -3.32
N SER A 3 21.35 19.81 -3.10
CA SER A 3 21.09 18.89 -4.20
C SER A 3 19.94 17.95 -3.86
N GLY A 4 18.85 18.07 -4.62
CA GLY A 4 17.69 17.24 -4.38
C GLY A 4 17.32 16.39 -5.59
N SER A 5 16.10 16.55 -6.08
CA SER A 5 15.63 15.80 -7.24
C SER A 5 14.61 16.62 -8.04
N SER A 6 14.66 16.47 -9.36
CA SER A 6 13.75 17.19 -10.24
C SER A 6 13.80 16.63 -11.65
N GLY A 7 12.62 16.34 -12.21
CA GLY A 7 12.55 15.80 -13.56
C GLY A 7 11.12 15.58 -14.02
N LEU A 8 10.90 15.70 -15.32
CA LEU A 8 9.56 15.51 -15.89
C LEU A 8 8.91 14.25 -15.33
N PRO A 9 7.58 14.27 -15.23
CA PRO A 9 6.79 13.14 -14.72
C PRO A 9 6.80 11.95 -15.68
N SER A 10 7.26 10.81 -15.18
CA SER A 10 7.33 9.60 -16.00
C SER A 10 6.47 8.49 -15.40
N ASP A 11 5.24 8.84 -15.02
CA ASP A 11 4.31 7.88 -14.43
C ASP A 11 3.59 7.08 -15.52
N VAL A 12 4.32 6.73 -16.56
CA VAL A 12 3.74 5.97 -17.67
C VAL A 12 3.61 4.49 -17.31
N THR A 13 4.65 3.94 -16.69
CA THR A 13 4.65 2.54 -16.28
C THR A 13 3.95 2.36 -14.93
N GLU A 14 3.56 1.13 -14.64
CA GLU A 14 2.88 0.82 -13.38
C GLU A 14 3.89 0.40 -12.31
N GLY A 15 4.41 1.38 -11.58
CA GLY A 15 5.38 1.10 -10.54
C GLY A 15 5.00 1.72 -9.21
N LYS A 16 3.73 1.62 -8.85
CA LYS A 16 3.24 2.18 -7.59
C LYS A 16 2.57 1.11 -6.75
N THR A 17 3.12 0.87 -5.56
CA THR A 17 2.58 -0.13 -4.65
C THR A 17 2.61 0.36 -3.20
N VAL A 18 1.83 -0.29 -2.34
CA VAL A 18 1.76 0.08 -0.94
C VAL A 18 1.31 -1.09 -0.08
N PHE A 19 2.18 -1.51 0.84
CA PHE A 19 1.87 -2.63 1.72
C PHE A 19 1.69 -2.15 3.17
N ILE A 20 0.57 -2.53 3.77
CA ILE A 20 0.27 -2.14 5.14
C ILE A 20 0.61 -3.26 6.12
N ARG A 21 1.31 -2.92 7.20
CA ARG A 21 1.68 -3.90 8.21
C ARG A 21 1.10 -3.54 9.57
N ASN A 22 0.82 -4.56 10.37
CA ASN A 22 0.25 -4.34 11.70
C ASN A 22 -1.20 -3.88 11.61
N LEU A 23 -1.99 -4.58 10.79
CA LEU A 23 -3.39 -4.23 10.62
C LEU A 23 -4.23 -4.75 11.78
N SER A 24 -5.30 -4.03 12.10
CA SER A 24 -6.19 -4.41 13.20
C SER A 24 -7.17 -5.47 12.75
N PHE A 25 -7.50 -6.40 13.65
CA PHE A 25 -8.43 -7.47 13.35
C PHE A 25 -9.77 -6.91 12.89
N ASP A 26 -9.99 -5.62 13.15
CA ASP A 26 -11.23 -4.96 12.76
C ASP A 26 -11.09 -4.32 11.39
N SER A 27 -9.86 -4.10 10.95
CA SER A 27 -9.59 -3.49 9.66
C SER A 27 -10.35 -4.20 8.55
N GLU A 28 -10.61 -3.49 7.46
CA GLU A 28 -11.32 -4.06 6.32
C GLU A 28 -10.83 -3.46 5.00
N GLU A 29 -11.08 -4.17 3.91
CA GLU A 29 -10.66 -3.71 2.60
C GLU A 29 -11.32 -2.38 2.25
N GLU A 30 -12.57 -2.22 2.68
CA GLU A 30 -13.31 -0.99 2.42
C GLU A 30 -12.71 0.19 3.17
N ALA A 31 -12.51 0.02 4.47
CA ALA A 31 -11.93 1.07 5.30
C ALA A 31 -10.48 1.35 4.89
N LEU A 32 -9.66 0.32 4.93
CA LEU A 32 -8.25 0.45 4.57
C LEU A 32 -8.08 1.36 3.36
N GLY A 33 -8.79 1.03 2.28
CA GLY A 33 -8.71 1.84 1.07
C GLY A 33 -9.11 3.28 1.30
N GLU A 34 -10.23 3.48 1.98
CA GLU A 34 -10.73 4.82 2.26
C GLU A 34 -9.72 5.61 3.09
N VAL A 35 -8.74 4.91 3.65
CA VAL A 35 -7.70 5.54 4.46
C VAL A 35 -6.53 5.97 3.60
N LEU A 36 -6.31 5.27 2.50
CA LEU A 36 -5.22 5.58 1.59
C LEU A 36 -5.70 6.44 0.42
N GLN A 37 -7.00 6.38 0.15
CA GLN A 37 -7.60 7.15 -0.94
C GLN A 37 -7.40 8.64 -0.72
N GLN A 38 -7.48 9.07 0.54
CA GLN A 38 -7.32 10.47 0.89
C GLN A 38 -6.12 11.08 0.15
N PHE A 39 -5.06 10.29 -0.01
CA PHE A 39 -3.86 10.76 -0.69
C PHE A 39 -4.08 10.80 -2.20
N GLY A 40 -4.61 9.70 -2.74
CA GLY A 40 -4.86 9.64 -4.17
C GLY A 40 -5.74 8.46 -4.56
N ASP A 41 -6.11 8.39 -5.83
CA ASP A 41 -6.95 7.30 -6.31
C ASP A 41 -6.27 5.95 -6.13
N LEU A 42 -6.97 5.01 -5.50
CA LEU A 42 -6.43 3.69 -5.26
C LEU A 42 -6.82 2.73 -6.37
N LYS A 43 -5.87 2.40 -7.24
CA LYS A 43 -6.10 1.50 -8.35
C LYS A 43 -6.83 0.25 -7.88
N TYR A 44 -6.32 -0.37 -6.82
CA TYR A 44 -6.91 -1.58 -6.27
C TYR A 44 -6.49 -1.79 -4.82
N VAL A 45 -7.44 -2.16 -3.98
CA VAL A 45 -7.17 -2.39 -2.56
C VAL A 45 -7.52 -3.81 -2.16
N ARG A 46 -6.50 -4.64 -1.99
CA ARG A 46 -6.71 -6.04 -1.61
C ARG A 46 -6.08 -6.33 -0.25
N VAL A 47 -6.84 -7.01 0.61
CA VAL A 47 -6.36 -7.35 1.95
C VAL A 47 -6.22 -8.86 2.11
N VAL A 48 -4.99 -9.34 2.21
CA VAL A 48 -4.73 -10.76 2.38
C VAL A 48 -5.37 -11.30 3.66
N LEU A 49 -6.24 -12.28 3.51
CA LEU A 49 -6.92 -12.88 4.66
C LEU A 49 -6.58 -14.36 4.79
N HIS A 50 -6.87 -14.93 5.95
CA HIS A 50 -6.60 -16.34 6.20
C HIS A 50 -7.27 -17.22 5.15
N PRO A 51 -6.56 -18.26 4.69
CA PRO A 51 -7.07 -19.20 3.69
C PRO A 51 -8.18 -20.08 4.24
N ASP A 52 -8.56 -19.84 5.49
CA ASP A 52 -9.62 -20.62 6.13
C ASP A 52 -10.72 -19.70 6.66
N THR A 53 -10.36 -18.81 7.57
CA THR A 53 -11.31 -17.88 8.16
C THR A 53 -11.10 -16.46 7.62
N GLU A 54 -12.06 -15.58 7.90
CA GLU A 54 -11.97 -14.20 7.44
C GLU A 54 -11.33 -13.31 8.50
N HIS A 55 -10.21 -13.77 9.03
CA HIS A 55 -9.49 -13.02 10.07
C HIS A 55 -8.34 -12.22 9.46
N SER A 56 -8.44 -10.90 9.54
CA SER A 56 -7.41 -10.02 8.99
C SER A 56 -6.02 -10.54 9.34
N LYS A 57 -5.42 -11.29 8.41
CA LYS A 57 -4.09 -11.84 8.62
C LYS A 57 -3.20 -10.86 9.38
N GLY A 58 -3.44 -9.57 9.18
CA GLY A 58 -2.66 -8.55 9.85
C GLY A 58 -1.92 -7.65 8.89
N CYS A 59 -2.18 -7.83 7.60
CA CYS A 59 -1.53 -7.03 6.56
C CYS A 59 -2.39 -6.98 5.31
N ALA A 60 -2.09 -6.01 4.44
CA ALA A 60 -2.84 -5.85 3.18
C ALA A 60 -1.98 -5.19 2.13
N PHE A 61 -2.45 -5.24 0.88
CA PHE A 61 -1.73 -4.64 -0.24
C PHE A 61 -2.63 -3.69 -1.03
N ALA A 62 -2.08 -2.54 -1.39
CA ALA A 62 -2.83 -1.56 -2.16
C ALA A 62 -2.01 -1.01 -3.33
N GLN A 63 -2.67 -0.27 -4.21
CA GLN A 63 -1.99 0.31 -5.36
C GLN A 63 -2.58 1.67 -5.71
N PHE A 64 -1.70 2.68 -5.80
CA PHE A 64 -2.13 4.03 -6.13
C PHE A 64 -2.18 4.25 -7.64
N MET A 65 -2.72 5.39 -8.06
CA MET A 65 -2.82 5.71 -9.47
C MET A 65 -1.63 6.54 -9.93
N THR A 66 -0.98 7.21 -8.98
CA THR A 66 0.18 8.04 -9.27
C THR A 66 1.32 7.77 -8.31
N GLN A 67 2.53 7.60 -8.85
CA GLN A 67 3.71 7.33 -8.02
C GLN A 67 3.73 8.26 -6.81
N GLU A 68 3.61 9.55 -7.06
CA GLU A 68 3.63 10.55 -5.98
C GLU A 68 2.67 10.15 -4.87
N ALA A 69 1.53 9.59 -5.24
CA ALA A 69 0.53 9.16 -4.27
C ALA A 69 1.12 8.19 -3.26
N ALA A 70 1.56 7.03 -3.75
CA ALA A 70 2.15 6.01 -2.89
C ALA A 70 3.12 6.63 -1.88
N GLN A 71 4.02 7.49 -2.37
CA GLN A 71 5.00 8.15 -1.52
C GLN A 71 4.30 9.01 -0.47
N LYS A 72 3.26 9.73 -0.89
CA LYS A 72 2.52 10.60 0.02
C LYS A 72 1.87 9.78 1.13
N CYS A 73 1.67 8.49 0.89
CA CYS A 73 1.05 7.60 1.86
C CYS A 73 2.09 7.12 2.89
N LEU A 74 3.33 6.96 2.43
CA LEU A 74 4.40 6.51 3.31
C LEU A 74 4.76 7.58 4.34
N ALA A 75 5.29 8.70 3.85
CA ALA A 75 5.67 9.80 4.73
C ALA A 75 4.59 10.07 5.78
N ALA A 76 3.34 9.83 5.41
CA ALA A 76 2.23 10.04 6.31
C ALA A 76 2.04 8.85 7.25
N ALA A 77 2.28 7.66 6.72
CA ALA A 77 2.14 6.44 7.51
C ALA A 77 3.30 6.28 8.49
N SER A 78 4.41 6.94 8.19
CA SER A 78 5.59 6.87 9.05
C SER A 78 5.44 7.79 10.25
N LEU A 79 5.25 7.20 11.43
CA LEU A 79 5.08 7.96 12.65
C LEU A 79 6.33 8.78 12.96
N GLU A 80 7.45 8.40 12.34
CA GLU A 80 8.71 9.10 12.54
C GLU A 80 8.67 10.48 11.89
N ALA A 81 8.20 10.53 10.64
CA ALA A 81 8.11 11.79 9.91
C ALA A 81 7.23 12.78 10.64
N GLU A 82 7.25 14.04 10.19
CA GLU A 82 6.45 15.09 10.81
C GLU A 82 4.98 14.90 10.49
N GLY A 83 4.12 15.55 11.28
CA GLY A 83 2.69 15.44 11.07
C GLY A 83 2.05 14.38 11.94
N GLY A 84 2.57 13.17 11.86
CA GLY A 84 2.03 12.08 12.67
C GLY A 84 1.67 10.86 11.83
N GLY A 85 2.06 9.69 12.30
CA GLY A 85 1.77 8.46 11.57
C GLY A 85 0.28 8.19 11.48
N LEU A 86 -0.08 7.13 10.76
CA LEU A 86 -1.48 6.77 10.59
C LEU A 86 -1.88 5.66 11.56
N LYS A 87 -3.13 5.66 11.99
CA LYS A 87 -3.63 4.66 12.92
C LYS A 87 -5.05 4.22 12.55
N LEU A 88 -5.29 2.92 12.58
CA LEU A 88 -6.60 2.38 12.24
C LEU A 88 -7.22 1.68 13.45
N ASP A 89 -8.20 2.34 14.06
CA ASP A 89 -8.88 1.79 15.22
C ASP A 89 -7.92 1.63 16.40
N GLY A 90 -6.92 2.50 16.45
CA GLY A 90 -5.95 2.45 17.53
C GLY A 90 -4.80 1.53 17.21
N ARG A 91 -4.62 1.21 15.93
CA ARG A 91 -3.55 0.33 15.50
C ARG A 91 -2.64 1.03 14.48
N GLN A 92 -1.38 1.21 14.84
CA GLN A 92 -0.42 1.86 13.95
C GLN A 92 -0.28 1.09 12.64
N LEU A 93 -0.39 1.82 11.52
CA LEU A 93 -0.28 1.20 10.20
C LEU A 93 1.08 1.50 9.58
N LYS A 94 1.70 0.47 9.02
CA LYS A 94 3.01 0.62 8.39
C LYS A 94 2.90 0.45 6.87
N VAL A 95 2.97 1.56 6.15
CA VAL A 95 2.89 1.54 4.70
C VAL A 95 4.27 1.57 4.06
N ASP A 96 4.54 0.60 3.18
CA ASP A 96 5.82 0.52 2.50
C ASP A 96 5.64 0.13 1.05
N LEU A 97 6.46 0.72 0.17
CA LEU A 97 6.39 0.42 -1.26
C LEU A 97 6.68 -1.05 -1.53
N ALA A 98 5.62 -1.83 -1.72
CA ALA A 98 5.76 -3.25 -2.00
C ALA A 98 6.01 -3.51 -3.48
N VAL A 99 6.08 -4.77 -3.85
CA VAL A 99 6.31 -5.16 -5.25
C VAL A 99 5.92 -6.61 -5.50
N THR A 100 5.35 -6.87 -6.67
CA THR A 100 4.93 -8.22 -7.03
C THR A 100 6.13 -9.08 -7.41
N ARG A 101 6.45 -10.05 -6.55
CA ARG A 101 7.58 -10.93 -6.79
C ARG A 101 7.09 -12.35 -7.10
N ASP A 102 6.78 -12.61 -8.37
CA ASP A 102 6.30 -13.91 -8.79
C ASP A 102 7.30 -15.00 -8.43
N GLU A 103 7.17 -15.55 -7.23
CA GLU A 103 8.07 -16.59 -6.77
C GLU A 103 8.00 -17.81 -7.67
N ALA A 104 8.80 -17.79 -8.74
CA ALA A 104 8.84 -18.89 -9.69
C ALA A 104 10.13 -18.88 -10.50
N ALA A 105 10.37 -19.96 -11.23
CA ALA A 105 11.58 -20.07 -12.05
C ALA A 105 11.51 -19.15 -13.26
N SER A 106 12.65 -18.93 -13.90
CA SER A 106 12.72 -18.06 -15.07
C SER A 106 13.48 -18.74 -16.21
N GLY A 107 13.19 -20.02 -16.42
CA GLY A 107 13.85 -20.78 -17.47
C GLY A 107 15.33 -20.47 -17.55
N PRO A 108 15.91 -20.65 -18.76
CA PRO A 108 17.34 -20.39 -18.99
C PRO A 108 17.67 -18.91 -18.93
N SER A 109 18.95 -18.60 -19.14
CA SER A 109 19.42 -17.21 -19.10
C SER A 109 20.85 -17.11 -19.60
N SER A 110 21.10 -16.16 -20.50
CA SER A 110 22.43 -15.95 -21.06
C SER A 110 23.46 -15.77 -19.95
N GLY A 111 24.59 -16.46 -20.07
CA GLY A 111 25.64 -16.35 -19.07
C GLY A 111 26.09 -17.71 -18.57
N GLY A 1 -18.02 16.23 -26.20
CA GLY A 1 -17.67 14.96 -26.82
C GLY A 1 -16.50 15.08 -27.77
N SER A 2 -15.42 14.37 -27.47
CA SER A 2 -14.22 14.41 -28.31
C SER A 2 -14.37 13.46 -29.49
N SER A 3 -13.82 13.85 -30.63
CA SER A 3 -13.89 13.03 -31.85
C SER A 3 -12.54 12.40 -32.14
N GLY A 4 -11.49 13.21 -32.16
CA GLY A 4 -10.16 12.71 -32.44
C GLY A 4 -9.10 13.79 -32.33
N SER A 5 -7.84 13.41 -32.55
CA SER A 5 -6.74 14.35 -32.47
C SER A 5 -6.68 15.01 -31.11
N SER A 6 -6.82 14.21 -30.06
CA SER A 6 -6.79 14.73 -28.70
C SER A 6 -5.35 14.95 -28.24
N GLY A 7 -4.46 14.02 -28.58
CA GLY A 7 -3.07 14.15 -28.19
C GLY A 7 -2.90 14.43 -26.72
N LEU A 8 -3.41 13.53 -25.88
CA LEU A 8 -3.31 13.70 -24.43
C LEU A 8 -2.19 12.84 -23.86
N PRO A 9 -1.61 13.30 -22.74
CA PRO A 9 -0.51 12.60 -22.07
C PRO A 9 -0.97 11.30 -21.42
N SER A 10 -0.42 10.18 -21.88
CA SER A 10 -0.77 8.87 -21.35
C SER A 10 0.36 8.32 -20.48
N ASP A 11 0.18 8.44 -19.17
CA ASP A 11 1.18 7.96 -18.22
C ASP A 11 1.30 6.45 -18.29
N VAL A 12 2.29 5.97 -19.05
CA VAL A 12 2.52 4.54 -19.19
C VAL A 12 3.49 4.03 -18.15
N THR A 13 3.41 4.58 -16.95
CA THR A 13 4.28 4.17 -15.86
C THR A 13 3.53 3.36 -14.81
N GLU A 14 3.92 2.08 -14.67
CA GLU A 14 3.27 1.21 -13.70
C GLU A 14 4.26 0.74 -12.64
N GLY A 15 4.48 1.58 -11.64
CA GLY A 15 5.40 1.24 -10.57
C GLY A 15 5.02 1.85 -9.25
N LYS A 16 3.74 1.75 -8.89
CA LYS A 16 3.24 2.30 -7.65
C LYS A 16 2.59 1.21 -6.79
N THR A 17 3.15 0.99 -5.61
CA THR A 17 2.63 -0.03 -4.69
C THR A 17 2.66 0.46 -3.25
N VAL A 18 1.90 -0.21 -2.39
CA VAL A 18 1.85 0.16 -0.98
C VAL A 18 1.38 -1.01 -0.12
N PHE A 19 2.23 -1.45 0.79
CA PHE A 19 1.90 -2.57 1.68
C PHE A 19 1.77 -2.10 3.12
N ILE A 20 0.62 -2.39 3.73
CA ILE A 20 0.38 -2.00 5.11
C ILE A 20 0.70 -3.14 6.07
N ARG A 21 1.30 -2.80 7.20
CA ARG A 21 1.67 -3.79 8.21
C ARG A 21 1.03 -3.45 9.56
N ASN A 22 0.80 -4.49 10.37
CA ASN A 22 0.19 -4.30 11.68
C ASN A 22 -1.27 -3.87 11.55
N LEU A 23 -2.00 -4.54 10.68
CA LEU A 23 -3.41 -4.22 10.46
C LEU A 23 -4.26 -4.70 11.64
N SER A 24 -5.43 -4.09 11.80
CA SER A 24 -6.33 -4.44 12.89
C SER A 24 -7.46 -5.34 12.39
N PHE A 25 -7.80 -6.35 13.18
CA PHE A 25 -8.86 -7.28 12.82
C PHE A 25 -10.14 -6.53 12.44
N ASP A 26 -10.32 -5.35 13.02
CA ASP A 26 -11.49 -4.53 12.74
C ASP A 26 -11.42 -3.93 11.34
N SER A 27 -10.21 -3.61 10.90
CA SER A 27 -10.00 -3.03 9.59
C SER A 27 -10.74 -3.82 8.51
N GLU A 28 -11.04 -3.16 7.40
CA GLU A 28 -11.74 -3.82 6.30
C GLU A 28 -11.34 -3.21 4.96
N GLU A 29 -11.18 -4.06 3.94
CA GLU A 29 -10.79 -3.61 2.62
C GLU A 29 -11.47 -2.28 2.27
N GLU A 30 -12.74 -2.17 2.65
CA GLU A 30 -13.51 -0.94 2.38
C GLU A 30 -12.91 0.24 3.12
N ALA A 31 -12.63 0.05 4.40
CA ALA A 31 -12.06 1.11 5.23
C ALA A 31 -10.62 1.41 4.83
N LEU A 32 -9.78 0.37 4.86
CA LEU A 32 -8.37 0.53 4.51
C LEU A 32 -8.21 1.44 3.29
N GLY A 33 -8.88 1.09 2.20
CA GLY A 33 -8.81 1.89 0.99
C GLY A 33 -9.32 3.31 1.21
N GLU A 34 -10.45 3.43 1.89
CA GLU A 34 -11.05 4.73 2.15
C GLU A 34 -10.07 5.65 2.88
N VAL A 35 -9.03 5.04 3.46
CA VAL A 35 -8.02 5.79 4.18
C VAL A 35 -6.88 6.23 3.26
N LEU A 36 -6.49 5.34 2.36
CA LEU A 36 -5.42 5.61 1.41
C LEU A 36 -5.94 6.36 0.19
N GLN A 37 -7.27 6.44 0.08
CA GLN A 37 -7.90 7.12 -1.03
C GLN A 37 -7.72 8.63 -0.92
N GLN A 38 -7.70 9.12 0.31
CA GLN A 38 -7.54 10.55 0.55
C GLN A 38 -6.37 11.12 -0.24
N PHE A 39 -5.21 10.46 -0.11
CA PHE A 39 -4.02 10.89 -0.82
C PHE A 39 -4.25 10.93 -2.33
N GLY A 40 -4.65 9.80 -2.90
CA GLY A 40 -4.90 9.71 -4.32
C GLY A 40 -5.92 8.65 -4.67
N ASP A 41 -6.13 8.44 -5.96
CA ASP A 41 -7.09 7.43 -6.43
C ASP A 41 -6.50 6.03 -6.31
N LEU A 42 -7.17 5.18 -5.54
CA LEU A 42 -6.72 3.81 -5.35
C LEU A 42 -7.09 2.93 -6.54
N LYS A 43 -6.13 2.17 -7.04
CA LYS A 43 -6.36 1.29 -8.18
C LYS A 43 -7.00 -0.02 -7.73
N TYR A 44 -6.41 -0.66 -6.74
CA TYR A 44 -6.93 -1.92 -6.22
C TYR A 44 -6.49 -2.13 -4.77
N VAL A 45 -7.48 -2.39 -3.90
CA VAL A 45 -7.20 -2.62 -2.49
C VAL A 45 -7.57 -4.03 -2.07
N ARG A 46 -6.56 -4.86 -1.83
CA ARG A 46 -6.79 -6.24 -1.42
C ARG A 46 -6.13 -6.53 -0.08
N VAL A 47 -6.88 -7.17 0.81
CA VAL A 47 -6.36 -7.51 2.14
C VAL A 47 -6.36 -9.01 2.36
N VAL A 48 -5.17 -9.59 2.47
CA VAL A 48 -5.04 -11.03 2.70
C VAL A 48 -5.65 -11.44 4.03
N LEU A 49 -6.40 -12.53 4.01
CA LEU A 49 -7.04 -13.03 5.22
C LEU A 49 -6.56 -14.45 5.56
N HIS A 50 -6.81 -14.87 6.79
CA HIS A 50 -6.40 -16.21 7.22
C HIS A 50 -7.04 -17.29 6.35
N PRO A 51 -6.26 -18.32 6.02
CA PRO A 51 -6.72 -19.44 5.18
C PRO A 51 -7.74 -20.31 5.91
N ASP A 52 -7.47 -20.61 7.17
CA ASP A 52 -8.36 -21.43 7.97
C ASP A 52 -9.66 -20.69 8.29
N THR A 53 -9.53 -19.55 8.97
CA THR A 53 -10.68 -18.74 9.34
C THR A 53 -10.75 -17.48 8.50
N GLU A 54 -11.87 -16.75 8.62
CA GLU A 54 -12.05 -15.52 7.87
C GLU A 54 -11.62 -14.31 8.69
N HIS A 55 -10.40 -14.36 9.21
CA HIS A 55 -9.85 -13.28 10.01
C HIS A 55 -8.76 -12.52 9.25
N SER A 56 -8.43 -11.32 9.72
CA SER A 56 -7.41 -10.51 9.09
C SER A 56 -6.02 -11.07 9.37
N LYS A 57 -5.30 -11.41 8.31
CA LYS A 57 -3.95 -11.97 8.43
C LYS A 57 -3.06 -11.02 9.24
N GLY A 58 -3.21 -9.73 9.00
CA GLY A 58 -2.41 -8.75 9.72
C GLY A 58 -1.75 -7.75 8.79
N CYS A 59 -2.05 -7.85 7.50
CA CYS A 59 -1.47 -6.94 6.51
C CYS A 59 -2.33 -6.91 5.25
N ALA A 60 -2.02 -5.97 4.36
CA ALA A 60 -2.76 -5.84 3.11
C ALA A 60 -1.92 -5.12 2.06
N PHE A 61 -2.29 -5.30 0.79
CA PHE A 61 -1.58 -4.67 -0.31
C PHE A 61 -2.51 -3.82 -1.15
N ALA A 62 -2.08 -2.59 -1.44
CA ALA A 62 -2.87 -1.67 -2.24
C ALA A 62 -2.04 -1.03 -3.35
N GLN A 63 -2.71 -0.33 -4.26
CA GLN A 63 -2.02 0.33 -5.37
C GLN A 63 -2.61 1.72 -5.62
N PHE A 64 -1.75 2.68 -5.91
CA PHE A 64 -2.17 4.05 -6.17
C PHE A 64 -2.26 4.31 -7.68
N MET A 65 -2.80 5.47 -8.03
CA MET A 65 -2.94 5.85 -9.43
C MET A 65 -1.76 6.70 -9.89
N THR A 66 -0.97 7.17 -8.92
CA THR A 66 0.18 8.01 -9.22
C THR A 66 1.33 7.72 -8.26
N GLN A 67 2.56 7.74 -8.78
CA GLN A 67 3.74 7.48 -7.96
C GLN A 67 3.74 8.37 -6.73
N GLU A 68 3.52 9.66 -6.93
CA GLU A 68 3.50 10.62 -5.82
C GLU A 68 2.56 10.15 -4.72
N ALA A 69 1.40 9.65 -5.10
CA ALA A 69 0.42 9.17 -4.14
C ALA A 69 1.05 8.20 -3.14
N ALA A 70 1.52 7.06 -3.65
CA ALA A 70 2.15 6.06 -2.80
C ALA A 70 3.12 6.70 -1.80
N GLN A 71 4.07 7.47 -2.32
CA GLN A 71 5.04 8.15 -1.47
C GLN A 71 4.35 8.97 -0.39
N LYS A 72 3.31 9.70 -0.78
CA LYS A 72 2.56 10.53 0.16
C LYS A 72 1.93 9.68 1.25
N CYS A 73 1.67 8.42 0.94
CA CYS A 73 1.07 7.51 1.90
C CYS A 73 2.12 6.98 2.88
N LEU A 74 3.37 6.94 2.43
CA LEU A 74 4.46 6.46 3.27
C LEU A 74 4.85 7.49 4.32
N ALA A 75 5.41 8.61 3.87
CA ALA A 75 5.81 9.68 4.76
C ALA A 75 4.78 9.90 5.86
N ALA A 76 3.51 9.71 5.52
CA ALA A 76 2.43 9.88 6.48
C ALA A 76 2.32 8.66 7.41
N ALA A 77 2.59 7.49 6.87
CA ALA A 77 2.51 6.26 7.64
C ALA A 77 3.63 6.20 8.68
N SER A 78 4.81 6.67 8.29
CA SER A 78 5.96 6.67 9.20
C SER A 78 5.77 7.67 10.33
N LEU A 79 5.45 7.16 11.50
CA LEU A 79 5.23 8.00 12.67
C LEU A 79 6.49 8.78 13.03
N GLU A 80 7.62 8.35 12.45
CA GLU A 80 8.90 9.00 12.71
C GLU A 80 9.09 10.21 11.80
N ALA A 81 8.62 10.10 10.56
CA ALA A 81 8.73 11.18 9.60
C ALA A 81 7.85 12.36 10.00
N GLU A 82 8.36 13.57 9.77
CA GLU A 82 7.62 14.78 10.11
C GLU A 82 6.75 14.57 11.34
N GLY A 83 7.26 13.78 12.28
CA GLY A 83 6.51 13.50 13.49
C GLY A 83 5.03 13.32 13.24
N GLY A 84 4.69 12.28 12.50
CA GLY A 84 3.29 12.01 12.19
C GLY A 84 3.08 10.61 11.65
N GLY A 85 2.17 9.87 12.28
CA GLY A 85 1.88 8.51 11.85
C GLY A 85 0.40 8.22 11.76
N LEU A 86 0.03 7.23 10.96
CA LEU A 86 -1.37 6.87 10.79
C LEU A 86 -1.76 5.75 11.75
N LYS A 87 -3.04 5.69 12.10
CA LYS A 87 -3.55 4.68 13.00
C LYS A 87 -4.98 4.27 12.64
N LEU A 88 -5.20 2.98 12.49
CA LEU A 88 -6.52 2.46 12.14
C LEU A 88 -7.07 1.57 13.25
N ASP A 89 -8.21 1.94 13.79
CA ASP A 89 -8.85 1.17 14.85
C ASP A 89 -7.95 1.11 16.09
N GLY A 90 -7.09 2.12 16.23
CA GLY A 90 -6.19 2.16 17.37
C GLY A 90 -4.95 1.31 17.16
N ARG A 91 -4.52 1.20 15.91
CA ARG A 91 -3.35 0.41 15.58
C ARG A 91 -2.50 1.11 14.52
N GLN A 92 -1.20 1.25 14.80
CA GLN A 92 -0.28 1.90 13.87
C GLN A 92 -0.28 1.20 12.52
N LEU A 93 -0.22 1.98 11.45
CA LEU A 93 -0.21 1.42 10.10
C LEU A 93 1.13 1.67 9.42
N LYS A 94 1.84 0.59 9.10
CA LYS A 94 3.13 0.69 8.45
C LYS A 94 3.01 0.48 6.94
N VAL A 95 3.11 1.57 6.18
CA VAL A 95 3.00 1.49 4.73
C VAL A 95 4.38 1.56 4.08
N ASP A 96 4.65 0.60 3.19
CA ASP A 96 5.93 0.55 2.49
C ASP A 96 5.74 0.16 1.03
N LEU A 97 6.57 0.73 0.16
CA LEU A 97 6.48 0.44 -1.27
C LEU A 97 6.76 -1.03 -1.54
N ALA A 98 5.69 -1.80 -1.74
CA ALA A 98 5.81 -3.22 -2.02
C ALA A 98 6.01 -3.48 -3.50
N VAL A 99 6.05 -4.75 -3.88
CA VAL A 99 6.24 -5.14 -5.27
C VAL A 99 5.64 -6.51 -5.55
N THR A 100 5.10 -6.68 -6.76
CA THR A 100 4.49 -7.95 -7.15
C THR A 100 5.56 -8.98 -7.52
N ARG A 101 6.12 -9.61 -6.49
CA ARG A 101 7.16 -10.62 -6.71
C ARG A 101 7.03 -11.76 -5.69
N ASP A 102 7.86 -12.78 -5.85
CA ASP A 102 7.84 -13.92 -4.94
C ASP A 102 9.23 -14.20 -4.38
N GLU A 103 9.55 -13.56 -3.26
CA GLU A 103 10.85 -13.74 -2.63
C GLU A 103 11.15 -15.21 -2.40
N ALA A 104 10.18 -15.93 -1.84
CA ALA A 104 10.34 -17.35 -1.58
C ALA A 104 11.16 -18.03 -2.67
N ALA A 105 12.20 -18.74 -2.25
CA ALA A 105 13.07 -19.44 -3.20
C ALA A 105 12.89 -20.95 -3.10
N SER A 106 13.10 -21.49 -1.90
CA SER A 106 12.96 -22.93 -1.68
C SER A 106 11.81 -23.50 -2.50
N GLY A 107 10.60 -23.00 -2.25
CA GLY A 107 9.44 -23.47 -2.98
C GLY A 107 8.27 -23.77 -2.06
N PRO A 108 7.12 -24.13 -2.66
CA PRO A 108 5.90 -24.45 -1.91
C PRO A 108 6.02 -25.76 -1.13
N SER A 109 7.15 -26.44 -1.31
CA SER A 109 7.39 -27.71 -0.63
C SER A 109 7.21 -27.56 0.88
N SER A 110 8.00 -26.67 1.49
CA SER A 110 7.93 -26.44 2.93
C SER A 110 6.48 -26.29 3.38
N GLY A 111 5.75 -25.41 2.70
CA GLY A 111 4.35 -25.19 3.05
C GLY A 111 4.19 -24.21 4.19
N GLY A 1 -23.55 14.71 -18.81
CA GLY A 1 -22.30 14.89 -18.09
C GLY A 1 -21.11 15.05 -19.01
N SER A 2 -20.41 16.17 -18.90
CA SER A 2 -19.25 16.43 -19.74
C SER A 2 -18.08 16.95 -18.91
N SER A 3 -16.86 16.54 -19.27
CA SER A 3 -15.67 16.96 -18.55
C SER A 3 -14.42 16.57 -19.32
N GLY A 4 -13.28 17.11 -18.90
CA GLY A 4 -12.02 16.82 -19.57
C GLY A 4 -11.01 17.95 -19.43
N SER A 5 -9.75 17.58 -19.28
CA SER A 5 -8.68 18.57 -19.14
C SER A 5 -7.66 18.44 -20.26
N SER A 6 -6.99 19.54 -20.58
CA SER A 6 -6.00 19.55 -21.64
C SER A 6 -5.21 18.25 -21.66
N GLY A 7 -5.51 17.39 -22.63
CA GLY A 7 -4.82 16.11 -22.74
C GLY A 7 -5.43 15.05 -21.85
N LEU A 8 -5.33 13.79 -22.28
CA LEU A 8 -5.88 12.69 -21.52
C LEU A 8 -4.79 11.97 -20.73
N PRO A 9 -5.14 11.47 -19.53
CA PRO A 9 -4.20 10.75 -18.66
C PRO A 9 -3.82 9.39 -19.22
N SER A 10 -2.61 8.95 -18.89
CA SER A 10 -2.12 7.66 -19.37
C SER A 10 -0.84 7.25 -18.63
N ASP A 11 -0.86 6.08 -18.02
CA ASP A 11 0.28 5.58 -17.27
C ASP A 11 0.89 4.36 -17.97
N VAL A 12 1.99 4.59 -18.70
CA VAL A 12 2.67 3.52 -19.41
C VAL A 12 3.35 2.57 -18.45
N THR A 13 4.02 3.12 -17.44
CA THR A 13 4.72 2.32 -16.45
C THR A 13 3.98 2.32 -15.12
N GLU A 14 3.54 1.14 -14.69
CA GLU A 14 2.82 1.00 -13.44
C GLU A 14 3.74 0.51 -12.32
N GLY A 15 4.43 1.44 -11.67
CA GLY A 15 5.34 1.07 -10.60
C GLY A 15 4.96 1.72 -9.28
N LYS A 16 3.69 1.59 -8.92
CA LYS A 16 3.20 2.16 -7.66
C LYS A 16 2.55 1.09 -6.79
N THR A 17 3.10 0.87 -5.60
CA THR A 17 2.57 -0.12 -4.69
C THR A 17 2.59 0.39 -3.25
N VAL A 18 1.82 -0.27 -2.38
CA VAL A 18 1.75 0.13 -0.98
C VAL A 18 1.28 -1.04 -0.11
N PHE A 19 2.13 -1.45 0.82
CA PHE A 19 1.81 -2.55 1.72
C PHE A 19 1.64 -2.05 3.15
N ILE A 20 0.48 -2.35 3.73
CA ILE A 20 0.19 -1.94 5.09
C ILE A 20 0.41 -3.08 6.08
N ARG A 21 1.14 -2.79 7.16
CA ARG A 21 1.44 -3.79 8.18
C ARG A 21 0.63 -3.53 9.45
N ASN A 22 0.88 -4.33 10.48
CA ASN A 22 0.18 -4.18 11.75
C ASN A 22 -1.25 -3.72 11.53
N LEU A 23 -1.99 -4.46 10.71
CA LEU A 23 -3.38 -4.13 10.41
C LEU A 23 -4.31 -4.63 11.52
N SER A 24 -5.41 -3.91 11.73
CA SER A 24 -6.38 -4.28 12.75
C SER A 24 -7.25 -5.44 12.29
N PHE A 25 -7.59 -6.33 13.22
CA PHE A 25 -8.41 -7.50 12.90
C PHE A 25 -9.83 -7.06 12.52
N ASP A 26 -10.18 -5.82 12.85
CA ASP A 26 -11.50 -5.29 12.55
C ASP A 26 -11.48 -4.52 11.24
N SER A 27 -10.29 -4.15 10.78
CA SER A 27 -10.15 -3.39 9.54
C SER A 27 -10.78 -4.15 8.38
N GLU A 28 -11.24 -3.39 7.38
CA GLU A 28 -11.87 -3.99 6.21
C GLU A 28 -11.35 -3.35 4.93
N GLU A 29 -11.17 -4.17 3.89
CA GLU A 29 -10.67 -3.69 2.61
C GLU A 29 -11.25 -2.33 2.27
N GLU A 30 -12.55 -2.17 2.53
CA GLU A 30 -13.24 -0.91 2.26
C GLU A 30 -12.64 0.23 3.08
N ALA A 31 -12.68 0.09 4.40
CA ALA A 31 -12.14 1.10 5.29
C ALA A 31 -10.68 1.37 4.99
N LEU A 32 -9.86 0.31 5.00
CA LEU A 32 -8.44 0.44 4.73
C LEU A 32 -8.19 1.34 3.53
N GLY A 33 -8.90 1.07 2.44
CA GLY A 33 -8.74 1.86 1.24
C GLY A 33 -9.19 3.30 1.42
N GLU A 34 -10.38 3.48 1.99
CA GLU A 34 -10.92 4.81 2.23
C GLU A 34 -9.92 5.68 3.00
N VAL A 35 -8.94 5.03 3.63
CA VAL A 35 -7.93 5.73 4.39
C VAL A 35 -6.81 6.23 3.48
N LEU A 36 -6.34 5.37 2.60
CA LEU A 36 -5.27 5.71 1.67
C LEU A 36 -5.80 6.56 0.52
N GLN A 37 -7.12 6.51 0.31
CA GLN A 37 -7.75 7.28 -0.75
C GLN A 37 -7.53 8.77 -0.56
N GLN A 38 -7.57 9.22 0.69
CA GLN A 38 -7.37 10.62 1.02
C GLN A 38 -6.23 11.21 0.19
N PHE A 39 -5.13 10.47 0.09
CA PHE A 39 -3.97 10.93 -0.65
C PHE A 39 -4.25 10.89 -2.16
N GLY A 40 -4.58 9.71 -2.66
CA GLY A 40 -4.87 9.56 -4.07
C GLY A 40 -5.83 8.42 -4.35
N ASP A 41 -6.32 8.35 -5.59
CA ASP A 41 -7.26 7.30 -5.99
C ASP A 41 -6.58 5.94 -5.99
N LEU A 42 -7.05 5.04 -5.13
CA LEU A 42 -6.49 3.70 -5.04
C LEU A 42 -6.95 2.83 -6.20
N LYS A 43 -5.98 2.30 -6.95
CA LYS A 43 -6.29 1.44 -8.09
C LYS A 43 -6.95 0.15 -7.65
N TYR A 44 -6.36 -0.50 -6.64
CA TYR A 44 -6.90 -1.75 -6.13
C TYR A 44 -6.45 -1.98 -4.68
N VAL A 45 -7.39 -2.41 -3.85
CA VAL A 45 -7.09 -2.67 -2.44
C VAL A 45 -7.44 -4.11 -2.05
N ARG A 46 -6.43 -4.88 -1.69
CA ARG A 46 -6.64 -6.28 -1.30
C ARG A 46 -5.98 -6.56 0.05
N VAL A 47 -6.71 -7.25 0.92
CA VAL A 47 -6.21 -7.59 2.24
C VAL A 47 -6.11 -9.11 2.42
N VAL A 48 -4.89 -9.62 2.47
CA VAL A 48 -4.67 -11.05 2.64
C VAL A 48 -5.22 -11.54 3.97
N LEU A 49 -5.72 -12.77 3.98
CA LEU A 49 -6.27 -13.36 5.19
C LEU A 49 -5.56 -14.65 5.56
N HIS A 50 -5.70 -15.08 6.80
CA HIS A 50 -5.07 -16.31 7.28
C HIS A 50 -5.49 -17.50 6.42
N PRO A 51 -4.53 -18.39 6.16
CA PRO A 51 -4.76 -19.60 5.35
C PRO A 51 -5.66 -20.61 6.06
N ASP A 52 -5.43 -20.77 7.37
CA ASP A 52 -6.22 -21.70 8.17
C ASP A 52 -7.55 -21.08 8.58
N THR A 53 -7.49 -19.99 9.31
CA THR A 53 -8.69 -19.30 9.77
C THR A 53 -9.10 -18.20 8.79
N GLU A 54 -10.15 -17.47 9.16
CA GLU A 54 -10.64 -16.38 8.31
C GLU A 54 -10.40 -15.03 8.95
N HIS A 55 -9.27 -14.90 9.64
CA HIS A 55 -8.92 -13.66 10.31
C HIS A 55 -7.98 -12.82 9.45
N SER A 56 -7.72 -11.59 9.88
CA SER A 56 -6.85 -10.69 9.14
C SER A 56 -5.38 -10.96 9.48
N LYS A 57 -4.67 -11.60 8.56
CA LYS A 57 -3.26 -11.93 8.75
C LYS A 57 -2.52 -10.75 9.38
N GLY A 58 -3.00 -9.54 9.11
CA GLY A 58 -2.37 -8.35 9.66
C GLY A 58 -1.59 -7.57 8.62
N CYS A 59 -1.98 -7.73 7.35
CA CYS A 59 -1.30 -7.03 6.27
C CYS A 59 -2.17 -7.01 5.01
N ALA A 60 -2.12 -5.91 4.28
CA ALA A 60 -2.91 -5.77 3.05
C ALA A 60 -2.12 -5.01 1.99
N PHE A 61 -2.29 -5.42 0.73
CA PHE A 61 -1.61 -4.79 -0.38
C PHE A 61 -2.53 -3.83 -1.13
N ALA A 62 -2.01 -2.67 -1.50
CA ALA A 62 -2.79 -1.68 -2.22
C ALA A 62 -1.98 -1.06 -3.36
N GLN A 63 -2.66 -0.32 -4.22
CA GLN A 63 -1.99 0.33 -5.35
C GLN A 63 -2.58 1.72 -5.59
N PHE A 64 -1.70 2.66 -5.93
CA PHE A 64 -2.13 4.04 -6.19
C PHE A 64 -2.20 4.32 -7.68
N MET A 65 -2.73 5.48 -8.04
CA MET A 65 -2.85 5.87 -9.44
C MET A 65 -1.60 6.59 -9.92
N THR A 66 -0.91 7.25 -9.00
CA THR A 66 0.31 7.98 -9.32
C THR A 66 1.43 7.64 -8.36
N GLN A 67 2.66 7.63 -8.86
CA GLN A 67 3.82 7.31 -8.04
C GLN A 67 3.87 8.21 -6.81
N GLU A 68 3.75 9.52 -7.02
CA GLU A 68 3.78 10.48 -5.93
C GLU A 68 2.79 10.09 -4.84
N ALA A 69 1.63 9.60 -5.25
CA ALA A 69 0.60 9.19 -4.30
C ALA A 69 1.16 8.20 -3.28
N ALA A 70 1.63 7.06 -3.76
CA ALA A 70 2.19 6.03 -2.88
C ALA A 70 3.15 6.64 -1.87
N GLN A 71 4.09 7.44 -2.36
CA GLN A 71 5.07 8.09 -1.50
C GLN A 71 4.39 8.94 -0.44
N LYS A 72 3.40 9.72 -0.86
CA LYS A 72 2.66 10.59 0.04
C LYS A 72 2.00 9.78 1.16
N CYS A 73 1.70 8.53 0.87
CA CYS A 73 1.08 7.64 1.85
C CYS A 73 2.09 7.16 2.88
N LEU A 74 3.34 6.99 2.44
CA LEU A 74 4.40 6.53 3.33
C LEU A 74 4.73 7.59 4.37
N ALA A 75 5.31 8.70 3.91
CA ALA A 75 5.68 9.80 4.80
C ALA A 75 4.58 10.07 5.82
N ALA A 76 3.34 9.78 5.44
CA ALA A 76 2.21 9.99 6.32
C ALA A 76 2.03 8.83 7.29
N ALA A 77 2.33 7.62 6.82
CA ALA A 77 2.21 6.43 7.64
C ALA A 77 3.35 6.34 8.65
N SER A 78 4.50 6.91 8.29
CA SER A 78 5.66 6.90 9.16
C SER A 78 5.46 7.82 10.36
N LEU A 79 5.26 7.23 11.53
CA LEU A 79 5.06 7.99 12.75
C LEU A 79 6.29 8.82 13.10
N GLU A 80 7.38 8.56 12.38
CA GLU A 80 8.62 9.29 12.61
C GLU A 80 8.63 10.60 11.83
N ALA A 81 8.27 10.53 10.56
CA ALA A 81 8.23 11.70 9.69
C ALA A 81 7.36 12.80 10.30
N GLU A 82 7.71 14.05 10.03
CA GLU A 82 6.96 15.19 10.55
C GLU A 82 5.50 15.12 10.13
N GLY A 83 4.60 15.56 11.01
CA GLY A 83 3.19 15.54 10.72
C GLY A 83 2.43 14.55 11.59
N GLY A 84 2.90 13.31 11.61
CA GLY A 84 2.25 12.28 12.41
C GLY A 84 1.97 11.02 11.62
N GLY A 85 1.89 9.89 12.33
CA GLY A 85 1.63 8.62 11.67
C GLY A 85 0.16 8.29 11.60
N LEU A 86 -0.19 7.33 10.75
CA LEU A 86 -1.58 6.92 10.60
C LEU A 86 -1.90 5.76 11.52
N LYS A 87 -3.08 5.80 12.13
CA LYS A 87 -3.52 4.73 13.04
C LYS A 87 -4.96 4.34 12.76
N LEU A 88 -5.24 3.04 12.84
CA LEU A 88 -6.58 2.53 12.60
C LEU A 88 -7.08 1.72 13.79
N ASP A 89 -8.05 2.27 14.51
CA ASP A 89 -8.63 1.61 15.67
C ASP A 89 -7.57 1.40 16.75
N GLY A 90 -6.58 2.29 16.78
CA GLY A 90 -5.52 2.18 17.76
C GLY A 90 -4.39 1.28 17.31
N ARG A 91 -4.21 1.16 15.99
CA ARG A 91 -3.16 0.32 15.43
C ARG A 91 -2.27 1.12 14.49
N GLN A 92 -0.96 1.02 14.70
CA GLN A 92 0.00 1.73 13.87
C GLN A 92 0.16 1.06 12.52
N LEU A 93 -0.41 1.69 11.48
CA LEU A 93 -0.32 1.15 10.13
C LEU A 93 1.03 1.48 9.49
N LYS A 94 1.69 0.45 8.97
CA LYS A 94 2.98 0.63 8.33
C LYS A 94 2.87 0.48 6.81
N VAL A 95 2.90 1.61 6.11
CA VAL A 95 2.79 1.60 4.66
C VAL A 95 4.17 1.68 4.01
N ASP A 96 4.49 0.69 3.17
CA ASP A 96 5.77 0.65 2.49
C ASP A 96 5.60 0.24 1.03
N LEU A 97 6.42 0.82 0.16
CA LEU A 97 6.35 0.50 -1.27
C LEU A 97 6.66 -0.98 -1.52
N ALA A 98 5.61 -1.77 -1.70
CA ALA A 98 5.77 -3.19 -1.96
C ALA A 98 6.03 -3.47 -3.44
N VAL A 99 6.10 -4.75 -3.79
CA VAL A 99 6.35 -5.14 -5.17
C VAL A 99 5.42 -6.28 -5.59
N THR A 100 4.87 -6.17 -6.80
CA THR A 100 3.96 -7.18 -7.32
C THR A 100 4.73 -8.42 -7.78
N ARG A 101 4.65 -9.49 -7.00
CA ARG A 101 5.33 -10.74 -7.32
C ARG A 101 4.85 -11.87 -6.43
N ASP A 102 4.70 -13.05 -7.02
CA ASP A 102 4.24 -14.22 -6.27
C ASP A 102 4.91 -14.28 -4.90
N GLU A 103 4.09 -14.24 -3.85
CA GLU A 103 4.61 -14.28 -2.49
C GLU A 103 4.67 -15.72 -1.98
N ALA A 104 5.72 -16.43 -2.36
CA ALA A 104 5.91 -17.82 -1.94
C ALA A 104 7.39 -18.20 -1.94
N ALA A 105 7.82 -18.86 -0.88
CA ALA A 105 9.21 -19.29 -0.76
C ALA A 105 9.30 -20.79 -0.47
N SER A 106 10.49 -21.35 -0.67
CA SER A 106 10.70 -22.77 -0.44
C SER A 106 11.62 -22.99 0.76
N GLY A 107 11.05 -22.92 1.95
CA GLY A 107 11.83 -23.11 3.16
C GLY A 107 11.12 -23.98 4.18
N PRO A 108 11.34 -25.30 4.09
CA PRO A 108 10.72 -26.27 5.00
C PRO A 108 11.28 -26.17 6.42
N SER A 109 10.67 -25.31 7.23
CA SER A 109 11.11 -25.12 8.60
C SER A 109 9.94 -24.69 9.49
N SER A 110 10.11 -24.85 10.80
CA SER A 110 9.07 -24.49 11.76
C SER A 110 9.65 -23.68 12.91
N GLY A 111 8.78 -23.16 13.76
CA GLY A 111 9.22 -22.38 14.90
C GLY A 111 8.66 -20.97 14.89
N GLY A 1 -16.89 9.11 -14.08
CA GLY A 1 -17.45 9.27 -15.41
C GLY A 1 -17.44 10.72 -15.86
N SER A 2 -16.28 11.36 -15.77
CA SER A 2 -16.13 12.76 -16.17
C SER A 2 -14.71 13.05 -16.60
N SER A 3 -14.57 13.72 -17.74
CA SER A 3 -13.25 14.06 -18.27
C SER A 3 -13.14 15.56 -18.51
N GLY A 4 -11.91 16.04 -18.69
CA GLY A 4 -11.68 17.45 -18.92
C GLY A 4 -10.23 17.78 -19.19
N SER A 5 -9.71 17.29 -20.31
CA SER A 5 -8.32 17.52 -20.68
C SER A 5 -8.04 17.01 -22.09
N SER A 6 -7.02 17.59 -22.72
CA SER A 6 -6.66 17.18 -24.08
C SER A 6 -5.28 16.51 -24.08
N GLY A 7 -5.28 15.21 -24.40
CA GLY A 7 -4.03 14.46 -24.43
C GLY A 7 -4.06 13.25 -23.53
N LEU A 8 -3.20 12.28 -23.81
CA LEU A 8 -3.13 11.06 -23.02
C LEU A 8 -2.70 11.37 -21.58
N PRO A 9 -3.13 10.53 -20.64
CA PRO A 9 -2.80 10.68 -19.22
C PRO A 9 -1.33 10.41 -18.93
N SER A 10 -0.63 9.86 -19.92
CA SER A 10 0.79 9.55 -19.77
C SER A 10 1.03 8.73 -18.51
N ASP A 11 0.22 7.70 -18.32
CA ASP A 11 0.35 6.82 -17.15
C ASP A 11 0.69 5.40 -17.57
N VAL A 12 1.63 5.28 -18.49
CA VAL A 12 2.05 3.97 -18.98
C VAL A 12 2.90 3.25 -17.94
N THR A 13 3.25 3.95 -16.87
CA THR A 13 4.06 3.37 -15.81
C THR A 13 3.20 2.95 -14.63
N GLU A 14 3.34 1.70 -14.22
CA GLU A 14 2.57 1.17 -13.09
C GLU A 14 3.50 0.71 -11.97
N GLY A 15 4.45 1.56 -11.61
CA GLY A 15 5.39 1.22 -10.55
C GLY A 15 5.00 1.83 -9.21
N LYS A 16 3.73 1.72 -8.87
CA LYS A 16 3.23 2.27 -7.61
C LYS A 16 2.59 1.17 -6.76
N THR A 17 3.14 0.94 -5.57
CA THR A 17 2.63 -0.07 -4.66
C THR A 17 2.66 0.42 -3.23
N VAL A 18 1.90 -0.26 -2.36
CA VAL A 18 1.84 0.11 -0.95
C VAL A 18 1.37 -1.07 -0.10
N PHE A 19 2.22 -1.49 0.84
CA PHE A 19 1.89 -2.60 1.72
C PHE A 19 1.73 -2.13 3.16
N ILE A 20 0.56 -2.41 3.74
CA ILE A 20 0.29 -2.02 5.12
C ILE A 20 0.58 -3.15 6.09
N ARG A 21 1.30 -2.83 7.17
CA ARG A 21 1.64 -3.83 8.18
C ARG A 21 1.07 -3.45 9.53
N ASN A 22 0.73 -4.46 10.33
CA ASN A 22 0.17 -4.24 11.65
C ASN A 22 -1.26 -3.71 11.56
N LEU A 23 -2.09 -4.42 10.79
CA LEU A 23 -3.48 -4.04 10.61
C LEU A 23 -4.32 -4.47 11.80
N SER A 24 -5.53 -3.92 11.91
CA SER A 24 -6.43 -4.24 13.01
C SER A 24 -7.53 -5.18 12.54
N PHE A 25 -7.92 -6.12 13.40
CA PHE A 25 -8.97 -7.07 13.08
C PHE A 25 -10.21 -6.36 12.55
N ASP A 26 -10.53 -5.22 13.14
CA ASP A 26 -11.69 -4.45 12.72
C ASP A 26 -11.52 -3.93 11.29
N SER A 27 -10.29 -3.57 10.95
CA SER A 27 -9.99 -3.06 9.62
C SER A 27 -10.73 -3.86 8.55
N GLU A 28 -11.10 -3.19 7.47
CA GLU A 28 -11.81 -3.84 6.37
C GLU A 28 -11.41 -3.24 5.02
N GLU A 29 -11.18 -4.10 4.05
CA GLU A 29 -10.78 -3.67 2.72
C GLU A 29 -11.48 -2.36 2.35
N GLU A 30 -12.76 -2.26 2.69
CA GLU A 30 -13.55 -1.07 2.39
C GLU A 30 -12.98 0.14 3.13
N ALA A 31 -12.72 -0.02 4.42
CA ALA A 31 -12.18 1.06 5.23
C ALA A 31 -10.73 1.35 4.87
N LEU A 32 -9.89 0.33 4.94
CA LEU A 32 -8.47 0.47 4.62
C LEU A 32 -8.28 1.38 3.42
N GLY A 33 -9.00 1.10 2.33
CA GLY A 33 -8.88 1.91 1.14
C GLY A 33 -9.29 3.36 1.37
N GLU A 34 -10.51 3.55 1.87
CA GLU A 34 -11.02 4.89 2.14
C GLU A 34 -9.96 5.75 2.81
N VAL A 35 -9.02 5.09 3.50
CA VAL A 35 -7.95 5.79 4.18
C VAL A 35 -6.87 6.24 3.21
N LEU A 36 -6.40 5.32 2.39
CA LEU A 36 -5.37 5.63 1.40
C LEU A 36 -5.95 6.41 0.22
N GLN A 37 -7.27 6.39 0.10
CA GLN A 37 -7.95 7.09 -0.98
C GLN A 37 -7.83 8.60 -0.80
N GLN A 38 -7.52 9.03 0.42
CA GLN A 38 -7.37 10.45 0.73
C GLN A 38 -6.24 11.07 -0.10
N PHE A 39 -5.11 10.37 -0.15
CA PHE A 39 -3.95 10.85 -0.90
C PHE A 39 -4.23 10.86 -2.40
N GLY A 40 -4.62 9.70 -2.93
CA GLY A 40 -4.92 9.60 -4.34
C GLY A 40 -5.86 8.44 -4.65
N ASP A 41 -6.26 8.33 -5.91
CA ASP A 41 -7.17 7.27 -6.34
C ASP A 41 -6.49 5.91 -6.20
N LEU A 42 -7.13 5.01 -5.44
CA LEU A 42 -6.60 3.68 -5.21
C LEU A 42 -6.96 2.75 -6.37
N LYS A 43 -5.95 2.31 -7.11
CA LYS A 43 -6.15 1.41 -8.24
C LYS A 43 -6.84 0.11 -7.79
N TYR A 44 -6.32 -0.48 -6.71
CA TYR A 44 -6.88 -1.71 -6.18
C TYR A 44 -6.45 -1.92 -4.74
N VAL A 45 -7.38 -2.42 -3.92
CA VAL A 45 -7.10 -2.67 -2.51
C VAL A 45 -7.49 -4.09 -2.12
N ARG A 46 -6.48 -4.90 -1.81
CA ARG A 46 -6.71 -6.28 -1.41
C ARG A 46 -6.00 -6.61 -0.11
N VAL A 47 -6.74 -7.19 0.84
CA VAL A 47 -6.19 -7.55 2.14
C VAL A 47 -6.19 -9.06 2.34
N VAL A 48 -5.02 -9.62 2.62
CA VAL A 48 -4.89 -11.06 2.84
C VAL A 48 -5.61 -11.49 4.11
N LEU A 49 -6.60 -12.36 3.96
CA LEU A 49 -7.36 -12.85 5.10
C LEU A 49 -7.20 -14.36 5.26
N HIS A 50 -7.10 -14.82 6.50
CA HIS A 50 -6.94 -16.25 6.78
C HIS A 50 -8.08 -17.05 6.16
N PRO A 51 -7.75 -18.21 5.60
CA PRO A 51 -8.74 -19.10 4.96
C PRO A 51 -9.67 -19.74 5.98
N ASP A 52 -10.54 -20.61 5.49
CA ASP A 52 -11.49 -21.30 6.36
C ASP A 52 -12.01 -20.37 7.45
N THR A 53 -11.98 -19.08 7.18
CA THR A 53 -12.45 -18.08 8.13
C THR A 53 -12.38 -16.67 7.55
N GLU A 54 -12.79 -15.69 8.34
CA GLU A 54 -12.78 -14.30 7.88
C GLU A 54 -11.85 -13.45 8.76
N HIS A 55 -10.71 -14.04 9.14
CA HIS A 55 -9.73 -13.34 9.96
C HIS A 55 -8.76 -12.54 9.11
N SER A 56 -8.24 -11.45 9.67
CA SER A 56 -7.31 -10.60 8.95
C SER A 56 -5.87 -10.92 9.35
N LYS A 57 -5.16 -11.63 8.47
CA LYS A 57 -3.78 -12.01 8.73
C LYS A 57 -3.06 -10.91 9.52
N GLY A 58 -3.26 -9.66 9.11
CA GLY A 58 -2.62 -8.55 9.80
C GLY A 58 -1.91 -7.61 8.84
N CYS A 59 -2.18 -7.77 7.55
CA CYS A 59 -1.56 -6.94 6.53
C CYS A 59 -2.40 -6.92 5.25
N ALA A 60 -2.10 -5.97 4.38
CA ALA A 60 -2.83 -5.84 3.12
C ALA A 60 -1.99 -5.10 2.08
N PHE A 61 -2.26 -5.37 0.80
CA PHE A 61 -1.54 -4.73 -0.29
C PHE A 61 -2.48 -3.87 -1.13
N ALA A 62 -2.03 -2.67 -1.48
CA ALA A 62 -2.83 -1.77 -2.29
C ALA A 62 -1.99 -1.11 -3.38
N GLN A 63 -2.65 -0.45 -4.31
CA GLN A 63 -1.96 0.23 -5.40
C GLN A 63 -2.55 1.61 -5.66
N PHE A 64 -1.68 2.59 -5.88
CA PHE A 64 -2.12 3.96 -6.13
C PHE A 64 -2.21 4.22 -7.63
N MET A 65 -2.79 5.38 -7.98
CA MET A 65 -2.94 5.76 -9.37
C MET A 65 -1.80 6.66 -9.83
N THR A 66 -0.96 7.05 -8.88
CA THR A 66 0.18 7.92 -9.18
C THR A 66 1.34 7.67 -8.23
N GLN A 67 2.55 7.68 -8.76
CA GLN A 67 3.75 7.44 -7.96
C GLN A 67 3.78 8.38 -6.75
N GLU A 68 3.54 9.65 -7.00
CA GLU A 68 3.54 10.65 -5.93
C GLU A 68 2.60 10.24 -4.80
N ALA A 69 1.47 9.65 -5.16
CA ALA A 69 0.48 9.22 -4.19
C ALA A 69 1.09 8.24 -3.19
N ALA A 70 1.57 7.10 -3.70
CA ALA A 70 2.18 6.09 -2.85
C ALA A 70 3.15 6.71 -1.86
N GLN A 71 4.07 7.52 -2.36
CA GLN A 71 5.06 8.18 -1.52
C GLN A 71 4.38 9.02 -0.44
N LYS A 72 3.37 9.79 -0.84
CA LYS A 72 2.64 10.64 0.08
C LYS A 72 2.00 9.81 1.20
N CYS A 73 1.75 8.54 0.92
CA CYS A 73 1.15 7.65 1.90
C CYS A 73 2.20 7.17 2.90
N LEU A 74 3.44 7.05 2.45
CA LEU A 74 4.53 6.60 3.30
C LEU A 74 4.89 7.68 4.32
N ALA A 75 5.43 8.79 3.85
CA ALA A 75 5.83 9.88 4.72
C ALA A 75 4.79 10.11 5.81
N ALA A 76 3.53 9.80 5.51
CA ALA A 76 2.44 9.96 6.47
C ALA A 76 2.32 8.73 7.36
N ALA A 77 2.58 7.56 6.80
CA ALA A 77 2.50 6.31 7.55
C ALA A 77 3.62 6.22 8.58
N SER A 78 4.74 6.87 8.29
CA SER A 78 5.89 6.85 9.20
C SER A 78 5.60 7.66 10.46
N LEU A 79 5.40 6.95 11.57
CA LEU A 79 5.11 7.58 12.84
C LEU A 79 6.20 8.59 13.21
N GLU A 80 7.41 8.35 12.72
CA GLU A 80 8.54 9.23 12.99
C GLU A 80 8.25 10.64 12.47
N ALA A 81 7.70 10.72 11.26
CA ALA A 81 7.38 12.01 10.66
C ALA A 81 6.57 12.88 11.61
N GLU A 82 6.99 14.13 11.76
CA GLU A 82 6.30 15.06 12.65
C GLU A 82 4.79 14.84 12.61
N GLY A 83 4.26 14.17 13.62
CA GLY A 83 2.85 13.89 13.68
C GLY A 83 2.26 13.57 12.32
N GLY A 84 2.41 12.30 11.90
CA GLY A 84 1.88 11.89 10.61
C GLY A 84 1.45 10.43 10.61
N GLY A 85 2.18 9.60 11.35
CA GLY A 85 1.85 8.19 11.41
C GLY A 85 0.36 7.93 11.34
N LEU A 86 -0.04 6.96 10.54
CA LEU A 86 -1.46 6.63 10.39
C LEU A 86 -1.86 5.51 11.36
N LYS A 87 -3.08 5.59 11.87
CA LYS A 87 -3.59 4.60 12.80
C LYS A 87 -5.03 4.24 12.49
N LEU A 88 -5.33 2.95 12.47
CA LEU A 88 -6.69 2.49 12.19
C LEU A 88 -7.28 1.77 13.40
N ASP A 89 -8.13 2.48 14.13
CA ASP A 89 -8.77 1.90 15.32
C ASP A 89 -7.77 1.74 16.45
N GLY A 90 -6.74 2.59 16.45
CA GLY A 90 -5.72 2.52 17.48
C GLY A 90 -4.60 1.55 17.13
N ARG A 91 -4.49 1.23 15.85
CA ARG A 91 -3.45 0.31 15.39
C ARG A 91 -2.50 1.01 14.42
N GLN A 92 -1.23 1.11 14.82
CA GLN A 92 -0.23 1.75 13.99
C GLN A 92 -0.07 1.02 12.66
N LEU A 93 -0.35 1.73 11.56
CA LEU A 93 -0.23 1.15 10.23
C LEU A 93 1.14 1.45 9.61
N LYS A 94 1.73 0.45 8.98
CA LYS A 94 3.04 0.61 8.35
C LYS A 94 2.92 0.43 6.84
N VAL A 95 2.95 1.54 6.11
CA VAL A 95 2.85 1.50 4.65
C VAL A 95 4.24 1.59 4.02
N ASP A 96 4.56 0.60 3.19
CA ASP A 96 5.85 0.56 2.51
C ASP A 96 5.68 0.17 1.05
N LEU A 97 6.50 0.75 0.19
CA LEU A 97 6.44 0.46 -1.25
C LEU A 97 6.74 -1.01 -1.52
N ALA A 98 5.70 -1.80 -1.72
CA ALA A 98 5.87 -3.23 -2.00
C ALA A 98 6.16 -3.48 -3.47
N VAL A 99 6.43 -4.73 -3.81
CA VAL A 99 6.73 -5.10 -5.19
C VAL A 99 6.32 -6.53 -5.48
N THR A 100 5.63 -6.74 -6.59
CA THR A 100 5.17 -8.06 -6.99
C THR A 100 6.34 -9.05 -7.08
N ARG A 101 7.40 -8.63 -7.74
CA ARG A 101 8.58 -9.47 -7.90
C ARG A 101 9.16 -9.86 -6.55
N ASP A 102 8.92 -11.10 -6.14
CA ASP A 102 9.42 -11.59 -4.86
C ASP A 102 10.60 -12.53 -5.06
N GLU A 103 11.66 -12.32 -4.29
CA GLU A 103 12.86 -13.15 -4.39
C GLU A 103 12.87 -14.23 -3.31
N ALA A 104 11.72 -14.85 -3.10
CA ALA A 104 11.59 -15.90 -2.10
C ALA A 104 12.59 -17.02 -2.35
N ALA A 105 13.67 -17.02 -1.58
CA ALA A 105 14.72 -18.03 -1.72
C ALA A 105 14.41 -19.25 -0.84
N SER A 106 14.56 -20.44 -1.42
CA SER A 106 14.29 -21.68 -0.69
C SER A 106 15.07 -21.71 0.62
N GLY A 107 14.46 -22.32 1.64
CA GLY A 107 15.11 -22.41 2.94
C GLY A 107 14.14 -22.24 4.08
N PRO A 108 14.61 -21.66 5.20
CA PRO A 108 13.79 -21.43 6.39
C PRO A 108 12.74 -20.35 6.17
N SER A 109 11.49 -20.67 6.51
CA SER A 109 10.39 -19.73 6.34
C SER A 109 9.94 -19.17 7.70
N SER A 110 9.68 -20.07 8.63
CA SER A 110 9.23 -19.67 9.97
C SER A 110 10.29 -18.80 10.65
N GLY A 111 9.83 -17.93 11.55
CA GLY A 111 10.75 -17.05 12.26
C GLY A 111 11.31 -17.70 13.51
N GLY A 1 22.51 8.63 -7.37
CA GLY A 1 22.37 9.89 -6.67
C GLY A 1 21.01 10.53 -6.88
N SER A 2 20.10 10.31 -5.94
CA SER A 2 18.75 10.87 -6.03
C SER A 2 18.77 12.37 -5.79
N SER A 3 19.08 13.13 -6.83
CA SER A 3 19.13 14.59 -6.72
C SER A 3 18.84 15.23 -8.07
N GLY A 4 18.34 16.46 -8.02
CA GLY A 4 18.02 17.18 -9.25
C GLY A 4 16.78 16.64 -9.93
N SER A 5 15.61 16.97 -9.38
CA SER A 5 14.35 16.50 -9.94
C SER A 5 13.57 17.67 -10.55
N SER A 6 13.02 17.44 -11.74
CA SER A 6 12.25 18.47 -12.44
C SER A 6 10.77 18.11 -12.45
N GLY A 7 9.93 19.15 -12.49
CA GLY A 7 8.50 18.92 -12.51
C GLY A 7 8.05 18.07 -13.68
N LEU A 8 7.94 16.77 -13.44
CA LEU A 8 7.52 15.84 -14.49
C LEU A 8 6.13 15.29 -14.20
N PRO A 9 5.35 15.05 -15.28
CA PRO A 9 3.99 14.53 -15.17
C PRO A 9 3.96 13.08 -14.71
N SER A 10 2.90 12.69 -14.01
CA SER A 10 2.75 11.33 -13.50
C SER A 10 3.34 10.33 -14.50
N ASP A 11 4.21 9.46 -14.00
CA ASP A 11 4.84 8.44 -14.84
C ASP A 11 3.80 7.49 -15.41
N VAL A 12 4.01 7.08 -16.66
CA VAL A 12 3.09 6.17 -17.32
C VAL A 12 3.08 4.81 -16.65
N THR A 13 4.26 4.21 -16.50
CA THR A 13 4.39 2.91 -15.87
C THR A 13 3.59 2.84 -14.58
N GLU A 14 3.09 1.65 -14.26
CA GLU A 14 2.31 1.45 -13.04
C GLU A 14 3.19 0.96 -11.90
N GLY A 15 4.31 1.64 -11.68
CA GLY A 15 5.21 1.26 -10.62
C GLY A 15 4.83 1.84 -9.28
N LYS A 16 3.54 1.75 -8.95
CA LYS A 16 3.03 2.26 -7.68
C LYS A 16 2.43 1.15 -6.85
N THR A 17 3.00 0.92 -5.67
CA THR A 17 2.52 -0.12 -4.77
C THR A 17 2.55 0.34 -3.31
N VAL A 18 1.82 -0.35 -2.46
CA VAL A 18 1.77 -0.01 -1.04
C VAL A 18 1.37 -1.21 -0.20
N PHE A 19 2.16 -1.50 0.84
CA PHE A 19 1.90 -2.63 1.72
C PHE A 19 1.70 -2.15 3.16
N ILE A 20 0.52 -2.42 3.71
CA ILE A 20 0.20 -2.03 5.07
C ILE A 20 0.42 -3.18 6.04
N ARG A 21 1.10 -2.89 7.15
CA ARG A 21 1.38 -3.89 8.16
C ARG A 21 0.63 -3.60 9.46
N ASN A 22 0.71 -4.52 10.41
CA ASN A 22 0.05 -4.35 11.69
C ASN A 22 -1.41 -3.93 11.50
N LEU A 23 -2.15 -4.72 10.72
CA LEU A 23 -3.55 -4.43 10.46
C LEU A 23 -4.45 -5.00 11.55
N SER A 24 -5.50 -4.28 11.88
CA SER A 24 -6.44 -4.72 12.92
C SER A 24 -7.39 -5.78 12.37
N PHE A 25 -7.71 -6.76 13.22
CA PHE A 25 -8.60 -7.84 12.81
C PHE A 25 -10.00 -7.30 12.48
N ASP A 26 -10.26 -6.08 12.93
CA ASP A 26 -11.55 -5.44 12.68
C ASP A 26 -11.52 -4.63 11.39
N SER A 27 -10.32 -4.37 10.90
CA SER A 27 -10.14 -3.60 9.67
C SER A 27 -10.76 -4.32 8.48
N GLU A 28 -11.14 -3.57 7.46
CA GLU A 28 -11.74 -4.14 6.26
C GLU A 28 -11.09 -3.58 4.99
N GLU A 29 -11.40 -4.18 3.85
CA GLU A 29 -10.86 -3.73 2.58
C GLU A 29 -11.40 -2.35 2.20
N GLU A 30 -12.66 -2.11 2.53
CA GLU A 30 -13.31 -0.83 2.23
C GLU A 30 -12.71 0.29 3.07
N ALA A 31 -12.52 0.02 4.36
CA ALA A 31 -11.96 1.00 5.27
C ALA A 31 -10.49 1.28 4.94
N LEU A 32 -9.73 0.21 4.75
CA LEU A 32 -8.31 0.34 4.43
C LEU A 32 -8.10 1.31 3.27
N GLY A 33 -8.79 1.08 2.16
CA GLY A 33 -8.66 1.94 1.01
C GLY A 33 -9.09 3.37 1.31
N GLU A 34 -10.27 3.53 1.90
CA GLU A 34 -10.78 4.84 2.23
C GLU A 34 -9.75 5.67 2.98
N VAL A 35 -8.78 4.98 3.58
CA VAL A 35 -7.72 5.64 4.33
C VAL A 35 -6.57 6.06 3.42
N LEU A 36 -6.27 5.23 2.43
CA LEU A 36 -5.20 5.50 1.48
C LEU A 36 -5.73 6.28 0.28
N GLN A 37 -7.03 6.55 0.27
CA GLN A 37 -7.65 7.28 -0.82
C GLN A 37 -7.45 8.78 -0.65
N GLN A 38 -7.54 9.25 0.59
CA GLN A 38 -7.36 10.67 0.88
C GLN A 38 -6.21 11.26 0.07
N PHE A 39 -5.08 10.54 0.05
CA PHE A 39 -3.91 11.00 -0.69
C PHE A 39 -4.20 11.07 -2.19
N GLY A 40 -4.59 9.93 -2.76
CA GLY A 40 -4.89 9.88 -4.18
C GLY A 40 -5.93 8.83 -4.51
N ASP A 41 -6.07 8.52 -5.80
CA ASP A 41 -7.02 7.52 -6.26
C ASP A 41 -6.42 6.12 -6.17
N LEU A 42 -7.05 5.27 -5.37
CA LEU A 42 -6.58 3.90 -5.20
C LEU A 42 -7.07 3.00 -6.35
N LYS A 43 -6.14 2.31 -6.99
CA LYS A 43 -6.47 1.43 -8.10
C LYS A 43 -7.18 0.17 -7.59
N TYR A 44 -6.51 -0.56 -6.71
CA TYR A 44 -7.08 -1.78 -6.16
C TYR A 44 -6.59 -2.01 -4.73
N VAL A 45 -7.52 -2.26 -3.82
CA VAL A 45 -7.19 -2.51 -2.42
C VAL A 45 -7.57 -3.92 -1.99
N ARG A 46 -6.56 -4.73 -1.70
CA ARG A 46 -6.79 -6.11 -1.27
C ARG A 46 -6.05 -6.41 0.02
N VAL A 47 -6.71 -7.14 0.92
CA VAL A 47 -6.11 -7.49 2.20
C VAL A 47 -5.94 -9.01 2.32
N VAL A 48 -4.70 -9.45 2.40
CA VAL A 48 -4.39 -10.87 2.53
C VAL A 48 -4.97 -11.44 3.82
N LEU A 49 -5.51 -12.65 3.74
CA LEU A 49 -6.10 -13.32 4.89
C LEU A 49 -5.16 -14.40 5.43
N HIS A 50 -5.40 -14.81 6.67
CA HIS A 50 -4.59 -15.84 7.31
C HIS A 50 -4.64 -17.13 6.49
N PRO A 51 -3.48 -17.81 6.39
CA PRO A 51 -3.36 -19.07 5.66
C PRO A 51 -4.09 -20.22 6.34
N ASP A 52 -3.90 -20.33 7.66
CA ASP A 52 -4.54 -21.38 8.43
C ASP A 52 -6.04 -21.16 8.53
N THR A 53 -6.43 -20.00 9.08
CA THR A 53 -7.84 -19.66 9.24
C THR A 53 -8.24 -18.56 8.27
N GLU A 54 -9.53 -18.25 8.23
CA GLU A 54 -10.04 -17.20 7.36
C GLU A 54 -10.15 -15.88 8.09
N HIS A 55 -9.09 -15.50 8.79
CA HIS A 55 -9.05 -14.25 9.55
C HIS A 55 -8.42 -13.15 8.72
N SER A 56 -8.54 -11.91 9.20
CA SER A 56 -7.98 -10.76 8.51
C SER A 56 -6.52 -10.55 8.90
N LYS A 57 -5.61 -11.13 8.12
CA LYS A 57 -4.19 -11.00 8.38
C LYS A 57 -3.84 -9.60 8.85
N GLY A 58 -2.71 -9.47 9.53
CA GLY A 58 -2.28 -8.18 10.03
C GLY A 58 -1.54 -7.37 8.98
N CYS A 59 -1.87 -7.61 7.72
CA CYS A 59 -1.22 -6.91 6.60
C CYS A 59 -2.11 -6.91 5.37
N ALA A 60 -1.88 -5.94 4.49
CA ALA A 60 -2.66 -5.83 3.26
C ALA A 60 -1.85 -5.16 2.15
N PHE A 61 -2.31 -5.31 0.91
CA PHE A 61 -1.63 -4.71 -0.23
C PHE A 61 -2.58 -3.79 -1.00
N ALA A 62 -2.04 -2.68 -1.50
CA ALA A 62 -2.83 -1.73 -2.25
C ALA A 62 -2.03 -1.13 -3.41
N GLN A 63 -2.70 -0.39 -4.28
CA GLN A 63 -2.05 0.23 -5.43
C GLN A 63 -2.63 1.61 -5.69
N PHE A 64 -1.74 2.58 -5.91
CA PHE A 64 -2.16 3.96 -6.19
C PHE A 64 -2.18 4.23 -7.68
N MET A 65 -2.85 5.31 -8.07
CA MET A 65 -2.94 5.68 -9.47
C MET A 65 -1.75 6.54 -9.90
N THR A 66 -1.04 7.08 -8.92
CA THR A 66 0.13 7.92 -9.19
C THR A 66 1.27 7.59 -8.23
N GLN A 67 2.50 7.67 -8.74
CA GLN A 67 3.68 7.39 -7.92
C GLN A 67 3.76 8.34 -6.73
N GLU A 68 3.51 9.62 -7.00
CA GLU A 68 3.57 10.63 -5.95
C GLU A 68 2.60 10.29 -4.82
N ALA A 69 1.50 9.62 -5.16
CA ALA A 69 0.51 9.23 -4.17
C ALA A 69 1.09 8.28 -3.13
N ALA A 70 1.50 7.10 -3.58
CA ALA A 70 2.08 6.10 -2.69
C ALA A 70 3.11 6.74 -1.75
N GLN A 71 4.00 7.54 -2.33
CA GLN A 71 5.03 8.20 -1.54
C GLN A 71 4.42 9.12 -0.48
N LYS A 72 3.33 9.78 -0.85
CA LYS A 72 2.64 10.69 0.07
C LYS A 72 2.06 9.93 1.25
N CYS A 73 1.70 8.66 1.01
CA CYS A 73 1.13 7.83 2.06
C CYS A 73 2.21 7.35 3.03
N LEU A 74 3.36 6.96 2.49
CA LEU A 74 4.47 6.50 3.30
C LEU A 74 4.88 7.55 4.33
N ALA A 75 5.30 8.71 3.84
CA ALA A 75 5.72 9.80 4.72
C ALA A 75 4.65 10.08 5.78
N ALA A 76 3.40 9.84 5.43
CA ALA A 76 2.29 10.06 6.36
C ALA A 76 2.08 8.86 7.27
N ALA A 77 2.45 7.68 6.78
CA ALA A 77 2.30 6.45 7.55
C ALA A 77 3.38 6.34 8.62
N SER A 78 4.55 6.90 8.34
CA SER A 78 5.67 6.87 9.28
C SER A 78 5.58 8.02 10.27
N LEU A 79 5.49 7.68 11.55
CA LEU A 79 5.41 8.69 12.60
C LEU A 79 6.75 9.39 12.80
N GLU A 80 7.79 8.86 12.15
CA GLU A 80 9.13 9.43 12.26
C GLU A 80 9.30 10.58 11.28
N ALA A 81 8.63 10.49 10.13
CA ALA A 81 8.72 11.53 9.12
C ALA A 81 7.82 12.71 9.46
N GLU A 82 8.07 13.85 8.82
CA GLU A 82 7.29 15.05 9.06
C GLU A 82 5.82 14.82 8.73
N GLY A 83 4.94 15.43 9.51
CA GLY A 83 3.51 15.28 9.28
C GLY A 83 2.83 14.45 10.35
N GLY A 84 3.23 13.18 10.47
CA GLY A 84 2.66 12.31 11.46
C GLY A 84 2.45 10.89 10.94
N GLY A 85 1.95 10.02 11.81
CA GLY A 85 1.72 8.64 11.41
C GLY A 85 0.25 8.30 11.33
N LEU A 86 -0.07 7.30 10.52
CA LEU A 86 -1.46 6.88 10.34
C LEU A 86 -1.82 5.74 11.30
N LYS A 87 -3.05 5.77 11.80
CA LYS A 87 -3.50 4.75 12.73
C LYS A 87 -4.95 4.36 12.43
N LEU A 88 -5.18 3.06 12.27
CA LEU A 88 -6.53 2.55 11.98
C LEU A 88 -7.12 1.86 13.20
N ASP A 89 -7.95 2.58 13.94
CA ASP A 89 -8.59 2.03 15.13
C ASP A 89 -7.58 1.86 16.26
N GLY A 90 -6.67 2.81 16.38
CA GLY A 90 -5.66 2.76 17.42
C GLY A 90 -4.52 1.81 17.07
N ARG A 91 -4.50 1.35 15.83
CA ARG A 91 -3.47 0.43 15.37
C ARG A 91 -2.55 1.11 14.35
N GLN A 92 -1.27 1.21 14.70
CA GLN A 92 -0.30 1.84 13.83
C GLN A 92 -0.17 1.10 12.51
N LEU A 93 -0.39 1.80 11.40
CA LEU A 93 -0.31 1.20 10.08
C LEU A 93 1.06 1.44 9.45
N LYS A 94 1.69 0.38 8.97
CA LYS A 94 3.00 0.48 8.34
C LYS A 94 2.89 0.33 6.83
N VAL A 95 2.96 1.45 6.11
CA VAL A 95 2.87 1.45 4.66
C VAL A 95 4.26 1.47 4.03
N ASP A 96 4.50 0.52 3.14
CA ASP A 96 5.79 0.43 2.45
C ASP A 96 5.61 0.04 0.99
N LEU A 97 6.42 0.63 0.12
CA LEU A 97 6.34 0.35 -1.31
C LEU A 97 6.66 -1.12 -1.59
N ALA A 98 5.61 -1.92 -1.78
CA ALA A 98 5.79 -3.34 -2.06
C ALA A 98 6.17 -3.58 -3.51
N VAL A 99 6.92 -4.64 -3.76
CA VAL A 99 7.36 -4.98 -5.11
C VAL A 99 6.49 -6.07 -5.72
N THR A 100 6.85 -6.52 -6.91
CA THR A 100 6.11 -7.56 -7.60
C THR A 100 6.09 -8.85 -6.78
N ARG A 101 5.05 -9.01 -5.97
CA ARG A 101 4.91 -10.20 -5.14
C ARG A 101 4.06 -11.26 -5.84
N ASP A 102 3.03 -10.82 -6.54
CA ASP A 102 2.14 -11.73 -7.26
C ASP A 102 2.88 -12.39 -8.42
N GLU A 103 3.41 -13.59 -8.17
CA GLU A 103 4.13 -14.32 -9.19
C GLU A 103 3.17 -14.88 -10.24
N ALA A 104 2.98 -14.13 -11.33
CA ALA A 104 2.09 -14.55 -12.39
C ALA A 104 2.41 -13.81 -13.69
N ALA A 105 2.10 -14.44 -14.82
CA ALA A 105 2.34 -13.83 -16.12
C ALA A 105 1.95 -12.36 -16.14
N SER A 106 2.70 -11.56 -16.88
CA SER A 106 2.43 -10.13 -16.97
C SER A 106 2.97 -9.55 -18.27
N GLY A 107 2.07 -9.11 -19.14
CA GLY A 107 2.48 -8.55 -20.41
C GLY A 107 1.54 -8.92 -21.54
N PRO A 108 1.41 -8.02 -22.52
CA PRO A 108 0.54 -8.24 -23.69
C PRO A 108 1.06 -9.32 -24.61
N SER A 109 0.46 -10.51 -24.53
CA SER A 109 0.88 -11.63 -25.36
C SER A 109 0.16 -11.60 -26.71
N SER A 110 0.88 -11.16 -27.74
CA SER A 110 0.32 -11.07 -29.08
C SER A 110 -0.19 -12.42 -29.55
N GLY A 111 -1.51 -12.61 -29.47
CA GLY A 111 -2.10 -13.87 -29.88
C GLY A 111 -2.29 -13.96 -31.38
N GLY A 1 -25.86 3.92 -32.87
CA GLY A 1 -24.54 4.33 -33.32
C GLY A 1 -24.02 5.54 -32.57
N SER A 2 -22.93 5.36 -31.83
CA SER A 2 -22.34 6.43 -31.06
C SER A 2 -20.86 6.16 -30.79
N SER A 3 -20.03 7.19 -30.97
CA SER A 3 -18.60 7.07 -30.75
C SER A 3 -18.00 8.40 -30.30
N GLY A 4 -16.84 8.33 -29.65
CA GLY A 4 -16.18 9.53 -29.19
C GLY A 4 -14.67 9.41 -29.22
N SER A 5 -14.03 9.66 -28.08
CA SER A 5 -12.57 9.59 -27.99
C SER A 5 -12.14 9.09 -26.62
N SER A 6 -11.51 7.92 -26.60
CA SER A 6 -11.04 7.32 -25.35
C SER A 6 -9.84 8.08 -24.81
N GLY A 7 -10.06 8.89 -23.78
CA GLY A 7 -8.98 9.66 -23.19
C GLY A 7 -8.93 9.51 -21.68
N LEU A 8 -8.27 8.46 -21.20
CA LEU A 8 -8.16 8.20 -19.78
C LEU A 8 -6.81 8.70 -19.25
N PRO A 9 -6.82 9.24 -18.02
CA PRO A 9 -5.61 9.76 -17.37
C PRO A 9 -4.64 8.63 -16.98
N SER A 10 -5.09 7.39 -17.11
CA SER A 10 -4.28 6.24 -16.77
C SER A 10 -2.81 6.49 -17.11
N ASP A 11 -1.92 5.95 -16.29
CA ASP A 11 -0.48 6.11 -16.51
C ASP A 11 0.06 5.00 -17.39
N VAL A 12 1.34 5.10 -17.74
CA VAL A 12 1.98 4.11 -18.60
C VAL A 12 2.87 3.18 -17.77
N THR A 13 3.56 3.75 -16.80
CA THR A 13 4.46 2.99 -15.94
C THR A 13 3.75 2.57 -14.64
N GLU A 14 3.51 1.27 -14.51
CA GLU A 14 2.85 0.75 -13.32
C GLU A 14 3.87 0.32 -12.26
N GLY A 15 4.36 1.30 -11.51
CA GLY A 15 5.35 1.01 -10.48
C GLY A 15 4.97 1.63 -9.15
N LYS A 16 3.70 1.59 -8.81
CA LYS A 16 3.22 2.14 -7.55
C LYS A 16 2.54 1.07 -6.71
N THR A 17 3.09 0.82 -5.52
CA THR A 17 2.53 -0.18 -4.62
C THR A 17 2.58 0.30 -3.17
N VAL A 18 1.79 -0.35 -2.31
CA VAL A 18 1.74 0.01 -0.90
C VAL A 18 1.30 -1.17 -0.05
N PHE A 19 2.16 -1.58 0.89
CA PHE A 19 1.87 -2.70 1.76
C PHE A 19 1.70 -2.23 3.21
N ILE A 20 0.51 -2.46 3.76
CA ILE A 20 0.21 -2.05 5.13
C ILE A 20 0.43 -3.20 6.09
N ARG A 21 1.13 -2.93 7.19
CA ARG A 21 1.41 -3.95 8.19
C ARG A 21 0.80 -3.56 9.54
N ASN A 22 0.66 -4.55 10.42
CA ASN A 22 0.09 -4.31 11.75
C ASN A 22 -1.36 -3.86 11.64
N LEU A 23 -2.15 -4.59 10.85
CA LEU A 23 -3.56 -4.27 10.67
C LEU A 23 -4.41 -4.89 11.77
N SER A 24 -5.49 -4.21 12.13
CA SER A 24 -6.38 -4.69 13.18
C SER A 24 -7.44 -5.62 12.60
N PHE A 25 -7.79 -6.66 13.35
CA PHE A 25 -8.79 -7.63 12.91
C PHE A 25 -10.07 -6.93 12.47
N ASP A 26 -10.30 -5.75 13.03
CA ASP A 26 -11.50 -4.97 12.69
C ASP A 26 -11.36 -4.33 11.31
N SER A 27 -10.13 -3.97 10.95
CA SER A 27 -9.87 -3.34 9.67
C SER A 27 -10.54 -4.12 8.53
N GLU A 28 -10.74 -3.45 7.40
CA GLU A 28 -11.37 -4.09 6.24
C GLU A 28 -10.84 -3.49 4.94
N GLU A 29 -11.28 -4.05 3.82
CA GLU A 29 -10.85 -3.57 2.51
C GLU A 29 -11.49 -2.23 2.19
N GLU A 30 -12.73 -2.06 2.62
CA GLU A 30 -13.47 -0.82 2.37
C GLU A 30 -12.87 0.33 3.19
N ALA A 31 -12.67 0.10 4.48
CA ALA A 31 -12.11 1.11 5.37
C ALA A 31 -10.64 1.36 5.04
N LEU A 32 -9.86 0.29 4.96
CA LEU A 32 -8.44 0.39 4.66
C LEU A 32 -8.20 1.31 3.47
N GLY A 33 -8.77 0.94 2.32
CA GLY A 33 -8.61 1.73 1.12
C GLY A 33 -9.09 3.16 1.30
N GLU A 34 -10.27 3.33 1.87
CA GLU A 34 -10.84 4.66 2.10
C GLU A 34 -9.84 5.54 2.86
N VAL A 35 -8.89 4.90 3.53
CA VAL A 35 -7.89 5.63 4.30
C VAL A 35 -6.77 6.14 3.39
N LEU A 36 -6.27 5.26 2.53
CA LEU A 36 -5.20 5.63 1.61
C LEU A 36 -5.72 6.51 0.48
N GLN A 37 -7.01 6.34 0.16
CA GLN A 37 -7.64 7.13 -0.90
C GLN A 37 -7.42 8.62 -0.68
N GLN A 38 -7.37 9.02 0.59
CA GLN A 38 -7.16 10.42 0.93
C GLN A 38 -5.94 10.99 0.24
N PHE A 39 -4.88 10.18 0.16
CA PHE A 39 -3.65 10.61 -0.49
C PHE A 39 -3.81 10.64 -2.01
N GLY A 40 -4.51 9.65 -2.54
CA GLY A 40 -4.72 9.58 -3.98
C GLY A 40 -5.58 8.39 -4.38
N ASP A 41 -6.20 8.49 -5.55
CA ASP A 41 -7.05 7.42 -6.05
C ASP A 41 -6.38 6.06 -5.85
N LEU A 42 -7.19 5.05 -5.55
CA LEU A 42 -6.68 3.70 -5.34
C LEU A 42 -7.11 2.77 -6.46
N LYS A 43 -6.15 2.34 -7.27
CA LYS A 43 -6.42 1.44 -8.38
C LYS A 43 -7.08 0.15 -7.90
N TYR A 44 -6.44 -0.52 -6.95
CA TYR A 44 -6.97 -1.76 -6.39
C TYR A 44 -6.49 -1.96 -4.96
N VAL A 45 -7.43 -2.27 -4.07
CA VAL A 45 -7.12 -2.48 -2.66
C VAL A 45 -7.47 -3.91 -2.23
N ARG A 46 -6.44 -4.70 -1.94
CA ARG A 46 -6.64 -6.08 -1.52
C ARG A 46 -5.99 -6.34 -0.17
N VAL A 47 -6.73 -6.95 0.75
CA VAL A 47 -6.22 -7.25 2.07
C VAL A 47 -6.21 -8.76 2.32
N VAL A 48 -5.03 -9.29 2.60
CA VAL A 48 -4.88 -10.71 2.86
C VAL A 48 -5.71 -11.15 4.06
N LEU A 49 -6.41 -12.27 3.91
CA LEU A 49 -7.26 -12.79 4.99
C LEU A 49 -6.70 -14.11 5.53
N HIS A 50 -7.17 -14.50 6.70
CA HIS A 50 -6.73 -15.74 7.33
C HIS A 50 -6.96 -16.93 6.40
N PRO A 51 -6.00 -17.87 6.40
CA PRO A 51 -6.08 -19.07 5.56
C PRO A 51 -7.16 -20.04 6.03
N ASP A 52 -7.22 -20.25 7.35
CA ASP A 52 -8.20 -21.15 7.93
C ASP A 52 -9.58 -20.48 8.00
N THR A 53 -9.63 -19.32 8.64
CA THR A 53 -10.88 -18.58 8.78
C THR A 53 -10.96 -17.44 7.76
N GLU A 54 -12.01 -16.64 7.88
CA GLU A 54 -12.21 -15.51 6.98
C GLU A 54 -12.29 -14.20 7.75
N HIS A 55 -11.24 -13.89 8.50
CA HIS A 55 -11.20 -12.67 9.29
C HIS A 55 -10.15 -11.70 8.74
N SER A 56 -8.88 -11.99 9.01
CA SER A 56 -7.80 -11.14 8.54
C SER A 56 -6.44 -11.75 8.91
N LYS A 57 -5.46 -11.56 8.04
CA LYS A 57 -4.11 -12.08 8.26
C LYS A 57 -3.30 -11.14 9.15
N GLY A 58 -3.26 -9.86 8.76
CA GLY A 58 -2.51 -8.89 9.53
C GLY A 58 -1.98 -7.76 8.67
N CYS A 59 -1.89 -8.01 7.37
CA CYS A 59 -1.39 -7.00 6.44
C CYS A 59 -2.30 -6.88 5.22
N ALA A 60 -2.01 -5.92 4.36
CA ALA A 60 -2.79 -5.70 3.15
C ALA A 60 -1.98 -5.00 2.07
N PHE A 61 -2.35 -5.23 0.82
CA PHE A 61 -1.65 -4.63 -0.31
C PHE A 61 -2.58 -3.73 -1.12
N ALA A 62 -2.09 -2.55 -1.48
CA ALA A 62 -2.87 -1.59 -2.25
C ALA A 62 -2.04 -0.99 -3.38
N GLN A 63 -2.72 -0.31 -4.30
CA GLN A 63 -2.04 0.31 -5.43
C GLN A 63 -2.58 1.73 -5.67
N PHE A 64 -1.68 2.62 -6.07
CA PHE A 64 -2.06 4.01 -6.33
C PHE A 64 -2.11 4.28 -7.83
N MET A 65 -2.60 5.46 -8.19
CA MET A 65 -2.70 5.86 -9.60
C MET A 65 -1.49 6.68 -10.01
N THR A 66 -0.81 7.28 -9.03
CA THR A 66 0.36 8.10 -9.30
C THR A 66 1.46 7.82 -8.28
N GLN A 67 2.67 7.59 -8.79
CA GLN A 67 3.81 7.30 -7.92
C GLN A 67 3.80 8.22 -6.70
N GLU A 68 3.73 9.52 -6.94
CA GLU A 68 3.72 10.49 -5.85
C GLU A 68 2.70 10.10 -4.78
N ALA A 69 1.58 9.54 -5.23
CA ALA A 69 0.53 9.12 -4.31
C ALA A 69 1.07 8.18 -3.24
N ALA A 70 1.54 7.01 -3.67
CA ALA A 70 2.08 6.01 -2.75
C ALA A 70 3.06 6.66 -1.77
N GLN A 71 3.96 7.49 -2.29
CA GLN A 71 4.94 8.16 -1.46
C GLN A 71 4.26 9.05 -0.41
N LYS A 72 3.22 9.75 -0.84
CA LYS A 72 2.48 10.63 0.05
C LYS A 72 1.85 9.85 1.19
N CYS A 73 1.60 8.57 0.96
CA CYS A 73 1.00 7.70 1.98
C CYS A 73 2.05 7.25 2.99
N LEU A 74 3.27 7.02 2.51
CA LEU A 74 4.37 6.58 3.38
C LEU A 74 4.77 7.69 4.35
N ALA A 75 5.30 8.78 3.81
CA ALA A 75 5.72 9.91 4.63
C ALA A 75 4.65 10.27 5.67
N ALA A 76 3.40 9.96 5.34
CA ALA A 76 2.29 10.25 6.25
C ALA A 76 2.03 9.08 7.18
N ALA A 77 2.30 7.87 6.70
CA ALA A 77 2.09 6.66 7.50
C ALA A 77 3.15 6.53 8.58
N SER A 78 4.34 7.07 8.31
CA SER A 78 5.44 7.01 9.26
C SER A 78 5.44 8.24 10.18
N LEU A 79 5.12 8.01 11.45
CA LEU A 79 5.09 9.09 12.43
C LEU A 79 6.45 9.77 12.55
N GLU A 80 7.51 9.03 12.20
CA GLU A 80 8.86 9.56 12.28
C GLU A 80 9.15 10.47 11.08
N ALA A 81 8.64 10.09 9.92
CA ALA A 81 8.83 10.88 8.70
C ALA A 81 8.21 12.27 8.84
N GLU A 82 8.71 13.20 8.04
CA GLU A 82 8.20 14.57 8.06
C GLU A 82 6.82 14.65 7.44
N GLY A 83 5.80 14.32 8.23
CA GLY A 83 4.43 14.36 7.74
C GLY A 83 3.42 14.08 8.83
N GLY A 84 3.36 12.83 9.28
CA GLY A 84 2.43 12.45 10.32
C GLY A 84 2.39 10.95 10.56
N GLY A 85 1.39 10.49 11.30
CA GLY A 85 1.25 9.08 11.58
C GLY A 85 -0.18 8.60 11.47
N LEU A 86 -0.43 7.69 10.53
CA LEU A 86 -1.77 7.15 10.33
C LEU A 86 -2.03 5.97 11.27
N LYS A 87 -3.23 5.93 11.83
CA LYS A 87 -3.61 4.85 12.74
C LYS A 87 -5.07 4.45 12.53
N LEU A 88 -5.33 3.15 12.56
CA LEU A 88 -6.68 2.64 12.37
C LEU A 88 -7.18 1.95 13.65
N ASP A 89 -8.00 2.65 14.41
CA ASP A 89 -8.55 2.09 15.65
C ASP A 89 -7.49 2.05 16.73
N GLY A 90 -6.49 2.92 16.62
CA GLY A 90 -5.42 2.95 17.61
C GLY A 90 -4.31 1.97 17.28
N ARG A 91 -4.05 1.77 16.00
CA ARG A 91 -3.00 0.85 15.57
C ARG A 91 -2.09 1.51 14.55
N GLN A 92 -0.78 1.42 14.79
CA GLN A 92 0.21 2.02 13.88
C GLN A 92 0.33 1.19 12.61
N LEU A 93 -0.18 1.74 11.51
CA LEU A 93 -0.13 1.06 10.22
C LEU A 93 1.21 1.31 9.53
N LYS A 94 1.89 0.23 9.16
CA LYS A 94 3.18 0.33 8.49
C LYS A 94 3.02 0.20 6.98
N VAL A 95 3.07 1.32 6.27
CA VAL A 95 2.93 1.32 4.82
C VAL A 95 4.29 1.41 4.14
N ASP A 96 4.59 0.44 3.28
CA ASP A 96 5.85 0.41 2.56
C ASP A 96 5.64 0.00 1.11
N LEU A 97 6.43 0.59 0.21
CA LEU A 97 6.33 0.29 -1.21
C LEU A 97 6.64 -1.19 -1.48
N ALA A 98 5.58 -1.97 -1.64
CA ALA A 98 5.72 -3.40 -1.92
C ALA A 98 6.10 -3.64 -3.38
N VAL A 99 6.58 -4.85 -3.66
CA VAL A 99 6.96 -5.22 -5.02
C VAL A 99 6.27 -6.50 -5.47
N THR A 100 5.30 -6.36 -6.35
CA THR A 100 4.56 -7.50 -6.86
C THR A 100 5.49 -8.54 -7.47
N ARG A 101 5.74 -9.61 -6.73
CA ARG A 101 6.61 -10.68 -7.19
C ARG A 101 6.19 -12.03 -6.63
N ASP A 102 6.79 -13.09 -7.13
CA ASP A 102 6.47 -14.45 -6.68
C ASP A 102 7.27 -14.81 -5.44
N GLU A 103 6.70 -14.53 -4.27
CA GLU A 103 7.36 -14.83 -3.00
C GLU A 103 7.42 -16.34 -2.75
N ALA A 104 8.51 -16.96 -3.18
CA ALA A 104 8.69 -18.40 -3.00
C ALA A 104 10.05 -18.71 -2.39
N ALA A 105 10.05 -19.00 -1.09
CA ALA A 105 11.29 -19.32 -0.38
C ALA A 105 11.00 -20.04 0.93
N SER A 106 12.06 -20.48 1.60
CA SER A 106 11.93 -21.19 2.87
C SER A 106 11.86 -20.21 4.03
N GLY A 107 11.19 -20.62 5.11
CA GLY A 107 11.08 -19.76 6.27
C GLY A 107 11.59 -20.43 7.53
N PRO A 108 12.91 -20.35 7.74
CA PRO A 108 13.55 -20.95 8.92
C PRO A 108 13.21 -20.21 10.21
N SER A 109 12.72 -18.98 10.07
CA SER A 109 12.36 -18.17 11.22
C SER A 109 11.02 -18.61 11.80
N SER A 110 10.00 -18.64 10.94
CA SER A 110 8.66 -19.05 11.37
C SER A 110 8.37 -18.56 12.78
N GLY A 111 8.76 -17.32 13.06
CA GLY A 111 8.53 -16.75 14.38
C GLY A 111 7.63 -15.53 14.34
N GLY A 1 14.43 11.18 9.14
CA GLY A 1 14.25 10.44 7.90
C GLY A 1 13.41 11.20 6.89
N SER A 2 12.55 10.48 6.18
CA SER A 2 11.69 11.09 5.17
C SER A 2 12.53 11.81 4.11
N SER A 3 13.59 11.16 3.66
CA SER A 3 14.47 11.73 2.65
C SER A 3 14.49 10.86 1.39
N GLY A 4 14.57 11.52 0.23
CA GLY A 4 14.59 10.80 -1.02
C GLY A 4 15.69 11.30 -1.96
N SER A 5 16.05 10.47 -2.92
CA SER A 5 17.10 10.83 -3.88
C SER A 5 16.73 10.36 -5.29
N SER A 6 17.41 10.91 -6.28
CA SER A 6 17.15 10.55 -7.68
C SER A 6 18.35 10.86 -8.55
N GLY A 7 18.26 10.51 -9.83
CA GLY A 7 19.35 10.77 -10.76
C GLY A 7 18.97 10.47 -12.19
N LEU A 8 18.23 9.38 -12.39
CA LEU A 8 17.81 8.99 -13.73
C LEU A 8 16.46 9.61 -14.08
N PRO A 9 16.24 9.86 -15.38
CA PRO A 9 15.00 10.45 -15.88
C PRO A 9 13.82 9.49 -15.76
N SER A 10 12.86 9.84 -14.91
CA SER A 10 11.68 9.01 -14.70
C SER A 10 10.65 9.25 -15.80
N ASP A 11 9.57 8.47 -15.77
CA ASP A 11 8.52 8.60 -16.76
C ASP A 11 7.34 7.68 -16.43
N VAL A 12 6.15 8.05 -16.90
CA VAL A 12 4.95 7.26 -16.65
C VAL A 12 5.23 5.77 -16.78
N THR A 13 5.18 5.07 -15.66
CA THR A 13 5.43 3.63 -15.65
C THR A 13 4.75 2.96 -14.46
N GLU A 14 4.00 1.91 -14.73
CA GLU A 14 3.29 1.18 -13.68
C GLU A 14 4.27 0.70 -12.60
N GLY A 15 4.57 1.59 -11.66
CA GLY A 15 5.48 1.25 -10.59
C GLY A 15 5.08 1.86 -9.26
N LYS A 16 3.80 1.75 -8.93
CA LYS A 16 3.29 2.30 -7.68
C LYS A 16 2.63 1.21 -6.83
N THR A 17 3.17 0.98 -5.65
CA THR A 17 2.64 -0.03 -4.74
C THR A 17 2.66 0.45 -3.30
N VAL A 18 1.89 -0.21 -2.45
CA VAL A 18 1.82 0.14 -1.03
C VAL A 18 1.37 -1.04 -0.18
N PHE A 19 2.24 -1.46 0.73
CA PHE A 19 1.92 -2.59 1.61
C PHE A 19 1.76 -2.12 3.06
N ILE A 20 0.62 -2.43 3.65
CA ILE A 20 0.34 -2.04 5.03
C ILE A 20 0.67 -3.18 6.00
N ARG A 21 1.35 -2.84 7.08
CA ARG A 21 1.72 -3.84 8.08
C ARG A 21 1.11 -3.49 9.44
N ASN A 22 0.82 -4.52 10.23
CA ASN A 22 0.24 -4.33 11.55
C ASN A 22 -1.22 -3.91 11.44
N LEU A 23 -1.97 -4.59 10.58
CA LEU A 23 -3.38 -4.28 10.38
C LEU A 23 -4.24 -4.92 11.47
N SER A 24 -5.35 -4.29 11.78
CA SER A 24 -6.26 -4.79 12.80
C SER A 24 -7.42 -5.55 12.18
N PHE A 25 -7.76 -6.70 12.77
CA PHE A 25 -8.84 -7.52 12.27
C PHE A 25 -10.11 -6.70 12.09
N ASP A 26 -10.36 -5.78 13.02
CA ASP A 26 -11.54 -4.93 12.96
C ASP A 26 -11.57 -4.15 11.65
N SER A 27 -10.41 -3.92 11.06
CA SER A 27 -10.31 -3.19 9.80
C SER A 27 -11.03 -3.93 8.68
N GLU A 28 -11.21 -3.24 7.56
CA GLU A 28 -11.89 -3.84 6.41
C GLU A 28 -11.31 -3.30 5.10
N GLU A 29 -11.07 -4.20 4.16
CA GLU A 29 -10.52 -3.83 2.86
C GLU A 29 -11.10 -2.50 2.40
N GLU A 30 -12.42 -2.37 2.47
CA GLU A 30 -13.10 -1.15 2.05
C GLU A 30 -12.56 0.06 2.81
N ALA A 31 -12.68 0.01 4.14
CA ALA A 31 -12.21 1.10 4.99
C ALA A 31 -10.73 1.38 4.74
N LEU A 32 -9.90 0.36 4.90
CA LEU A 32 -8.46 0.49 4.70
C LEU A 32 -8.17 1.40 3.50
N GLY A 33 -8.77 1.08 2.37
CA GLY A 33 -8.57 1.88 1.17
C GLY A 33 -9.02 3.31 1.33
N GLU A 34 -10.30 3.50 1.65
CA GLU A 34 -10.86 4.83 1.83
C GLU A 34 -9.89 5.72 2.60
N VAL A 35 -9.03 5.11 3.40
CA VAL A 35 -8.05 5.85 4.19
C VAL A 35 -6.88 6.30 3.32
N LEU A 36 -6.33 5.38 2.53
CA LEU A 36 -5.21 5.68 1.65
C LEU A 36 -5.67 6.56 0.47
N GLN A 37 -6.93 6.40 0.09
CA GLN A 37 -7.48 7.17 -1.02
C GLN A 37 -7.29 8.67 -0.80
N GLN A 38 -7.33 9.09 0.47
CA GLN A 38 -7.15 10.50 0.80
C GLN A 38 -5.97 11.09 0.06
N PHE A 39 -4.88 10.34 0.00
CA PHE A 39 -3.67 10.79 -0.69
C PHE A 39 -3.84 10.72 -2.20
N GLY A 40 -4.48 9.66 -2.67
CA GLY A 40 -4.69 9.49 -4.10
C GLY A 40 -5.62 8.33 -4.41
N ASP A 41 -6.33 8.42 -5.54
CA ASP A 41 -7.25 7.38 -5.95
C ASP A 41 -6.54 6.03 -6.02
N LEU A 42 -6.97 5.10 -5.18
CA LEU A 42 -6.37 3.77 -5.14
C LEU A 42 -6.85 2.93 -6.33
N LYS A 43 -5.89 2.41 -7.10
CA LYS A 43 -6.22 1.58 -8.26
C LYS A 43 -6.93 0.30 -7.84
N TYR A 44 -6.43 -0.32 -6.78
CA TYR A 44 -7.02 -1.56 -6.26
C TYR A 44 -6.65 -1.77 -4.80
N VAL A 45 -7.59 -2.34 -4.05
CA VAL A 45 -7.36 -2.61 -2.63
C VAL A 45 -7.74 -4.04 -2.28
N ARG A 46 -6.76 -4.80 -1.80
CA ARG A 46 -6.99 -6.19 -1.44
C ARG A 46 -6.31 -6.52 -0.11
N VAL A 47 -7.02 -7.23 0.76
CA VAL A 47 -6.49 -7.60 2.06
C VAL A 47 -6.43 -9.12 2.22
N VAL A 48 -5.23 -9.64 2.47
CA VAL A 48 -5.05 -11.08 2.65
C VAL A 48 -5.90 -11.61 3.80
N LEU A 49 -6.50 -12.77 3.60
CA LEU A 49 -7.33 -13.39 4.63
C LEU A 49 -7.00 -14.87 4.78
N HIS A 50 -7.30 -15.41 5.96
CA HIS A 50 -7.03 -16.82 6.24
C HIS A 50 -7.84 -17.73 5.30
N PRO A 51 -7.21 -18.81 4.84
CA PRO A 51 -7.85 -19.78 3.94
C PRO A 51 -8.95 -20.58 4.63
N ASP A 52 -8.82 -20.75 5.94
CA ASP A 52 -9.80 -21.50 6.71
C ASP A 52 -11.01 -20.63 7.03
N THR A 53 -10.76 -19.45 7.57
CA THR A 53 -11.84 -18.52 7.93
C THR A 53 -11.52 -17.11 7.44
N GLU A 54 -12.44 -16.19 7.69
CA GLU A 54 -12.27 -14.80 7.27
C GLU A 54 -11.43 -14.03 8.29
N HIS A 55 -10.33 -14.65 8.73
CA HIS A 55 -9.44 -14.02 9.70
C HIS A 55 -8.33 -13.25 8.99
N SER A 56 -8.26 -11.95 9.27
CA SER A 56 -7.23 -11.11 8.66
C SER A 56 -5.85 -11.42 9.23
N LYS A 57 -4.98 -11.97 8.38
CA LYS A 57 -3.63 -12.31 8.79
C LYS A 57 -2.97 -11.16 9.53
N GLY A 58 -3.26 -9.94 9.10
CA GLY A 58 -2.69 -8.76 9.73
C GLY A 58 -1.92 -7.89 8.76
N CYS A 59 -2.26 -8.00 7.49
CA CYS A 59 -1.59 -7.21 6.46
C CYS A 59 -2.44 -7.14 5.18
N ALA A 60 -2.23 -6.11 4.39
CA ALA A 60 -2.96 -5.93 3.15
C ALA A 60 -2.13 -5.19 2.11
N PHE A 61 -2.46 -5.40 0.84
CA PHE A 61 -1.74 -4.75 -0.25
C PHE A 61 -2.67 -3.87 -1.07
N ALA A 62 -2.19 -2.67 -1.42
CA ALA A 62 -2.98 -1.74 -2.20
C ALA A 62 -2.15 -1.12 -3.32
N GLN A 63 -2.78 -0.26 -4.12
CA GLN A 63 -2.09 0.40 -5.22
C GLN A 63 -2.64 1.81 -5.44
N PHE A 64 -1.81 2.69 -6.00
CA PHE A 64 -2.22 4.07 -6.26
C PHE A 64 -2.24 4.34 -7.76
N MET A 65 -2.79 5.50 -8.12
CA MET A 65 -2.88 5.89 -9.53
C MET A 65 -1.60 6.57 -9.99
N THR A 66 -0.91 7.23 -9.05
CA THR A 66 0.32 7.92 -9.36
C THR A 66 1.38 7.70 -8.27
N GLN A 67 2.60 7.42 -8.69
CA GLN A 67 3.69 7.18 -7.75
C GLN A 67 3.62 8.16 -6.59
N GLU A 68 3.56 9.45 -6.89
CA GLU A 68 3.50 10.49 -5.88
C GLU A 68 2.55 10.08 -4.75
N ALA A 69 1.39 9.55 -5.12
CA ALA A 69 0.40 9.12 -4.14
C ALA A 69 1.01 8.13 -3.14
N ALA A 70 1.59 7.05 -3.66
CA ALA A 70 2.20 6.04 -2.82
C ALA A 70 3.21 6.67 -1.85
N GLN A 71 4.08 7.51 -2.39
CA GLN A 71 5.09 8.18 -1.57
C GLN A 71 4.45 9.01 -0.47
N LYS A 72 3.35 9.69 -0.81
CA LYS A 72 2.64 10.52 0.14
C LYS A 72 2.11 9.68 1.30
N CYS A 73 1.72 8.45 1.01
CA CYS A 73 1.19 7.56 2.03
C CYS A 73 2.28 7.16 3.02
N LEU A 74 3.50 7.01 2.53
CA LEU A 74 4.63 6.64 3.38
C LEU A 74 4.92 7.73 4.40
N ALA A 75 5.31 8.90 3.91
CA ALA A 75 5.62 10.03 4.77
C ALA A 75 4.51 10.26 5.79
N ALA A 76 3.27 9.99 5.39
CA ALA A 76 2.12 10.17 6.26
C ALA A 76 1.98 8.99 7.22
N ALA A 77 2.40 7.81 6.77
CA ALA A 77 2.32 6.61 7.59
C ALA A 77 3.49 6.51 8.55
N SER A 78 4.27 7.59 8.65
CA SER A 78 5.42 7.63 9.53
C SER A 78 5.10 8.40 10.80
N LEU A 79 4.83 7.66 11.88
CA LEU A 79 4.52 8.27 13.16
C LEU A 79 5.52 9.37 13.51
N GLU A 80 6.78 9.17 13.12
CA GLU A 80 7.82 10.14 13.39
C GLU A 80 7.42 11.52 12.89
N ALA A 81 6.81 11.57 11.71
CA ALA A 81 6.38 12.83 11.12
C ALA A 81 5.44 13.58 12.06
N GLU A 82 5.88 14.75 12.51
CA GLU A 82 5.07 15.56 13.42
C GLU A 82 3.59 15.42 13.10
N GLY A 83 2.86 14.78 14.02
CA GLY A 83 1.43 14.58 13.82
C GLY A 83 1.09 14.23 12.39
N GLY A 84 1.13 12.94 12.07
CA GLY A 84 0.83 12.50 10.72
C GLY A 84 0.61 11.00 10.64
N GLY A 85 1.40 10.25 11.42
CA GLY A 85 1.28 8.80 11.41
C GLY A 85 -0.17 8.35 11.32
N LEU A 86 -0.42 7.37 10.46
CA LEU A 86 -1.77 6.84 10.29
C LEU A 86 -2.06 5.73 11.29
N LYS A 87 -3.29 5.71 11.80
CA LYS A 87 -3.70 4.71 12.78
C LYS A 87 -5.15 4.27 12.54
N LEU A 88 -5.36 2.96 12.47
CA LEU A 88 -6.69 2.43 12.24
C LEU A 88 -7.14 1.59 13.44
N ASP A 89 -8.06 2.14 14.23
CA ASP A 89 -8.57 1.43 15.41
C ASP A 89 -7.50 1.31 16.47
N GLY A 90 -6.71 2.37 16.65
CA GLY A 90 -5.66 2.36 17.64
C GLY A 90 -4.52 1.43 17.27
N ARG A 91 -4.19 1.38 15.99
CA ARG A 91 -3.11 0.52 15.51
C ARG A 91 -2.21 1.26 14.52
N GLN A 92 -0.92 1.31 14.82
CA GLN A 92 0.04 1.99 13.96
C GLN A 92 0.25 1.21 12.66
N LEU A 93 -0.29 1.73 11.57
CA LEU A 93 -0.17 1.09 10.27
C LEU A 93 1.19 1.41 9.64
N LYS A 94 1.86 0.37 9.13
CA LYS A 94 3.15 0.54 8.49
C LYS A 94 3.05 0.36 6.99
N VAL A 95 3.06 1.47 6.26
CA VAL A 95 2.96 1.42 4.80
C VAL A 95 4.34 1.50 4.16
N ASP A 96 4.59 0.62 3.20
CA ASP A 96 5.88 0.59 2.50
C ASP A 96 5.70 0.20 1.04
N LEU A 97 6.51 0.78 0.17
CA LEU A 97 6.44 0.50 -1.26
C LEU A 97 6.74 -0.97 -1.54
N ALA A 98 5.69 -1.74 -1.80
CA ALA A 98 5.84 -3.17 -2.08
C ALA A 98 6.11 -3.40 -3.57
N VAL A 99 6.24 -4.66 -3.94
CA VAL A 99 6.50 -5.03 -5.34
C VAL A 99 6.35 -6.53 -5.55
N THR A 100 5.64 -6.90 -6.61
CA THR A 100 5.42 -8.31 -6.92
C THR A 100 6.64 -9.15 -6.55
N ARG A 101 7.79 -8.77 -7.07
CA ARG A 101 9.04 -9.48 -6.79
C ARG A 101 9.17 -9.79 -5.31
N ASP A 102 9.03 -11.07 -4.96
CA ASP A 102 9.13 -11.50 -3.57
C ASP A 102 10.49 -12.13 -3.30
N GLU A 103 11.49 -11.29 -3.08
CA GLU A 103 12.85 -11.77 -2.81
C GLU A 103 13.23 -12.89 -3.77
N ALA A 104 12.86 -12.72 -5.03
CA ALA A 104 13.17 -13.72 -6.06
C ALA A 104 14.39 -13.30 -6.87
N ALA A 105 15.10 -14.29 -7.41
CA ALA A 105 16.29 -14.03 -8.21
C ALA A 105 16.17 -14.65 -9.59
N SER A 106 16.80 -14.03 -10.58
CA SER A 106 16.75 -14.52 -11.95
C SER A 106 18.17 -14.77 -12.48
N GLY A 107 18.25 -15.48 -13.60
CA GLY A 107 19.54 -15.78 -14.20
C GLY A 107 19.52 -15.71 -15.71
N PRO A 108 19.22 -14.51 -16.24
CA PRO A 108 19.15 -14.29 -17.69
C PRO A 108 20.53 -14.36 -18.36
N SER A 109 20.56 -14.16 -19.67
CA SER A 109 21.81 -14.20 -20.41
C SER A 109 21.68 -13.43 -21.73
N SER A 110 22.44 -12.35 -21.85
CA SER A 110 22.41 -11.52 -23.05
C SER A 110 23.83 -11.21 -23.52
N GLY A 111 23.99 -11.09 -24.84
CA GLY A 111 25.29 -10.80 -25.40
C GLY A 111 25.72 -11.81 -26.45
N GLY A 1 16.92 28.06 -3.87
CA GLY A 1 18.13 27.48 -4.44
C GLY A 1 17.91 26.08 -4.96
N SER A 2 18.98 25.31 -5.08
CA SER A 2 18.90 23.95 -5.57
C SER A 2 19.40 22.95 -4.52
N SER A 3 19.00 21.69 -4.67
CA SER A 3 19.41 20.65 -3.74
C SER A 3 20.37 19.66 -4.40
N GLY A 4 20.05 19.28 -5.63
CA GLY A 4 20.89 18.35 -6.36
C GLY A 4 20.16 17.07 -6.71
N SER A 5 19.07 17.20 -7.46
CA SER A 5 18.29 16.04 -7.86
C SER A 5 18.90 15.36 -9.09
N SER A 6 19.06 14.05 -9.01
CA SER A 6 19.63 13.28 -10.10
C SER A 6 18.54 12.68 -10.98
N GLY A 7 18.15 13.43 -12.02
CA GLY A 7 17.11 12.95 -12.92
C GLY A 7 17.58 11.81 -13.78
N LEU A 8 16.96 10.65 -13.60
CA LEU A 8 17.31 9.46 -14.37
C LEU A 8 16.63 9.47 -15.73
N PRO A 9 17.36 9.03 -16.77
CA PRO A 9 16.85 8.97 -18.14
C PRO A 9 15.78 7.89 -18.31
N SER A 10 15.91 6.81 -17.54
CA SER A 10 14.97 5.71 -17.62
C SER A 10 13.55 6.18 -17.26
N ASP A 11 12.56 5.40 -17.66
CA ASP A 11 11.17 5.73 -17.39
C ASP A 11 10.53 4.69 -16.46
N VAL A 12 9.35 4.99 -15.95
CA VAL A 12 8.64 4.09 -15.06
C VAL A 12 7.16 4.00 -15.43
N THR A 13 6.61 2.79 -15.36
CA THR A 13 5.22 2.56 -15.69
C THR A 13 4.57 1.59 -14.70
N GLU A 14 3.35 1.92 -14.28
CA GLU A 14 2.63 1.07 -13.34
C GLU A 14 3.55 0.59 -12.21
N GLY A 15 4.37 1.50 -11.70
CA GLY A 15 5.28 1.16 -10.62
C GLY A 15 4.90 1.80 -9.31
N LYS A 16 3.66 1.58 -8.87
CA LYS A 16 3.17 2.13 -7.62
C LYS A 16 2.53 1.06 -6.75
N THR A 17 3.10 0.84 -5.58
CA THR A 17 2.58 -0.17 -4.66
C THR A 17 2.62 0.33 -3.22
N VAL A 18 1.84 -0.31 -2.35
CA VAL A 18 1.79 0.08 -0.95
C VAL A 18 1.36 -1.10 -0.08
N PHE A 19 2.24 -1.50 0.84
CA PHE A 19 1.96 -2.62 1.74
C PHE A 19 1.78 -2.13 3.17
N ILE A 20 0.63 -2.46 3.76
CA ILE A 20 0.33 -2.06 5.12
C ILE A 20 0.60 -3.18 6.11
N ARG A 21 1.34 -2.89 7.16
CA ARG A 21 1.68 -3.88 8.18
C ARG A 21 1.08 -3.50 9.53
N ASN A 22 0.73 -4.51 10.32
CA ASN A 22 0.14 -4.28 11.64
C ASN A 22 -1.29 -3.79 11.51
N LEU A 23 -2.09 -4.49 10.71
CA LEU A 23 -3.49 -4.12 10.51
C LEU A 23 -4.37 -4.71 11.60
N SER A 24 -5.56 -4.14 11.77
CA SER A 24 -6.50 -4.63 12.77
C SER A 24 -7.57 -5.52 12.14
N PHE A 25 -7.86 -6.62 12.81
CA PHE A 25 -8.86 -7.56 12.32
C PHE A 25 -10.13 -6.84 11.88
N ASP A 26 -10.58 -5.91 12.71
CA ASP A 26 -11.79 -5.14 12.42
C ASP A 26 -11.67 -4.45 11.05
N SER A 27 -10.46 -4.01 10.73
CA SER A 27 -10.22 -3.32 9.46
C SER A 27 -10.92 -4.05 8.31
N GLU A 28 -11.28 -3.30 7.27
CA GLU A 28 -11.95 -3.88 6.11
C GLU A 28 -11.42 -3.28 4.82
N GLU A 29 -11.23 -4.13 3.82
CA GLU A 29 -10.70 -3.69 2.53
C GLU A 29 -11.30 -2.34 2.14
N GLU A 30 -12.55 -2.11 2.49
CA GLU A 30 -13.23 -0.86 2.19
C GLU A 30 -12.65 0.28 3.01
N ALA A 31 -12.73 0.16 4.34
CA ALA A 31 -12.21 1.19 5.22
C ALA A 31 -10.73 1.44 4.97
N LEU A 32 -9.94 0.37 4.97
CA LEU A 32 -8.50 0.47 4.74
C LEU A 32 -8.21 1.39 3.55
N GLY A 33 -8.84 1.10 2.41
CA GLY A 33 -8.63 1.91 1.23
C GLY A 33 -9.06 3.35 1.43
N GLU A 34 -10.33 3.55 1.76
CA GLU A 34 -10.86 4.89 1.98
C GLU A 34 -9.87 5.76 2.74
N VAL A 35 -8.98 5.11 3.50
CA VAL A 35 -7.98 5.82 4.28
C VAL A 35 -6.83 6.28 3.39
N LEU A 36 -6.27 5.37 2.61
CA LEU A 36 -5.16 5.68 1.72
C LEU A 36 -5.63 6.56 0.56
N GLN A 37 -6.92 6.44 0.21
CA GLN A 37 -7.48 7.22 -0.88
C GLN A 37 -7.25 8.72 -0.65
N GLN A 38 -7.41 9.15 0.59
CA GLN A 38 -7.21 10.56 0.94
C GLN A 38 -6.03 11.15 0.17
N PHE A 39 -4.95 10.38 0.07
CA PHE A 39 -3.76 10.83 -0.63
C PHE A 39 -3.96 10.76 -2.14
N GLY A 40 -4.45 9.61 -2.62
CA GLY A 40 -4.69 9.44 -4.04
C GLY A 40 -5.61 8.28 -4.33
N ASP A 41 -6.30 8.35 -5.48
CA ASP A 41 -7.22 7.30 -5.88
C ASP A 41 -6.52 5.95 -5.90
N LEU A 42 -7.05 5.00 -5.14
CA LEU A 42 -6.48 3.65 -5.07
C LEU A 42 -6.95 2.81 -6.26
N LYS A 43 -5.99 2.26 -6.99
CA LYS A 43 -6.30 1.43 -8.15
C LYS A 43 -6.95 0.11 -7.72
N TYR A 44 -6.40 -0.50 -6.68
CA TYR A 44 -6.93 -1.76 -6.17
C TYR A 44 -6.48 -2.00 -4.74
N VAL A 45 -7.43 -2.30 -3.87
CA VAL A 45 -7.13 -2.56 -2.46
C VAL A 45 -7.55 -3.98 -2.07
N ARG A 46 -6.55 -4.81 -1.79
CA ARG A 46 -6.81 -6.20 -1.39
C ARG A 46 -6.12 -6.52 -0.07
N VAL A 47 -6.82 -7.23 0.80
CA VAL A 47 -6.28 -7.61 2.10
C VAL A 47 -6.20 -9.13 2.24
N VAL A 48 -4.99 -9.64 2.47
CA VAL A 48 -4.79 -11.08 2.63
C VAL A 48 -5.55 -11.61 3.84
N LEU A 49 -6.14 -12.80 3.69
CA LEU A 49 -6.89 -13.42 4.76
C LEU A 49 -6.46 -14.86 4.97
N HIS A 50 -6.58 -15.35 6.21
CA HIS A 50 -6.20 -16.71 6.54
C HIS A 50 -7.05 -17.72 5.76
N PRO A 51 -6.40 -18.80 5.30
CA PRO A 51 -7.07 -19.85 4.53
C PRO A 51 -8.04 -20.66 5.38
N ASP A 52 -7.78 -20.71 6.68
CA ASP A 52 -8.63 -21.45 7.61
C ASP A 52 -9.90 -20.67 7.93
N THR A 53 -9.71 -19.42 8.37
CA THR A 53 -10.84 -18.58 8.72
C THR A 53 -10.63 -17.14 8.22
N GLU A 54 -11.63 -16.29 8.43
CA GLU A 54 -11.55 -14.90 8.01
C GLU A 54 -10.71 -14.08 8.99
N HIS A 55 -9.55 -14.59 9.35
CA HIS A 55 -8.66 -13.91 10.29
C HIS A 55 -7.54 -13.18 9.54
N SER A 56 -7.79 -11.92 9.21
CA SER A 56 -6.81 -11.11 8.50
C SER A 56 -5.41 -11.31 9.08
N LYS A 57 -4.52 -11.92 8.30
CA LYS A 57 -3.16 -12.16 8.75
C LYS A 57 -2.61 -10.96 9.51
N GLY A 58 -2.99 -9.77 9.08
CA GLY A 58 -2.53 -8.56 9.74
C GLY A 58 -1.86 -7.59 8.78
N CYS A 59 -2.01 -7.85 7.49
CA CYS A 59 -1.41 -7.00 6.46
C CYS A 59 -2.28 -6.95 5.21
N ALA A 60 -1.98 -6.01 4.32
CA ALA A 60 -2.75 -5.84 3.09
C ALA A 60 -1.93 -5.12 2.03
N PHE A 61 -2.27 -5.34 0.77
CA PHE A 61 -1.57 -4.71 -0.34
C PHE A 61 -2.51 -3.84 -1.17
N ALA A 62 -2.08 -2.62 -1.47
CA ALA A 62 -2.89 -1.70 -2.25
C ALA A 62 -2.07 -1.06 -3.37
N GLN A 63 -2.75 -0.33 -4.25
CA GLN A 63 -2.07 0.32 -5.37
C GLN A 63 -2.66 1.72 -5.61
N PHE A 64 -1.79 2.66 -5.95
CA PHE A 64 -2.23 4.03 -6.21
C PHE A 64 -2.29 4.32 -7.70
N MET A 65 -2.83 5.48 -8.07
CA MET A 65 -2.95 5.86 -9.47
C MET A 65 -1.70 6.61 -9.93
N THR A 66 -1.02 7.24 -8.99
CA THR A 66 0.20 8.00 -9.31
C THR A 66 1.31 7.66 -8.34
N GLN A 67 2.54 7.53 -8.86
CA GLN A 67 3.69 7.21 -8.03
C GLN A 67 3.76 8.13 -6.81
N GLU A 68 3.64 9.43 -7.04
CA GLU A 68 3.70 10.42 -5.97
C GLU A 68 2.71 10.05 -4.86
N ALA A 69 1.55 9.54 -5.25
CA ALA A 69 0.53 9.15 -4.29
C ALA A 69 1.09 8.18 -3.25
N ALA A 70 1.58 7.03 -3.72
CA ALA A 70 2.14 6.03 -2.83
C ALA A 70 3.13 6.65 -1.85
N GLN A 71 4.01 7.52 -2.37
CA GLN A 71 5.00 8.19 -1.54
C GLN A 71 4.34 9.04 -0.47
N LYS A 72 3.34 9.81 -0.86
CA LYS A 72 2.62 10.68 0.07
C LYS A 72 1.99 9.86 1.18
N CYS A 73 1.61 8.62 0.87
CA CYS A 73 1.00 7.74 1.86
C CYS A 73 2.03 7.25 2.86
N LEU A 74 3.27 7.09 2.40
CA LEU A 74 4.35 6.62 3.26
C LEU A 74 4.69 7.65 4.32
N ALA A 75 5.20 8.80 3.90
CA ALA A 75 5.57 9.87 4.82
C ALA A 75 4.49 10.08 5.87
N ALA A 76 3.25 9.73 5.52
CA ALA A 76 2.13 9.87 6.44
C ALA A 76 2.02 8.66 7.36
N ALA A 77 2.35 7.49 6.84
CA ALA A 77 2.29 6.26 7.62
C ALA A 77 3.45 6.16 8.60
N SER A 78 4.62 6.63 8.16
CA SER A 78 5.81 6.60 9.00
C SER A 78 5.68 7.55 10.18
N LEU A 79 5.78 7.01 11.39
CA LEU A 79 5.66 7.80 12.60
C LEU A 79 6.94 8.59 12.86
N GLU A 80 8.06 8.09 12.32
CA GLU A 80 9.35 8.74 12.50
C GLU A 80 9.57 9.81 11.42
N ALA A 81 8.58 9.97 10.55
CA ALA A 81 8.68 10.95 9.48
C ALA A 81 8.50 12.37 10.02
N GLU A 82 7.26 12.74 10.31
CA GLU A 82 6.96 14.07 10.83
C GLU A 82 5.64 14.07 11.58
N GLY A 83 5.70 14.39 12.87
CA GLY A 83 4.49 14.42 13.68
C GLY A 83 4.07 13.05 14.14
N GLY A 84 4.01 12.10 13.22
CA GLY A 84 3.62 10.75 13.55
C GLY A 84 3.04 10.00 12.36
N GLY A 85 2.63 8.76 12.58
CA GLY A 85 2.08 7.95 11.52
C GLY A 85 0.57 7.82 11.61
N LEU A 86 0.00 6.93 10.81
CA LEU A 86 -1.45 6.71 10.80
C LEU A 86 -1.83 5.60 11.76
N LYS A 87 -3.10 5.57 12.15
CA LYS A 87 -3.61 4.56 13.07
C LYS A 87 -5.05 4.20 12.76
N LEU A 88 -5.35 2.91 12.69
CA LEU A 88 -6.70 2.45 12.40
C LEU A 88 -7.27 1.66 13.58
N ASP A 89 -8.08 2.32 14.39
CA ASP A 89 -8.69 1.67 15.55
C ASP A 89 -7.67 1.49 16.67
N GLY A 90 -6.67 2.35 16.70
CA GLY A 90 -5.64 2.26 17.72
C GLY A 90 -4.52 1.32 17.32
N ARG A 91 -4.31 1.15 16.02
CA ARG A 91 -3.27 0.26 15.52
C ARG A 91 -2.37 1.00 14.53
N GLN A 92 -1.09 1.06 14.85
CA GLN A 92 -0.12 1.74 13.98
C GLN A 92 0.02 1.01 12.65
N LEU A 93 -0.28 1.72 11.56
CA LEU A 93 -0.19 1.14 10.22
C LEU A 93 1.17 1.45 9.60
N LYS A 94 1.79 0.42 9.03
CA LYS A 94 3.09 0.57 8.39
C LYS A 94 2.97 0.41 6.87
N VAL A 95 2.99 1.53 6.17
CA VAL A 95 2.89 1.53 4.71
C VAL A 95 4.26 1.61 4.06
N ASP A 96 4.55 0.67 3.16
CA ASP A 96 5.83 0.65 2.47
C ASP A 96 5.65 0.24 1.01
N LEU A 97 6.43 0.85 0.13
CA LEU A 97 6.36 0.55 -1.30
C LEU A 97 6.71 -0.91 -1.57
N ALA A 98 5.68 -1.73 -1.76
CA ALA A 98 5.87 -3.15 -2.02
C ALA A 98 6.16 -3.40 -3.50
N VAL A 99 6.27 -4.67 -3.87
CA VAL A 99 6.55 -5.04 -5.26
C VAL A 99 5.51 -6.04 -5.77
N THR A 100 4.66 -5.59 -6.68
CA THR A 100 3.63 -6.44 -7.25
C THR A 100 4.19 -7.29 -8.39
N ARG A 101 4.64 -8.49 -8.06
CA ARG A 101 5.19 -9.40 -9.06
C ARG A 101 4.12 -9.85 -10.04
N ASP A 102 4.55 -10.38 -11.18
CA ASP A 102 3.63 -10.86 -12.21
C ASP A 102 3.96 -12.28 -12.62
N GLU A 103 2.91 -13.10 -12.81
CA GLU A 103 3.10 -14.49 -13.21
C GLU A 103 2.66 -14.70 -14.65
N ALA A 104 3.01 -13.76 -15.51
CA ALA A 104 2.66 -13.84 -16.92
C ALA A 104 3.61 -14.77 -17.68
N ALA A 105 3.09 -15.91 -18.11
CA ALA A 105 3.88 -16.88 -18.84
C ALA A 105 5.18 -17.20 -18.09
N SER A 106 5.08 -17.36 -16.78
CA SER A 106 6.24 -17.66 -15.96
C SER A 106 6.58 -19.15 -16.01
N GLY A 107 7.33 -19.55 -17.02
CA GLY A 107 7.71 -20.93 -17.17
C GLY A 107 7.93 -21.33 -18.62
N PRO A 108 8.93 -22.18 -18.86
CA PRO A 108 9.26 -22.66 -20.22
C PRO A 108 8.19 -23.60 -20.77
N SER A 109 8.39 -24.04 -22.01
CA SER A 109 7.45 -24.93 -22.66
C SER A 109 7.99 -26.36 -22.68
N SER A 110 7.54 -27.18 -21.74
CA SER A 110 7.97 -28.57 -21.65
C SER A 110 6.90 -29.44 -21.02
N GLY A 111 6.97 -30.74 -21.27
CA GLY A 111 5.99 -31.66 -20.74
C GLY A 111 4.57 -31.15 -20.88
N GLY A 1 12.67 28.71 2.17
CA GLY A 1 13.43 27.86 1.27
C GLY A 1 12.57 26.81 0.60
N SER A 2 13.20 25.72 0.16
CA SER A 2 12.49 24.65 -0.52
C SER A 2 11.65 23.84 0.47
N SER A 3 10.36 24.15 0.53
CA SER A 3 9.46 23.46 1.44
C SER A 3 8.96 22.16 0.83
N GLY A 4 9.49 21.04 1.31
CA GLY A 4 9.10 19.75 0.80
C GLY A 4 10.10 19.17 -0.17
N SER A 5 9.66 18.91 -1.39
CA SER A 5 10.53 18.35 -2.42
C SER A 5 10.48 19.19 -3.70
N SER A 6 11.44 18.96 -4.59
CA SER A 6 11.50 19.71 -5.84
C SER A 6 12.21 18.88 -6.92
N GLY A 7 11.87 19.15 -8.17
CA GLY A 7 12.49 18.43 -9.28
C GLY A 7 12.06 16.98 -9.33
N LEU A 8 10.94 16.66 -8.67
CA LEU A 8 10.43 15.30 -8.64
C LEU A 8 10.55 14.64 -10.02
N PRO A 9 10.72 13.31 -10.02
CA PRO A 9 10.84 12.54 -11.26
C PRO A 9 9.53 12.47 -12.04
N SER A 10 9.40 13.35 -13.04
CA SER A 10 8.20 13.39 -13.86
C SER A 10 8.12 12.18 -14.77
N ASP A 11 7.20 11.27 -14.47
CA ASP A 11 7.03 10.06 -15.28
C ASP A 11 5.68 9.40 -14.97
N VAL A 12 5.33 8.40 -15.77
CA VAL A 12 4.07 7.69 -15.59
C VAL A 12 4.22 6.21 -15.94
N THR A 13 4.19 5.35 -14.93
CA THR A 13 4.32 3.91 -15.13
C THR A 13 3.60 3.14 -14.04
N GLU A 14 3.40 1.85 -14.27
CA GLU A 14 2.72 0.99 -13.30
C GLU A 14 3.68 0.53 -12.22
N GLY A 15 4.32 1.49 -11.56
CA GLY A 15 5.26 1.16 -10.50
C GLY A 15 4.88 1.79 -9.17
N LYS A 16 3.63 1.60 -8.78
CA LYS A 16 3.13 2.16 -7.53
C LYS A 16 2.48 1.07 -6.68
N THR A 17 3.05 0.85 -5.49
CA THR A 17 2.51 -0.17 -4.58
C THR A 17 2.54 0.33 -3.14
N VAL A 18 1.75 -0.31 -2.28
CA VAL A 18 1.69 0.06 -0.88
C VAL A 18 1.25 -1.12 -0.02
N PHE A 19 2.12 -1.53 0.90
CA PHE A 19 1.82 -2.66 1.79
C PHE A 19 1.67 -2.18 3.24
N ILE A 20 0.51 -2.45 3.82
CA ILE A 20 0.25 -2.05 5.20
C ILE A 20 0.53 -3.19 6.17
N ARG A 21 1.14 -2.87 7.30
CA ARG A 21 1.47 -3.87 8.31
C ARG A 21 0.82 -3.53 9.64
N ASN A 22 0.66 -4.54 10.50
CA ASN A 22 0.05 -4.34 11.80
C ASN A 22 -1.42 -3.97 11.67
N LEU A 23 -2.09 -4.58 10.70
CA LEU A 23 -3.51 -4.31 10.47
C LEU A 23 -4.37 -4.88 11.59
N SER A 24 -5.48 -4.22 11.87
CA SER A 24 -6.39 -4.67 12.92
C SER A 24 -7.48 -5.57 12.35
N PHE A 25 -7.79 -6.64 13.09
CA PHE A 25 -8.82 -7.59 12.67
C PHE A 25 -10.12 -6.87 12.35
N ASP A 26 -10.29 -5.68 12.92
CA ASP A 26 -11.50 -4.89 12.70
C ASP A 26 -11.47 -4.23 11.32
N SER A 27 -10.27 -3.82 10.89
CA SER A 27 -10.11 -3.17 9.60
C SER A 27 -10.79 -3.98 8.49
N GLU A 28 -11.03 -3.33 7.35
CA GLU A 28 -11.67 -3.99 6.23
C GLU A 28 -11.24 -3.36 4.90
N GLU A 29 -11.09 -4.17 3.88
CA GLU A 29 -10.68 -3.70 2.57
C GLU A 29 -11.34 -2.35 2.24
N GLU A 30 -12.61 -2.24 2.61
CA GLU A 30 -13.36 -1.00 2.36
C GLU A 30 -12.75 0.17 3.12
N ALA A 31 -12.66 0.04 4.43
CA ALA A 31 -12.09 1.08 5.27
C ALA A 31 -10.63 1.35 4.91
N LEU A 32 -9.81 0.31 4.98
CA LEU A 32 -8.39 0.41 4.65
C LEU A 32 -8.18 1.34 3.45
N GLY A 33 -8.78 0.98 2.33
CA GLY A 33 -8.66 1.79 1.13
C GLY A 33 -9.10 3.22 1.34
N GLU A 34 -10.28 3.39 1.94
CA GLU A 34 -10.82 4.72 2.20
C GLU A 34 -9.81 5.57 2.96
N VAL A 35 -8.85 4.93 3.60
CA VAL A 35 -7.83 5.63 4.37
C VAL A 35 -6.65 6.02 3.49
N LEU A 36 -6.36 5.19 2.48
CA LEU A 36 -5.26 5.46 1.56
C LEU A 36 -5.73 6.32 0.39
N GLN A 37 -7.04 6.35 0.17
CA GLN A 37 -7.61 7.12 -0.92
C GLN A 37 -7.44 8.62 -0.67
N GLN A 38 -7.39 9.00 0.60
CA GLN A 38 -7.23 10.40 0.97
C GLN A 38 -6.07 11.03 0.22
N PHE A 39 -4.96 10.31 0.14
CA PHE A 39 -3.78 10.81 -0.56
C PHE A 39 -4.02 10.88 -2.07
N GLY A 40 -4.54 9.78 -2.63
CA GLY A 40 -4.80 9.74 -4.06
C GLY A 40 -5.72 8.60 -4.43
N ASP A 41 -6.03 8.49 -5.72
CA ASP A 41 -6.90 7.44 -6.22
C ASP A 41 -6.21 6.07 -6.13
N LEU A 42 -6.89 5.12 -5.50
CA LEU A 42 -6.34 3.77 -5.36
C LEU A 42 -6.74 2.88 -6.53
N LYS A 43 -5.74 2.39 -7.26
CA LYS A 43 -5.98 1.53 -8.41
C LYS A 43 -6.70 0.25 -7.98
N TYR A 44 -6.24 -0.36 -6.91
CA TYR A 44 -6.83 -1.60 -6.41
C TYR A 44 -6.40 -1.86 -4.97
N VAL A 45 -7.36 -2.23 -4.13
CA VAL A 45 -7.08 -2.53 -2.73
C VAL A 45 -7.45 -3.96 -2.37
N ARG A 46 -6.46 -4.78 -2.08
CA ARG A 46 -6.68 -6.18 -1.73
C ARG A 46 -6.05 -6.52 -0.39
N VAL A 47 -6.79 -7.22 0.46
CA VAL A 47 -6.29 -7.60 1.78
C VAL A 47 -6.24 -9.11 1.92
N VAL A 48 -5.07 -9.63 2.29
CA VAL A 48 -4.89 -11.06 2.47
C VAL A 48 -5.71 -11.58 3.65
N LEU A 49 -6.63 -12.49 3.37
CA LEU A 49 -7.47 -13.07 4.42
C LEU A 49 -7.20 -14.56 4.58
N HIS A 50 -7.65 -15.12 5.69
CA HIS A 50 -7.46 -16.55 5.97
C HIS A 50 -8.10 -17.39 4.88
N PRO A 51 -7.42 -18.49 4.50
CA PRO A 51 -7.91 -19.41 3.47
C PRO A 51 -9.13 -20.20 3.92
N ASP A 52 -9.41 -20.14 5.22
CA ASP A 52 -10.56 -20.85 5.78
C ASP A 52 -11.58 -19.88 6.35
N THR A 53 -11.10 -18.87 7.06
CA THR A 53 -11.96 -17.87 7.66
C THR A 53 -11.70 -16.49 7.07
N GLU A 54 -12.42 -15.48 7.57
CA GLU A 54 -12.26 -14.12 7.09
C GLU A 54 -11.57 -13.25 8.14
N HIS A 55 -10.44 -13.72 8.64
CA HIS A 55 -9.68 -12.99 9.65
C HIS A 55 -8.47 -12.30 9.03
N SER A 56 -8.42 -10.98 9.15
CA SER A 56 -7.33 -10.19 8.60
C SER A 56 -5.98 -10.74 9.06
N LYS A 57 -5.30 -11.46 8.17
CA LYS A 57 -4.00 -12.05 8.48
C LYS A 57 -3.17 -11.08 9.33
N GLY A 58 -3.26 -9.79 9.02
CA GLY A 58 -2.52 -8.79 9.76
C GLY A 58 -1.87 -7.76 8.84
N CYS A 59 -2.11 -7.89 7.55
CA CYS A 59 -1.55 -6.97 6.56
C CYS A 59 -2.37 -6.96 5.29
N ALA A 60 -2.14 -5.97 4.44
CA ALA A 60 -2.86 -5.84 3.18
C ALA A 60 -2.00 -5.15 2.12
N PHE A 61 -2.43 -5.26 0.87
CA PHE A 61 -1.70 -4.65 -0.25
C PHE A 61 -2.63 -3.80 -1.11
N ALA A 62 -2.18 -2.60 -1.45
CA ALA A 62 -2.97 -1.71 -2.26
C ALA A 62 -2.12 -1.08 -3.37
N GLN A 63 -2.78 -0.37 -4.28
CA GLN A 63 -2.08 0.28 -5.39
C GLN A 63 -2.65 1.66 -5.67
N PHE A 64 -1.77 2.62 -5.92
CA PHE A 64 -2.18 3.99 -6.20
C PHE A 64 -2.23 4.25 -7.71
N MET A 65 -2.76 5.41 -8.08
CA MET A 65 -2.86 5.79 -9.49
C MET A 65 -1.67 6.64 -9.90
N THR A 66 -1.00 7.24 -8.93
CA THR A 66 0.15 8.08 -9.20
C THR A 66 1.29 7.79 -8.22
N GLN A 67 2.49 7.57 -8.77
CA GLN A 67 3.66 7.27 -7.94
C GLN A 67 3.69 8.18 -6.71
N GLU A 68 3.55 9.49 -6.93
CA GLU A 68 3.56 10.46 -5.85
C GLU A 68 2.61 10.04 -4.73
N ALA A 69 1.44 9.55 -5.12
CA ALA A 69 0.44 9.11 -4.16
C ALA A 69 1.05 8.17 -3.11
N ALA A 70 1.53 7.03 -3.57
CA ALA A 70 2.14 6.04 -2.68
C ALA A 70 3.17 6.69 -1.77
N GLN A 71 3.99 7.57 -2.33
CA GLN A 71 5.02 8.26 -1.56
C GLN A 71 4.40 9.20 -0.54
N LYS A 72 3.28 9.83 -0.91
CA LYS A 72 2.59 10.75 -0.02
C LYS A 72 1.95 10.00 1.14
N CYS A 73 1.68 8.71 0.94
CA CYS A 73 1.07 7.88 1.97
C CYS A 73 2.12 7.38 2.95
N LEU A 74 3.30 7.09 2.44
CA LEU A 74 4.39 6.60 3.27
C LEU A 74 4.87 7.66 4.25
N ALA A 75 5.35 8.78 3.70
CA ALA A 75 5.83 9.88 4.52
C ALA A 75 4.87 10.17 5.68
N ALA A 76 3.59 9.96 5.44
CA ALA A 76 2.57 10.20 6.46
C ALA A 76 2.38 8.96 7.33
N ALA A 77 2.63 7.79 6.76
CA ALA A 77 2.49 6.53 7.48
C ALA A 77 3.70 6.27 8.37
N SER A 78 4.76 7.05 8.17
CA SER A 78 5.98 6.89 8.96
C SER A 78 6.12 8.04 9.96
N LEU A 79 5.80 7.74 11.21
CA LEU A 79 5.88 8.74 12.28
C LEU A 79 7.31 9.25 12.43
N GLU A 80 8.26 8.49 11.90
CA GLU A 80 9.67 8.87 11.97
C GLU A 80 10.02 9.85 10.86
N ALA A 81 9.30 9.76 9.75
CA ALA A 81 9.54 10.64 8.61
C ALA A 81 9.60 12.10 9.05
N GLU A 82 8.43 12.67 9.33
CA GLU A 82 8.35 14.07 9.76
C GLU A 82 7.49 14.20 11.02
N GLY A 83 7.55 13.18 11.88
CA GLY A 83 6.77 13.20 13.10
C GLY A 83 5.28 13.05 12.85
N GLY A 84 4.93 12.15 11.94
CA GLY A 84 3.53 11.91 11.62
C GLY A 84 3.27 10.50 11.14
N GLY A 85 2.42 9.77 11.85
CA GLY A 85 2.10 8.41 11.47
C GLY A 85 0.61 8.13 11.50
N LEU A 86 0.18 7.25 10.61
CA LEU A 86 -1.24 6.90 10.53
C LEU A 86 -1.57 5.74 11.47
N LYS A 87 -2.83 5.66 11.88
CA LYS A 87 -3.28 4.61 12.79
C LYS A 87 -4.73 4.23 12.50
N LEU A 88 -5.06 2.95 12.71
CA LEU A 88 -6.41 2.46 12.49
C LEU A 88 -6.92 1.69 13.69
N ASP A 89 -7.70 2.35 14.53
CA ASP A 89 -8.26 1.73 15.73
C ASP A 89 -7.17 1.49 16.78
N GLY A 90 -6.28 2.46 16.93
CA GLY A 90 -5.21 2.35 17.90
C GLY A 90 -4.08 1.45 17.40
N ARG A 91 -4.09 1.17 16.11
CA ARG A 91 -3.06 0.32 15.51
C ARG A 91 -2.21 1.12 14.51
N GLN A 92 -0.90 1.04 14.69
CA GLN A 92 0.03 1.76 13.80
C GLN A 92 0.07 1.11 12.43
N LEU A 93 -0.42 1.82 11.42
CA LEU A 93 -0.43 1.32 10.06
C LEU A 93 0.90 1.56 9.37
N LYS A 94 1.68 0.49 9.19
CA LYS A 94 2.98 0.58 8.54
C LYS A 94 2.86 0.37 7.04
N VAL A 95 2.92 1.47 6.28
CA VAL A 95 2.81 1.40 4.84
C VAL A 95 4.18 1.50 4.18
N ASP A 96 4.47 0.57 3.27
CA ASP A 96 5.75 0.55 2.57
C ASP A 96 5.57 0.16 1.11
N LEU A 97 6.37 0.75 0.24
CA LEU A 97 6.30 0.46 -1.19
C LEU A 97 6.62 -1.01 -1.46
N ALA A 98 5.57 -1.81 -1.66
CA ALA A 98 5.74 -3.23 -1.93
C ALA A 98 6.03 -3.48 -3.42
N VAL A 99 6.18 -4.74 -3.78
CA VAL A 99 6.45 -5.10 -5.17
C VAL A 99 5.66 -6.34 -5.58
N THR A 100 4.84 -6.20 -6.60
CA THR A 100 4.02 -7.30 -7.09
C THR A 100 4.79 -8.14 -8.12
N ARG A 101 5.11 -7.53 -9.25
CA ARG A 101 5.84 -8.21 -10.32
C ARG A 101 7.13 -8.82 -9.77
N ASP A 102 7.45 -10.03 -10.25
CA ASP A 102 8.65 -10.72 -9.82
C ASP A 102 9.62 -10.92 -10.98
N GLU A 103 10.91 -10.99 -10.67
CA GLU A 103 11.93 -11.18 -11.69
C GLU A 103 12.49 -12.59 -11.65
N ALA A 104 11.61 -13.57 -11.50
CA ALA A 104 12.00 -14.98 -11.45
C ALA A 104 11.93 -15.61 -12.83
N ALA A 105 13.08 -15.73 -13.48
CA ALA A 105 13.15 -16.32 -14.81
C ALA A 105 14.34 -17.28 -14.93
N SER A 106 14.09 -18.45 -15.49
CA SER A 106 15.14 -19.46 -15.65
C SER A 106 16.25 -18.95 -16.57
N GLY A 107 15.85 -18.39 -17.70
CA GLY A 107 16.81 -17.86 -18.65
C GLY A 107 17.09 -18.83 -19.79
N PRO A 108 16.23 -18.80 -20.82
CA PRO A 108 16.37 -19.67 -21.98
C PRO A 108 17.56 -19.30 -22.85
N SER A 109 18.42 -20.28 -23.12
CA SER A 109 19.61 -20.05 -23.94
C SER A 109 19.99 -21.32 -24.71
N SER A 110 19.84 -21.27 -26.02
CA SER A 110 20.16 -22.41 -26.88
C SER A 110 21.63 -22.37 -27.28
N GLY A 111 22.09 -21.20 -27.72
CA GLY A 111 23.48 -21.07 -28.13
C GLY A 111 23.80 -19.66 -28.61
#